data_2ACL
#
_entry.id   2ACL
#
_cell.length_a   60.77
_cell.length_b   81.95
_cell.length_c   111.44
_cell.angle_alpha   88.98
_cell.angle_beta   75.20
_cell.angle_gamma   78.27
#
_symmetry.space_group_name_H-M   'P 1'
#
loop_
_entity.id
_entity.type
_entity.pdbx_description
1 polymer 'Retinoic acid receptor RXR-alpha'
2 polymer 'Oxysterols receptor LXR-alpha'
3 non-polymer 'RETINOIC ACID'
4 non-polymer 1-BENZYL-3-(4-METHOXYPHENYLAMINO)-4-PHENYLPYRROLE-2,5-DIONE
5 water water
#
loop_
_entity_poly.entity_id
_entity_poly.type
_entity_poly.pdbx_seq_one_letter_code
_entity_poly.pdbx_strand_id
1 'polypeptide(L)'
;SANEDMPVERILEAELAVEPKTETYVEANMGLNPSSPNDPVTNICQAADKQLFTLVEWAKRIPHFSELPLDDQVILLRAG
WNELLIASFSHRSIAVKDGILLATGLHVHRNSAHSAGVGAIFDRVLTELVSKMRDMQMDKTELGCLRAIVLFNPDSKGLS
NPAEVEALREKVYASLEAYCKHKYPEQPGRFAKLLLRLPALRSIGLKCLEHLFFFKLIGDTPIDTFLMEMLEAPHQMT
;
A,C,E,G
2 'polypeptide(L)'
;VQLSPEQLGMIEKLVAAQQQCNRRSFSDRLRVTPWPIAPDPQSREARQQRFAHFTELAIVSVQEIVDFAKQLPGFLQLSR
EDQIALLKTSAIEVMLLETSRRYNPGSESITFLKDFSYNREDFAKAGLQVEFINPIFEFSRAMNELQLNDAEFALLIAIS
IFSADRPNVQDQLQVERLQHTYVEALHAYVSINHPHDPLMFPRMLMKLVSLRTLSSVHSEQVFALRLQDKKLPPLLSEIW
DVHE
;
B,D,F,H
#
loop_
_chem_comp.id
_chem_comp.type
_chem_comp.name
_chem_comp.formula
L05 non-polymer 1-BENZYL-3-(4-METHOXYPHENYLAMINO)-4-PHENYLPYRROLE-2,5-DIONE 'C24 H20 N2 O3'
REA non-polymer 'RETINOIC ACID' 'C20 H28 O2'
#
# COMPACT_ATOMS: atom_id res chain seq x y z
N SER A 1 -54.88 23.33 30.34
CA SER A 1 -55.95 22.35 30.03
C SER A 1 -55.55 20.92 30.41
N ALA A 2 -54.24 20.69 30.51
CA ALA A 2 -53.64 19.41 30.91
C ALA A 2 -54.12 18.15 30.21
N ASN A 3 -54.94 17.35 30.90
CA ASN A 3 -55.47 16.11 30.34
C ASN A 3 -55.99 16.35 28.94
N GLU A 4 -56.32 17.60 28.66
CA GLU A 4 -56.85 17.98 27.35
C GLU A 4 -55.80 17.84 26.25
N ASP A 5 -54.52 17.88 26.60
CA ASP A 5 -53.48 17.74 25.60
C ASP A 5 -53.00 16.30 25.43
N MET A 6 -53.23 15.48 26.44
CA MET A 6 -52.88 14.06 26.44
C MET A 6 -54.06 13.34 27.07
N PRO A 7 -55.18 13.29 26.35
CA PRO A 7 -56.35 12.60 26.90
C PRO A 7 -55.96 11.25 27.49
N VAL A 8 -56.04 11.10 28.80
CA VAL A 8 -55.70 9.81 29.36
C VAL A 8 -56.72 8.78 28.95
N GLU A 9 -57.87 9.22 28.46
CA GLU A 9 -58.90 8.28 28.04
C GLU A 9 -58.50 7.67 26.70
N ARG A 10 -57.90 8.48 25.84
CA ARG A 10 -57.45 8.00 24.53
C ARG A 10 -56.37 6.93 24.72
N ILE A 11 -55.45 7.18 25.66
CA ILE A 11 -54.36 6.29 25.98
C ILE A 11 -54.89 4.98 26.54
N LEU A 12 -55.85 5.09 27.45
CA LEU A 12 -56.43 3.91 28.07
C LEU A 12 -56.95 3.00 26.97
N GLU A 13 -57.52 3.61 25.94
CA GLU A 13 -58.06 2.87 24.83
C GLU A 13 -56.97 2.18 24.03
N ALA A 14 -55.88 2.91 23.78
CA ALA A 14 -54.75 2.33 23.06
C ALA A 14 -54.34 1.07 23.83
N GLU A 15 -54.17 1.20 25.14
CA GLU A 15 -53.79 0.05 25.96
C GLU A 15 -54.79 -1.10 25.92
N LEU A 16 -56.06 -0.78 25.72
CA LEU A 16 -57.08 -1.82 25.70
C LEU A 16 -57.28 -2.40 24.31
N ALA A 17 -56.88 -1.64 23.28
CA ALA A 17 -57.02 -2.06 21.91
C ALA A 17 -56.11 -3.22 21.53
N VAL A 18 -54.90 -3.26 22.11
CA VAL A 18 -53.95 -4.31 21.76
C VAL A 18 -53.74 -5.48 22.74
N GLU A 19 -54.82 -6.06 23.26
CA GLU A 19 -54.69 -7.19 24.17
C GLU A 19 -55.31 -8.49 23.61
N ASP A 39 -39.41 -24.66 24.72
CA ASP A 39 -38.83 -24.21 25.98
C ASP A 39 -39.21 -22.77 26.30
N PRO A 40 -39.00 -22.36 27.56
CA PRO A 40 -39.29 -21.02 28.08
C PRO A 40 -38.90 -19.85 27.19
N VAL A 41 -37.61 -19.64 27.01
CA VAL A 41 -37.12 -18.52 26.21
C VAL A 41 -37.76 -18.40 24.84
N THR A 42 -38.09 -19.54 24.22
CA THR A 42 -38.71 -19.49 22.91
C THR A 42 -40.19 -19.13 23.00
N ASN A 43 -40.87 -19.60 24.05
CA ASN A 43 -42.30 -19.27 24.21
C ASN A 43 -42.40 -17.74 24.38
N ILE A 44 -41.58 -17.23 25.28
CA ILE A 44 -41.48 -15.81 25.57
C ILE A 44 -41.10 -15.03 24.30
N CYS A 45 -40.24 -15.63 23.48
CA CYS A 45 -39.78 -15.02 22.22
C CYS A 45 -40.85 -14.91 21.16
N GLN A 46 -41.72 -15.90 21.10
CA GLN A 46 -42.79 -15.87 20.11
C GLN A 46 -43.88 -14.94 20.60
N ALA A 47 -44.08 -14.92 21.90
CA ALA A 47 -45.08 -14.06 22.52
C ALA A 47 -44.76 -12.62 22.12
N ALA A 48 -43.48 -12.27 22.20
CA ALA A 48 -43.04 -10.94 21.81
C ALA A 48 -43.25 -10.79 20.33
N ASP A 49 -42.94 -11.85 19.59
CA ASP A 49 -43.07 -11.83 18.14
C ASP A 49 -44.49 -11.44 17.76
N LYS A 50 -45.46 -12.07 18.43
CA LYS A 50 -46.87 -11.84 18.22
C LYS A 50 -47.25 -10.41 18.55
N GLN A 51 -46.90 -9.97 19.76
CA GLN A 51 -47.23 -8.62 20.20
C GLN A 51 -46.51 -7.50 19.49
N LEU A 52 -45.48 -7.84 18.73
CA LEU A 52 -44.75 -6.82 18.01
C LEU A 52 -45.55 -6.33 16.80
N PHE A 53 -46.59 -7.07 16.42
CA PHE A 53 -47.43 -6.67 15.31
C PHE A 53 -48.43 -5.57 15.71
N THR A 54 -48.68 -5.45 17.01
CA THR A 54 -49.63 -4.48 17.54
C THR A 54 -49.09 -3.08 17.81
N LEU A 55 -47.85 -2.97 18.29
CA LEU A 55 -47.25 -1.68 18.60
C LEU A 55 -47.55 -0.51 17.66
N VAL A 56 -47.74 -0.78 16.38
CA VAL A 56 -48.01 0.27 15.42
C VAL A 56 -49.40 0.82 15.70
N GLU A 57 -50.30 -0.09 16.04
CA GLU A 57 -51.67 0.27 16.36
C GLU A 57 -51.73 1.01 17.68
N TRP A 58 -51.19 0.41 18.72
CA TRP A 58 -51.17 1.01 20.04
C TRP A 58 -50.53 2.40 20.01
N ALA A 59 -49.57 2.59 19.12
CA ALA A 59 -48.88 3.86 19.05
C ALA A 59 -49.66 4.93 18.30
N LYS A 60 -50.39 4.54 17.26
CA LYS A 60 -51.18 5.50 16.49
C LYS A 60 -52.30 6.14 17.31
N ARG A 61 -52.82 5.36 18.24
CA ARG A 61 -53.90 5.82 19.10
C ARG A 61 -53.39 6.80 20.15
N ILE A 62 -52.14 6.64 20.55
CA ILE A 62 -51.54 7.55 21.51
C ILE A 62 -51.63 8.95 20.93
N PRO A 63 -52.09 9.92 21.73
CA PRO A 63 -52.25 11.32 21.32
C PRO A 63 -51.02 11.97 20.71
N HIS A 64 -51.22 12.60 19.55
CA HIS A 64 -50.16 13.31 18.85
C HIS A 64 -49.06 12.46 18.24
N PHE A 65 -49.03 11.16 18.54
CA PHE A 65 -47.97 10.33 17.99
C PHE A 65 -47.94 10.36 16.46
N SER A 66 -49.06 10.02 15.85
CA SER A 66 -49.13 10.02 14.39
C SER A 66 -48.86 11.40 13.81
N GLU A 67 -48.81 12.42 14.65
CA GLU A 67 -48.56 13.79 14.19
C GLU A 67 -47.09 14.11 13.99
N LEU A 68 -46.21 13.23 14.43
CA LEU A 68 -44.78 13.45 14.27
C LEU A 68 -44.34 13.03 12.87
N PRO A 69 -43.12 13.42 12.45
CA PRO A 69 -42.62 13.06 11.13
C PRO A 69 -42.55 11.53 11.00
N LEU A 70 -43.15 11.00 9.93
CA LEU A 70 -43.17 9.56 9.72
C LEU A 70 -41.90 8.86 10.13
N ASP A 71 -40.76 9.49 9.84
CA ASP A 71 -39.49 8.87 10.18
C ASP A 71 -39.18 8.79 11.67
N ASP A 72 -39.62 9.79 12.42
CA ASP A 72 -39.38 9.77 13.85
C ASP A 72 -40.28 8.75 14.53
N GLN A 73 -41.44 8.49 13.93
CA GLN A 73 -42.38 7.53 14.48
C GLN A 73 -41.73 6.17 14.50
N VAL A 74 -41.02 5.87 13.42
CA VAL A 74 -40.32 4.60 13.27
C VAL A 74 -39.19 4.49 14.28
N ILE A 75 -38.42 5.56 14.41
CA ILE A 75 -37.31 5.56 15.35
C ILE A 75 -37.79 5.34 16.76
N LEU A 76 -38.86 6.04 17.13
CA LEU A 76 -39.39 5.90 18.46
C LEU A 76 -39.84 4.48 18.70
N LEU A 77 -40.57 3.92 17.74
CA LEU A 77 -41.04 2.55 17.88
C LEU A 77 -39.90 1.54 17.93
N ARG A 78 -38.88 1.77 17.10
CA ARG A 78 -37.71 0.89 17.04
C ARG A 78 -36.91 0.90 18.34
N ALA A 79 -36.77 2.09 18.91
CA ALA A 79 -36.03 2.27 20.16
C ALA A 79 -36.67 1.65 21.39
N GLY A 80 -37.96 1.85 21.58
CA GLY A 80 -38.60 1.33 22.78
C GLY A 80 -39.46 0.08 22.73
N TRP A 81 -39.54 -0.58 21.59
CA TRP A 81 -40.41 -1.75 21.55
C TRP A 81 -40.19 -2.74 22.68
N ASN A 82 -38.95 -3.03 23.05
CA ASN A 82 -38.77 -4.02 24.11
C ASN A 82 -39.14 -3.57 25.52
N GLU A 83 -38.97 -2.29 25.87
CA GLU A 83 -39.39 -1.86 27.21
C GLU A 83 -40.92 -1.92 27.21
N LEU A 84 -41.52 -1.35 26.15
CA LEU A 84 -42.96 -1.35 25.98
C LEU A 84 -43.60 -2.72 26.12
N LEU A 85 -43.07 -3.70 25.40
CA LEU A 85 -43.61 -5.05 25.47
C LEU A 85 -43.39 -5.67 26.85
N ILE A 86 -42.24 -5.38 27.45
CA ILE A 86 -41.93 -5.92 28.78
C ILE A 86 -42.93 -5.38 29.81
N ALA A 87 -43.14 -4.08 29.81
CA ALA A 87 -44.06 -3.44 30.73
C ALA A 87 -45.44 -4.13 30.63
N SER A 88 -45.92 -4.26 29.40
CA SER A 88 -47.21 -4.87 29.14
C SER A 88 -47.39 -6.25 29.73
N PHE A 89 -46.44 -7.15 29.50
CA PHE A 89 -46.62 -8.51 30.02
C PHE A 89 -46.35 -8.62 31.51
N SER A 90 -45.71 -7.60 32.06
CA SER A 90 -45.41 -7.58 33.49
C SER A 90 -46.71 -7.27 34.21
N HIS A 91 -47.44 -6.29 33.66
CA HIS A 91 -48.71 -5.88 34.25
C HIS A 91 -49.73 -7.01 34.12
N ARG A 92 -49.87 -7.54 32.91
CA ARG A 92 -50.82 -8.63 32.67
C ARG A 92 -50.57 -9.77 33.64
N SER A 93 -49.32 -9.88 34.11
CA SER A 93 -48.94 -10.95 35.03
C SER A 93 -49.33 -10.70 36.48
N ILE A 94 -49.86 -9.51 36.76
CA ILE A 94 -50.30 -9.14 38.10
C ILE A 94 -51.09 -10.29 38.69
N ALA A 95 -51.81 -10.97 37.81
CA ALA A 95 -52.67 -12.10 38.19
C ALA A 95 -51.93 -13.34 38.69
N VAL A 96 -51.04 -13.88 37.87
CA VAL A 96 -50.30 -15.10 38.22
C VAL A 96 -49.36 -14.94 39.42
N LYS A 97 -48.94 -16.09 39.97
CA LYS A 97 -48.04 -16.15 41.13
C LYS A 97 -46.67 -16.72 40.70
N ASP A 98 -45.60 -15.97 40.98
CA ASP A 98 -44.25 -16.42 40.63
C ASP A 98 -44.11 -16.79 39.16
N GLY A 99 -44.87 -16.13 38.30
CA GLY A 99 -44.79 -16.41 36.89
C GLY A 99 -45.20 -15.21 36.08
N ILE A 100 -45.44 -15.40 34.79
CA ILE A 100 -45.87 -14.32 33.91
C ILE A 100 -46.87 -14.92 32.93
N LEU A 101 -47.74 -14.10 32.35
CA LEU A 101 -48.73 -14.58 31.38
C LEU A 101 -48.44 -14.01 30.00
N LEU A 102 -48.01 -14.88 29.09
CA LEU A 102 -47.67 -14.50 27.72
C LEU A 102 -48.86 -14.10 26.87
N ALA A 103 -48.62 -13.35 25.82
CA ALA A 103 -49.67 -12.91 24.92
C ALA A 103 -50.09 -14.07 24.00
N THR A 104 -49.64 -15.28 24.34
CA THR A 104 -49.99 -16.45 23.53
C THR A 104 -50.85 -17.40 24.35
N GLY A 105 -51.02 -17.09 25.63
CA GLY A 105 -51.82 -17.90 26.52
C GLY A 105 -51.03 -18.88 27.36
N LEU A 106 -49.71 -18.72 27.37
CA LEU A 106 -48.83 -19.61 28.12
C LEU A 106 -48.32 -19.05 29.44
N HIS A 107 -48.36 -19.89 30.48
CA HIS A 107 -47.87 -19.53 31.81
C HIS A 107 -46.43 -19.98 31.91
N VAL A 108 -45.50 -19.05 32.10
CA VAL A 108 -44.11 -19.43 32.24
C VAL A 108 -43.79 -19.28 33.72
N HIS A 109 -43.47 -20.39 34.38
CA HIS A 109 -43.15 -20.34 35.80
C HIS A 109 -41.68 -20.04 36.09
N ARG A 110 -41.46 -19.41 37.24
CA ARG A 110 -40.14 -19.01 37.72
C ARG A 110 -39.08 -20.11 37.60
N ASN A 111 -39.42 -21.33 37.99
CA ASN A 111 -38.48 -22.43 37.89
C ASN A 111 -38.11 -22.69 36.44
N SER A 112 -39.13 -22.91 35.61
CA SER A 112 -38.93 -23.17 34.20
C SER A 112 -37.92 -22.18 33.62
N ALA A 113 -37.96 -20.94 34.09
CA ALA A 113 -37.04 -19.91 33.61
C ALA A 113 -35.66 -20.17 34.18
N HIS A 114 -35.60 -20.71 35.39
CA HIS A 114 -34.32 -21.00 36.00
C HIS A 114 -33.65 -22.18 35.29
N SER A 115 -34.43 -23.23 35.01
CA SER A 115 -33.90 -24.39 34.32
C SER A 115 -33.42 -24.02 32.93
N ALA A 116 -33.96 -22.93 32.38
CA ALA A 116 -33.58 -22.46 31.06
C ALA A 116 -32.36 -21.56 31.14
N GLY A 117 -31.94 -21.22 32.36
CA GLY A 117 -30.77 -20.40 32.54
C GLY A 117 -30.97 -18.90 32.50
N VAL A 118 -32.21 -18.45 32.60
CA VAL A 118 -32.50 -17.02 32.59
C VAL A 118 -33.23 -16.65 33.89
N GLY A 119 -32.79 -17.25 34.99
CA GLY A 119 -33.41 -16.99 36.27
C GLY A 119 -33.25 -15.59 36.82
N ALA A 120 -32.02 -15.09 36.81
CA ALA A 120 -31.78 -13.76 37.34
C ALA A 120 -32.69 -12.72 36.72
N ILE A 121 -32.48 -12.44 35.44
CA ILE A 121 -33.28 -11.43 34.77
C ILE A 121 -34.77 -11.71 34.97
N PHE A 122 -35.15 -12.98 35.06
CA PHE A 122 -36.55 -13.33 35.24
C PHE A 122 -37.04 -12.90 36.62
N ASP A 123 -36.24 -13.17 37.65
CA ASP A 123 -36.60 -12.78 39.01
C ASP A 123 -36.66 -11.25 39.15
N ARG A 124 -35.84 -10.55 38.37
CA ARG A 124 -35.84 -9.10 38.40
C ARG A 124 -37.20 -8.57 37.93
N VAL A 125 -37.66 -9.11 36.81
CA VAL A 125 -38.93 -8.70 36.23
C VAL A 125 -40.10 -8.99 37.14
N LEU A 126 -39.97 -9.98 38.02
CA LEU A 126 -41.04 -10.29 38.96
C LEU A 126 -41.07 -9.30 40.11
N THR A 127 -39.92 -9.09 40.73
CA THR A 127 -39.85 -8.18 41.87
C THR A 127 -39.85 -6.69 41.52
N GLU A 128 -39.21 -6.31 40.43
CA GLU A 128 -39.16 -4.91 40.08
C GLU A 128 -40.31 -4.46 39.22
N LEU A 129 -41.07 -5.43 38.72
CA LEU A 129 -42.20 -5.12 37.86
C LEU A 129 -43.52 -5.70 38.34
N VAL A 130 -43.76 -6.98 38.04
CA VAL A 130 -45.00 -7.61 38.45
C VAL A 130 -45.38 -7.23 39.88
N SER A 131 -44.56 -7.65 40.84
CA SER A 131 -44.81 -7.39 42.24
C SER A 131 -45.06 -5.92 42.59
N LYS A 132 -44.17 -5.02 42.20
CA LYS A 132 -44.40 -3.62 42.50
C LYS A 132 -45.75 -3.19 41.96
N MET A 133 -46.07 -3.62 40.75
CA MET A 133 -47.34 -3.26 40.14
C MET A 133 -48.53 -3.81 40.91
N ARG A 134 -48.34 -4.98 41.51
CA ARG A 134 -49.39 -5.64 42.28
C ARG A 134 -49.71 -4.87 43.56
N ASP A 135 -48.68 -4.34 44.22
CA ASP A 135 -48.82 -3.60 45.47
C ASP A 135 -49.63 -2.33 45.33
N MET A 136 -49.00 -1.31 44.78
CA MET A 136 -49.66 -0.03 44.58
C MET A 136 -50.80 -0.16 43.59
N GLN A 137 -51.31 -1.37 43.43
CA GLN A 137 -52.41 -1.64 42.49
C GLN A 137 -52.43 -0.64 41.34
N MET A 138 -51.47 -0.77 40.43
CA MET A 138 -51.34 0.08 39.26
C MET A 138 -52.49 -0.25 38.31
N ASP A 139 -53.21 0.77 37.82
CA ASP A 139 -54.31 0.56 36.89
C ASP A 139 -53.81 0.65 35.45
N LYS A 140 -54.64 0.30 34.48
CA LYS A 140 -54.23 0.33 33.09
C LYS A 140 -54.05 1.70 32.46
N THR A 141 -54.64 2.72 33.05
CA THR A 141 -54.48 4.05 32.45
C THR A 141 -53.06 4.47 32.78
N GLU A 142 -52.66 4.18 34.00
CA GLU A 142 -51.32 4.50 34.47
C GLU A 142 -50.26 3.78 33.62
N LEU A 143 -50.49 2.48 33.39
CA LEU A 143 -49.59 1.66 32.56
C LEU A 143 -49.43 2.29 31.19
N GLY A 144 -50.56 2.66 30.60
CA GLY A 144 -50.54 3.28 29.30
C GLY A 144 -49.76 4.57 29.25
N CYS A 145 -49.67 5.27 30.37
CA CYS A 145 -48.92 6.51 30.40
C CYS A 145 -47.42 6.26 30.52
N LEU A 146 -47.06 5.24 31.29
CA LEU A 146 -45.66 4.90 31.43
C LEU A 146 -45.21 4.45 30.05
N ARG A 147 -46.03 3.61 29.43
CA ARG A 147 -45.73 3.13 28.10
C ARG A 147 -45.55 4.34 27.21
N ALA A 148 -46.45 5.32 27.34
CA ALA A 148 -46.38 6.51 26.48
C ALA A 148 -45.21 7.42 26.78
N ILE A 149 -44.64 7.28 27.97
CA ILE A 149 -43.47 8.08 28.35
C ILE A 149 -42.25 7.37 27.76
N VAL A 150 -42.28 6.05 27.80
CA VAL A 150 -41.22 5.23 27.25
C VAL A 150 -41.19 5.44 25.72
N LEU A 151 -42.37 5.61 25.12
CA LEU A 151 -42.45 5.83 23.68
C LEU A 151 -41.89 7.20 23.28
N PHE A 152 -42.27 8.25 23.99
CA PHE A 152 -41.79 9.59 23.67
C PHE A 152 -40.38 9.88 24.19
N ASN A 153 -39.45 8.96 23.88
CA ASN A 153 -38.04 9.06 24.27
C ASN A 153 -37.27 9.97 23.31
N PRO A 154 -36.90 11.17 23.77
CA PRO A 154 -36.18 12.15 22.96
C PRO A 154 -34.72 11.85 22.65
N ASP A 155 -34.14 10.92 23.38
CA ASP A 155 -32.74 10.59 23.19
C ASP A 155 -32.43 9.59 22.10
N SER A 156 -33.47 8.94 21.60
CA SER A 156 -33.30 7.98 20.53
C SER A 156 -32.59 8.72 19.42
N LYS A 157 -31.51 8.13 18.91
CA LYS A 157 -30.70 8.75 17.86
C LYS A 157 -31.36 8.79 16.48
N GLY A 158 -31.12 9.88 15.77
CA GLY A 158 -31.68 10.03 14.43
C GLY A 158 -32.86 10.98 14.38
N LEU A 159 -33.57 11.11 15.50
CA LEU A 159 -34.74 11.97 15.59
C LEU A 159 -34.58 13.33 14.91
N SER A 160 -35.53 13.66 14.05
CA SER A 160 -35.52 14.92 13.34
C SER A 160 -35.44 16.04 14.37
N ASN A 161 -36.34 15.99 15.35
CA ASN A 161 -36.36 17.00 16.40
C ASN A 161 -36.68 16.41 17.76
N PRO A 162 -35.66 16.21 18.61
CA PRO A 162 -35.95 15.65 19.93
C PRO A 162 -36.99 16.52 20.64
N ALA A 163 -36.86 17.84 20.46
CA ALA A 163 -37.73 18.84 21.05
C ALA A 163 -39.23 18.54 21.06
N GLU A 164 -39.76 18.04 19.95
CA GLU A 164 -41.19 17.73 19.88
C GLU A 164 -41.48 16.45 20.66
N VAL A 165 -40.60 15.46 20.53
CA VAL A 165 -40.79 14.22 21.22
C VAL A 165 -40.77 14.50 22.72
N GLU A 166 -39.88 15.39 23.12
CA GLU A 166 -39.75 15.76 24.53
C GLU A 166 -41.03 16.45 24.99
N ALA A 167 -41.53 17.37 24.17
CA ALA A 167 -42.74 18.12 24.47
C ALA A 167 -43.97 17.24 24.69
N LEU A 168 -44.07 16.18 23.91
CA LEU A 168 -45.20 15.27 24.04
C LEU A 168 -45.03 14.47 25.32
N ARG A 169 -43.79 14.12 25.63
CA ARG A 169 -43.51 13.35 26.82
C ARG A 169 -43.84 14.15 28.06
N GLU A 170 -43.51 15.43 28.03
CA GLU A 170 -43.82 16.30 29.15
C GLU A 170 -45.33 16.38 29.27
N LYS A 171 -45.98 16.48 28.11
CA LYS A 171 -47.43 16.51 28.11
C LYS A 171 -47.99 15.25 28.74
N VAL A 172 -47.28 14.13 28.61
CA VAL A 172 -47.77 12.92 29.24
C VAL A 172 -47.50 13.04 30.73
N TYR A 173 -46.44 13.78 31.08
CA TYR A 173 -46.09 13.99 32.50
C TYR A 173 -47.29 14.63 33.17
N ALA A 174 -47.56 15.87 32.77
CA ALA A 174 -48.67 16.64 33.31
C ALA A 174 -49.89 15.75 33.46
N SER A 175 -50.46 15.37 32.33
CA SER A 175 -51.63 14.52 32.28
C SER A 175 -51.66 13.39 33.27
N LEU A 176 -50.61 12.58 33.27
CA LEU A 176 -50.54 11.44 34.17
C LEU A 176 -50.63 11.90 35.62
N GLU A 177 -49.96 13.00 35.95
CA GLU A 177 -49.98 13.49 37.32
C GLU A 177 -51.38 13.95 37.70
N ALA A 178 -51.95 14.81 36.87
CA ALA A 178 -53.30 15.30 37.11
C ALA A 178 -54.17 14.09 37.44
N TYR A 179 -54.08 13.10 36.57
CA TYR A 179 -54.83 11.88 36.72
C TYR A 179 -54.60 11.26 38.09
N CYS A 180 -53.33 11.16 38.49
CA CYS A 180 -53.02 10.57 39.77
C CYS A 180 -53.64 11.32 40.93
N LYS A 181 -53.49 12.64 40.92
CA LYS A 181 -54.02 13.42 42.01
C LYS A 181 -55.54 13.41 42.05
N HIS A 182 -56.15 12.99 40.96
CA HIS A 182 -57.60 12.93 40.86
C HIS A 182 -58.17 11.57 41.30
N LYS A 183 -57.71 10.50 40.66
CA LYS A 183 -58.18 9.16 40.97
C LYS A 183 -57.68 8.64 42.33
N TYR A 184 -56.50 9.08 42.76
CA TYR A 184 -55.91 8.65 44.03
C TYR A 184 -55.44 9.83 44.89
N PRO A 185 -56.29 10.86 45.08
CA PRO A 185 -55.93 12.03 45.87
C PRO A 185 -55.36 11.77 47.27
N GLU A 186 -55.64 10.59 47.83
CA GLU A 186 -55.13 10.26 49.16
C GLU A 186 -53.74 9.64 49.11
N GLN A 187 -53.16 9.55 47.92
CA GLN A 187 -51.81 9.01 47.73
C GLN A 187 -50.99 10.14 47.11
N PRO A 188 -50.49 11.05 47.95
CA PRO A 188 -49.67 12.22 47.59
C PRO A 188 -48.43 11.94 46.75
N GLY A 189 -47.98 10.70 46.73
CA GLY A 189 -46.80 10.40 45.94
C GLY A 189 -46.98 9.39 44.82
N ARG A 190 -48.24 9.17 44.42
CA ARG A 190 -48.55 8.22 43.35
C ARG A 190 -47.72 8.47 42.08
N PHE A 191 -47.75 9.70 41.61
CA PHE A 191 -47.00 10.08 40.39
C PHE A 191 -45.54 9.67 40.49
N ALA A 192 -44.97 9.81 41.68
CA ALA A 192 -43.57 9.45 41.89
C ALA A 192 -43.35 7.95 41.80
N LYS A 193 -44.13 7.17 42.54
CA LYS A 193 -44.00 5.71 42.54
C LYS A 193 -44.10 5.17 41.11
N LEU A 194 -44.85 5.85 40.26
CA LEU A 194 -44.99 5.36 38.90
C LEU A 194 -43.70 5.61 38.13
N LEU A 195 -43.28 6.86 38.10
CA LEU A 195 -42.05 7.19 37.37
C LEU A 195 -40.84 6.37 37.84
N LEU A 196 -40.75 6.12 39.15
CA LEU A 196 -39.64 5.37 39.70
C LEU A 196 -39.64 3.92 39.24
N ARG A 197 -40.64 3.53 38.47
CA ARG A 197 -40.69 2.18 37.94
C ARG A 197 -39.87 2.15 36.66
N LEU A 198 -39.81 3.29 35.98
CA LEU A 198 -39.07 3.40 34.72
C LEU A 198 -37.56 3.09 34.79
N PRO A 199 -36.88 3.51 35.86
CA PRO A 199 -35.46 3.22 35.93
C PRO A 199 -35.24 1.71 35.97
N ALA A 200 -35.98 1.03 36.84
CA ALA A 200 -35.84 -0.40 36.95
C ALA A 200 -36.19 -1.10 35.64
N LEU A 201 -37.13 -0.54 34.89
CA LEU A 201 -37.57 -1.10 33.62
C LEU A 201 -36.51 -0.89 32.54
N ARG A 202 -35.85 0.26 32.59
CA ARG A 202 -34.79 0.56 31.62
C ARG A 202 -33.61 -0.37 31.80
N SER A 203 -33.26 -0.67 33.05
CA SER A 203 -32.14 -1.58 33.27
C SER A 203 -32.56 -2.96 32.79
N ILE A 204 -33.69 -3.47 33.26
CA ILE A 204 -34.14 -4.78 32.81
C ILE A 204 -34.15 -4.84 31.28
N GLY A 205 -34.40 -3.71 30.65
CA GLY A 205 -34.47 -3.68 29.21
C GLY A 205 -33.14 -3.85 28.52
N LEU A 206 -32.16 -3.05 28.92
CA LEU A 206 -30.82 -3.07 28.35
C LEU A 206 -30.14 -4.42 28.60
N LYS A 207 -30.65 -5.17 29.57
CA LYS A 207 -30.12 -6.47 29.89
C LYS A 207 -30.61 -7.41 28.79
N CYS A 208 -31.92 -7.45 28.60
CA CYS A 208 -32.54 -8.28 27.58
C CYS A 208 -31.94 -8.13 26.18
N LEU A 209 -31.35 -6.97 25.90
CA LEU A 209 -30.76 -6.69 24.59
C LEU A 209 -29.31 -7.11 24.51
N GLU A 210 -28.79 -7.71 25.58
CA GLU A 210 -27.40 -8.14 25.64
C GLU A 210 -27.12 -9.44 24.90
N HIS A 211 -25.90 -9.51 24.35
CA HIS A 211 -25.43 -10.68 23.61
C HIS A 211 -25.34 -11.84 24.60
N LEU A 212 -25.76 -13.03 24.16
CA LEU A 212 -25.74 -14.20 25.04
C LEU A 212 -24.48 -14.24 25.91
N PHE A 213 -23.35 -13.81 25.37
CA PHE A 213 -22.09 -13.80 26.12
C PHE A 213 -22.05 -12.77 27.26
N PHE A 214 -22.41 -11.51 26.97
CA PHE A 214 -22.43 -10.48 28.01
C PHE A 214 -23.60 -10.80 28.93
N PHE A 215 -24.70 -11.26 28.33
CA PHE A 215 -25.89 -11.62 29.06
C PHE A 215 -25.62 -12.75 30.05
N LYS A 216 -25.06 -13.84 29.54
CA LYS A 216 -24.76 -15.00 30.36
C LYS A 216 -23.52 -14.79 31.23
N LEU A 217 -22.35 -14.81 30.60
CA LEU A 217 -21.05 -14.67 31.29
C LEU A 217 -21.17 -14.39 32.78
N ILE A 218 -21.33 -15.48 33.55
CA ILE A 218 -21.45 -15.41 35.00
C ILE A 218 -20.10 -14.99 35.58
N GLY A 219 -20.14 -13.92 36.39
CA GLY A 219 -18.92 -13.41 36.99
C GLY A 219 -18.29 -14.32 38.02
N ASP A 220 -17.26 -13.81 38.69
CA ASP A 220 -16.54 -14.55 39.72
C ASP A 220 -16.85 -13.91 41.08
N THR A 221 -17.78 -14.52 41.81
CA THR A 221 -18.23 -14.07 43.15
C THR A 221 -17.24 -13.10 43.79
N PRO A 222 -17.26 -11.82 43.36
CA PRO A 222 -16.37 -10.78 43.87
C PRO A 222 -16.12 -10.76 45.37
N ILE A 223 -14.98 -10.20 45.74
CA ILE A 223 -14.58 -10.05 47.13
C ILE A 223 -14.52 -8.52 47.24
N ASP A 224 -15.53 -7.92 47.87
CA ASP A 224 -15.62 -6.47 48.01
C ASP A 224 -14.77 -5.91 49.15
N THR A 225 -13.50 -6.30 49.18
CA THR A 225 -12.56 -5.88 50.22
C THR A 225 -12.21 -4.39 50.26
N PHE A 226 -11.74 -3.82 49.15
CA PHE A 226 -11.39 -2.39 49.14
C PHE A 226 -12.53 -1.48 49.60
N LEU A 227 -13.74 -1.79 49.14
CA LEU A 227 -14.88 -0.98 49.55
C LEU A 227 -15.29 -1.36 50.96
N MET A 228 -15.41 -2.67 51.21
CA MET A 228 -15.79 -3.14 52.53
C MET A 228 -14.90 -2.42 53.52
N GLU A 229 -13.68 -2.16 53.09
CA GLU A 229 -12.73 -1.46 53.93
C GLU A 229 -13.25 -0.05 54.07
N MET A 230 -12.91 0.81 53.11
CA MET A 230 -13.33 2.22 53.07
C MET A 230 -14.56 2.63 53.89
N LEU A 231 -15.61 1.82 53.90
CA LEU A 231 -16.78 2.17 54.69
C LEU A 231 -16.39 2.18 56.17
N GLU A 232 -15.49 1.27 56.53
CA GLU A 232 -15.03 1.13 57.90
C GLU A 232 -14.03 2.19 58.34
N ALA A 233 -13.04 2.47 57.50
CA ALA A 233 -12.05 3.48 57.85
C ALA A 233 -12.71 4.84 58.12
N VAL B 1 -47.42 18.15 49.85
CA VAL B 1 -47.32 18.90 51.13
C VAL B 1 -46.17 19.90 51.04
N GLN B 2 -46.09 20.83 51.99
CA GLN B 2 -45.01 21.81 51.97
C GLN B 2 -43.78 21.24 52.67
N LEU B 3 -42.66 21.96 52.58
CA LEU B 3 -41.42 21.51 53.17
C LEU B 3 -41.46 21.48 54.69
N SER B 4 -41.65 20.28 55.22
CA SER B 4 -41.70 20.07 56.66
C SER B 4 -40.37 20.42 57.29
N PRO B 5 -40.37 20.83 58.56
CA PRO B 5 -39.11 21.18 59.23
C PRO B 5 -38.14 20.00 59.16
N GLU B 6 -38.70 18.81 59.37
CA GLU B 6 -37.93 17.57 59.32
C GLU B 6 -37.16 17.50 58.01
N GLN B 7 -37.81 17.89 56.91
CA GLN B 7 -37.19 17.87 55.60
C GLN B 7 -36.09 18.91 55.49
N LEU B 8 -36.48 20.18 55.46
CA LEU B 8 -35.53 21.28 55.38
C LEU B 8 -34.20 21.03 56.10
N GLY B 9 -34.25 20.31 57.21
CA GLY B 9 -33.04 20.01 57.95
C GLY B 9 -32.19 18.99 57.23
N MET B 10 -32.88 17.97 56.71
CA MET B 10 -32.26 16.90 55.96
C MET B 10 -31.48 17.47 54.79
N ILE B 11 -32.17 18.27 53.98
CA ILE B 11 -31.56 18.91 52.83
C ILE B 11 -30.35 19.73 53.25
N GLU B 12 -30.52 20.56 54.27
CA GLU B 12 -29.45 21.39 54.78
C GLU B 12 -28.27 20.52 55.24
N LYS B 13 -28.58 19.41 55.90
CA LYS B 13 -27.55 18.51 56.37
C LYS B 13 -26.82 17.93 55.16
N LEU B 14 -27.60 17.54 54.15
CA LEU B 14 -27.02 16.96 52.95
C LEU B 14 -26.07 17.92 52.25
N VAL B 15 -26.53 19.12 51.95
CA VAL B 15 -25.68 20.09 51.29
C VAL B 15 -24.47 20.36 52.17
N ALA B 16 -24.63 20.10 53.45
CA ALA B 16 -23.55 20.29 54.39
C ALA B 16 -22.50 19.23 54.14
N ALA B 17 -22.96 18.00 53.93
CA ALA B 17 -22.07 16.85 53.71
C ALA B 17 -21.26 16.95 52.42
N GLN B 18 -21.91 17.34 51.32
CA GLN B 18 -21.19 17.48 50.06
C GLN B 18 -19.99 18.38 50.28
N GLN B 19 -20.24 19.59 50.78
CA GLN B 19 -19.19 20.57 51.04
C GLN B 19 -18.07 20.00 51.90
N GLN B 20 -18.43 19.13 52.84
CA GLN B 20 -17.45 18.50 53.72
C GLN B 20 -16.65 17.46 52.96
N CYS B 21 -17.35 16.48 52.39
CA CYS B 21 -16.68 15.44 51.64
C CYS B 21 -15.87 16.05 50.51
N ASN B 22 -16.37 17.13 49.93
CA ASN B 22 -15.65 17.78 48.85
C ASN B 22 -14.52 18.65 49.37
N ARG B 23 -14.36 18.67 50.68
CA ARG B 23 -13.30 19.46 51.29
C ARG B 23 -12.14 18.53 51.64
N ARG B 24 -12.45 17.45 52.35
CA ARG B 24 -11.45 16.47 52.75
C ARG B 24 -10.85 15.80 51.53
N SER B 25 -11.47 16.02 50.37
CA SER B 25 -11.00 15.45 49.12
C SER B 25 -10.16 16.49 48.39
N PHE B 26 -10.43 17.77 48.66
CA PHE B 26 -9.69 18.84 48.02
C PHE B 26 -8.21 18.74 48.35
N SER B 27 -7.90 18.04 49.43
CA SER B 27 -6.51 17.84 49.84
C SER B 27 -5.87 16.88 48.85
N ASP B 28 -6.64 15.88 48.45
CA ASP B 28 -6.20 14.86 47.50
C ASP B 28 -6.32 15.39 46.08
N ARG B 29 -5.17 15.86 45.58
CA ARG B 29 -5.02 16.42 44.26
C ARG B 29 -3.52 16.67 44.31
N LEU B 30 -3.01 16.59 45.54
CA LEU B 30 -1.60 16.74 45.88
C LEU B 30 -1.08 15.31 45.79
N ARG B 31 -1.98 14.43 45.38
CA ARG B 31 -1.68 13.02 45.22
C ARG B 31 -2.36 12.59 43.93
N VAL B 32 -2.19 13.39 42.88
CA VAL B 32 -2.79 13.06 41.59
C VAL B 32 -1.90 13.41 40.42
N THR B 33 -1.44 12.38 39.71
CA THR B 33 -0.59 12.58 38.54
C THR B 33 -1.11 13.77 37.72
N PRO B 34 -0.33 14.86 37.67
CA PRO B 34 -0.75 16.05 36.92
C PRO B 34 -0.99 15.81 35.44
N TRP B 35 -1.94 16.56 34.89
CA TRP B 35 -2.29 16.47 33.48
C TRP B 35 -1.12 16.96 32.65
N PRO B 36 -0.53 16.05 31.84
CA PRO B 36 0.61 16.36 30.97
C PRO B 36 0.29 17.22 29.76
N ILE B 37 1.08 18.29 29.61
CA ILE B 37 0.93 19.23 28.51
C ILE B 37 1.96 18.89 27.43
N ALA B 38 1.77 17.76 26.75
CA ALA B 38 2.69 17.33 25.71
C ALA B 38 2.09 17.50 24.32
N PRO B 39 2.92 17.87 23.33
CA PRO B 39 2.49 18.07 21.95
C PRO B 39 2.13 16.79 21.19
N ASP B 40 2.92 15.73 21.40
CA ASP B 40 2.70 14.45 20.73
C ASP B 40 1.26 13.95 20.90
N PRO B 41 0.43 14.15 19.87
CA PRO B 41 -0.99 13.74 19.88
C PRO B 41 -1.29 12.39 20.52
N GLN B 42 -0.34 11.46 20.45
CA GLN B 42 -0.55 10.14 21.03
C GLN B 42 0.77 9.35 21.21
N SER B 43 1.56 9.75 22.20
CA SER B 43 2.81 9.06 22.48
C SER B 43 2.45 7.74 23.15
N ARG B 44 2.98 7.53 24.34
CA ARG B 44 2.69 6.31 25.09
C ARG B 44 2.92 6.63 26.57
N GLU B 45 3.65 7.72 26.79
CA GLU B 45 3.92 8.17 28.14
C GLU B 45 2.79 9.14 28.43
N ALA B 46 2.45 9.94 27.41
CA ALA B 46 1.38 10.92 27.51
C ALA B 46 0.04 10.18 27.67
N ARG B 47 -0.15 9.14 26.86
CA ARG B 47 -1.38 8.37 26.93
C ARG B 47 -1.53 7.78 28.33
N GLN B 48 -0.43 7.31 28.89
CA GLN B 48 -0.49 6.72 30.22
C GLN B 48 -0.67 7.77 31.30
N GLN B 49 -0.03 8.92 31.14
CA GLN B 49 -0.14 9.99 32.10
C GLN B 49 -1.61 10.41 32.23
N ARG B 50 -2.17 10.84 31.11
CA ARG B 50 -3.56 11.29 31.03
C ARG B 50 -4.52 10.24 31.57
N PHE B 51 -4.27 8.97 31.24
CA PHE B 51 -5.12 7.89 31.72
C PHE B 51 -4.94 7.71 33.23
N ALA B 52 -3.78 8.05 33.74
CA ALA B 52 -3.57 7.92 35.17
C ALA B 52 -4.38 9.03 35.84
N HIS B 53 -4.26 10.23 35.29
CA HIS B 53 -4.96 11.41 35.78
C HIS B 53 -6.45 11.15 35.93
N PHE B 54 -7.09 10.76 34.84
CA PHE B 54 -8.51 10.48 34.89
C PHE B 54 -8.86 9.36 35.87
N THR B 55 -8.16 8.23 35.78
CA THR B 55 -8.44 7.11 36.67
C THR B 55 -8.23 7.45 38.14
N GLU B 56 -7.37 8.42 38.41
CA GLU B 56 -7.11 8.83 39.79
C GLU B 56 -8.23 9.71 40.32
N LEU B 57 -8.67 10.67 39.51
CA LEU B 57 -9.77 11.54 39.88
C LEU B 57 -10.99 10.64 40.12
N ALA B 58 -11.04 9.54 39.38
CA ALA B 58 -12.12 8.57 39.53
C ALA B 58 -12.01 7.95 40.93
N ILE B 59 -10.79 7.84 41.43
CA ILE B 59 -10.54 7.26 42.74
C ILE B 59 -10.99 8.26 43.82
N VAL B 60 -10.49 9.50 43.75
CA VAL B 60 -10.87 10.50 44.75
C VAL B 60 -12.38 10.59 44.78
N SER B 61 -12.97 10.43 43.61
CA SER B 61 -14.41 10.49 43.46
C SER B 61 -15.05 9.37 44.28
N VAL B 62 -14.61 8.13 44.10
CA VAL B 62 -15.22 7.05 44.84
C VAL B 62 -15.24 7.36 46.33
N GLN B 63 -14.14 7.91 46.84
CA GLN B 63 -14.02 8.25 48.27
C GLN B 63 -14.98 9.40 48.63
N GLU B 64 -15.02 10.44 47.81
CA GLU B 64 -15.92 11.54 48.06
C GLU B 64 -17.35 10.98 48.08
N ILE B 65 -17.58 9.91 47.32
CA ILE B 65 -18.90 9.27 47.27
C ILE B 65 -19.18 8.43 48.50
N VAL B 66 -18.16 7.72 48.98
CA VAL B 66 -18.34 6.87 50.15
C VAL B 66 -18.52 7.73 51.39
N ASP B 67 -17.88 8.89 51.43
CA ASP B 67 -18.01 9.80 52.57
C ASP B 67 -19.45 10.28 52.61
N PHE B 68 -19.93 10.80 51.48
CA PHE B 68 -21.29 11.29 51.37
C PHE B 68 -22.26 10.21 51.80
N ALA B 69 -22.09 9.01 51.29
CA ALA B 69 -22.98 7.91 51.66
C ALA B 69 -23.15 7.79 53.17
N LYS B 70 -22.07 7.97 53.92
CA LYS B 70 -22.13 7.86 55.37
C LYS B 70 -22.95 8.99 56.00
N GLN B 71 -23.00 10.12 55.31
CA GLN B 71 -23.72 11.30 55.77
C GLN B 71 -25.24 11.24 55.53
N LEU B 72 -25.69 10.33 54.68
CA LEU B 72 -27.13 10.21 54.40
C LEU B 72 -27.75 9.37 55.50
N PRO B 73 -28.69 9.96 56.27
CA PRO B 73 -29.32 9.19 57.35
C PRO B 73 -29.87 7.86 56.85
N GLY B 74 -29.63 6.79 57.61
CA GLY B 74 -30.12 5.48 57.22
C GLY B 74 -29.13 4.59 56.51
N PHE B 75 -28.21 5.19 55.76
CA PHE B 75 -27.21 4.42 55.01
C PHE B 75 -26.38 3.48 55.88
N LEU B 76 -25.75 4.04 56.91
CA LEU B 76 -24.90 3.26 57.81
C LEU B 76 -25.66 2.27 58.69
N GLN B 77 -26.98 2.19 58.52
CA GLN B 77 -27.78 1.26 59.32
C GLN B 77 -28.11 -0.06 58.60
N LEU B 78 -27.71 -0.18 57.34
CA LEU B 78 -28.00 -1.39 56.56
C LEU B 78 -26.87 -2.41 56.61
N SER B 79 -27.12 -3.62 56.10
CA SER B 79 -26.08 -4.64 56.07
C SER B 79 -24.86 -4.01 55.43
N ARG B 80 -23.67 -4.46 55.81
CA ARG B 80 -22.47 -3.90 55.23
C ARG B 80 -22.50 -4.34 53.76
N GLU B 81 -23.09 -5.50 53.52
CA GLU B 81 -23.19 -6.04 52.17
C GLU B 81 -24.15 -5.21 51.32
N ASP B 82 -25.12 -4.55 51.96
CA ASP B 82 -26.06 -3.73 51.20
C ASP B 82 -25.40 -2.41 50.90
N GLN B 83 -24.67 -1.89 51.87
CA GLN B 83 -23.98 -0.62 51.70
C GLN B 83 -23.02 -0.75 50.54
N ILE B 84 -22.46 -1.95 50.41
CA ILE B 84 -21.52 -2.24 49.34
C ILE B 84 -22.30 -2.26 48.02
N ALA B 85 -23.39 -3.00 48.02
CA ALA B 85 -24.24 -3.13 46.84
C ALA B 85 -24.70 -1.76 46.31
N LEU B 86 -25.21 -0.91 47.18
CA LEU B 86 -25.68 0.40 46.72
C LEU B 86 -24.55 1.28 46.18
N LEU B 87 -23.37 1.19 46.78
CA LEU B 87 -22.25 2.02 46.31
C LEU B 87 -21.60 1.46 45.06
N LYS B 88 -21.40 0.15 45.04
CA LYS B 88 -20.80 -0.55 43.91
C LYS B 88 -21.44 -0.15 42.59
N THR B 89 -22.77 -0.26 42.56
CA THR B 89 -23.56 0.02 41.38
C THR B 89 -23.95 1.47 41.18
N SER B 90 -23.98 2.22 42.27
CA SER B 90 -24.35 3.63 42.20
C SER B 90 -23.21 4.55 41.79
N ALA B 91 -21.99 4.20 42.21
CA ALA B 91 -20.79 4.98 41.93
C ALA B 91 -20.78 5.69 40.58
N ILE B 92 -20.95 4.91 39.52
CA ILE B 92 -20.95 5.44 38.16
C ILE B 92 -21.94 6.58 37.94
N GLU B 93 -23.17 6.40 38.42
CA GLU B 93 -24.21 7.41 38.26
C GLU B 93 -23.85 8.71 39.01
N VAL B 94 -23.39 8.58 40.25
CA VAL B 94 -23.04 9.77 41.01
C VAL B 94 -21.92 10.48 40.29
N MET B 95 -21.03 9.72 39.68
CA MET B 95 -19.92 10.34 38.98
C MET B 95 -20.46 11.16 37.80
N LEU B 96 -21.35 10.56 37.02
CA LEU B 96 -21.92 11.26 35.88
C LEU B 96 -22.68 12.47 36.37
N LEU B 97 -23.37 12.33 37.50
CA LEU B 97 -24.10 13.44 38.07
C LEU B 97 -23.15 14.53 38.48
N GLU B 98 -22.09 14.19 39.20
CA GLU B 98 -21.14 15.20 39.63
C GLU B 98 -20.36 15.78 38.47
N THR B 99 -20.51 15.20 37.29
CA THR B 99 -19.80 15.69 36.14
C THR B 99 -20.61 16.80 35.53
N SER B 100 -21.90 16.52 35.34
CA SER B 100 -22.82 17.48 34.77
C SER B 100 -22.83 18.78 35.58
N ARG B 101 -22.73 18.65 36.89
CA ARG B 101 -22.71 19.83 37.75
C ARG B 101 -21.55 20.75 37.36
N ARG B 102 -20.42 20.14 37.01
CA ARG B 102 -19.23 20.87 36.63
C ARG B 102 -19.16 21.12 35.12
N TYR B 103 -20.27 20.96 34.43
CA TYR B 103 -20.32 21.18 33.00
C TYR B 103 -20.33 22.67 32.70
N ASN B 104 -19.56 23.08 31.70
CA ASN B 104 -19.48 24.49 31.33
C ASN B 104 -20.03 24.80 29.95
N PRO B 105 -21.17 25.51 29.88
CA PRO B 105 -21.74 25.84 28.56
C PRO B 105 -20.79 26.86 27.94
N GLY B 106 -20.82 26.96 26.62
CA GLY B 106 -19.95 27.92 25.96
C GLY B 106 -18.58 27.31 25.81
N SER B 107 -18.04 26.83 26.93
CA SER B 107 -16.73 26.20 26.96
C SER B 107 -16.89 24.77 26.43
N GLU B 108 -18.04 24.19 26.75
CA GLU B 108 -18.35 22.82 26.35
C GLU B 108 -17.29 21.95 26.99
N SER B 109 -17.00 22.24 28.25
CA SER B 109 -15.97 21.51 28.98
C SER B 109 -16.40 21.19 30.40
N ILE B 110 -15.73 20.22 31.00
CA ILE B 110 -16.02 19.80 32.36
C ILE B 110 -14.78 20.06 33.20
N THR B 111 -14.93 20.90 34.23
CA THR B 111 -13.81 21.21 35.11
C THR B 111 -13.86 20.40 36.39
N PHE B 112 -12.96 19.42 36.50
CA PHE B 112 -12.89 18.56 37.66
C PHE B 112 -12.08 19.16 38.81
N LEU B 113 -12.58 18.98 40.02
CA LEU B 113 -11.94 19.48 41.24
C LEU B 113 -11.15 20.80 41.12
N LYS B 114 -11.82 21.89 41.48
CA LYS B 114 -11.26 23.24 41.50
C LYS B 114 -10.58 23.86 40.26
N ASP B 115 -10.28 23.06 39.23
CA ASP B 115 -9.68 23.62 38.01
C ASP B 115 -9.35 22.64 36.89
N PHE B 116 -8.96 23.22 35.74
CA PHE B 116 -8.60 22.48 34.53
C PHE B 116 -9.84 22.00 33.78
N SER B 117 -10.26 22.76 32.77
CA SER B 117 -11.45 22.39 32.02
C SER B 117 -11.17 21.34 30.94
N TYR B 118 -11.76 20.17 31.13
CA TYR B 118 -11.59 19.07 30.19
C TYR B 118 -12.75 19.02 29.20
N ASN B 119 -12.43 18.87 27.92
CA ASN B 119 -13.47 18.78 26.90
C ASN B 119 -13.48 17.39 26.25
N ARG B 120 -14.28 17.21 25.20
CA ARG B 120 -14.39 15.93 24.52
C ARG B 120 -13.04 15.36 24.06
N GLU B 121 -12.20 16.22 23.49
CA GLU B 121 -10.90 15.74 23.02
C GLU B 121 -10.09 15.24 24.20
N ASP B 122 -10.01 16.05 25.26
CA ASP B 122 -9.24 15.65 26.42
C ASP B 122 -9.76 14.30 26.88
N PHE B 123 -11.08 14.20 27.01
CA PHE B 123 -11.67 12.95 27.43
C PHE B 123 -11.10 11.83 26.56
N ALA B 124 -11.06 12.05 25.24
CA ALA B 124 -10.51 11.07 24.31
C ALA B 124 -9.03 10.82 24.65
N LYS B 125 -8.28 11.91 24.71
CA LYS B 125 -6.86 11.81 25.03
C LYS B 125 -6.63 11.02 26.30
N ALA B 126 -7.67 10.72 27.05
CA ALA B 126 -7.49 9.99 28.29
C ALA B 126 -7.87 8.51 28.28
N GLY B 127 -8.26 7.96 27.14
CA GLY B 127 -8.60 6.55 27.11
C GLY B 127 -10.04 6.23 26.82
N LEU B 128 -10.95 7.13 27.20
CA LEU B 128 -12.38 6.92 26.95
C LEU B 128 -12.63 6.86 25.45
N GLN B 129 -13.77 6.29 25.06
CA GLN B 129 -14.12 6.19 23.66
C GLN B 129 -15.27 7.11 23.33
N VAL B 130 -15.34 7.52 22.08
CA VAL B 130 -16.37 8.44 21.62
C VAL B 130 -17.78 7.95 21.96
N GLU B 131 -18.04 6.65 21.86
CA GLU B 131 -19.38 6.15 22.15
C GLU B 131 -19.78 6.28 23.61
N PHE B 132 -18.91 6.87 24.42
CA PHE B 132 -19.23 7.06 25.83
C PHE B 132 -19.09 8.52 26.17
N ILE B 133 -18.16 9.17 25.51
CA ILE B 133 -17.89 10.58 25.73
C ILE B 133 -19.07 11.44 25.29
N ASN B 134 -19.58 11.18 24.09
CA ASN B 134 -20.71 11.94 23.56
C ASN B 134 -21.91 11.86 24.49
N PRO B 135 -22.34 10.63 24.84
CA PRO B 135 -23.49 10.48 25.73
C PRO B 135 -23.25 11.25 27.01
N ILE B 136 -22.00 11.24 27.47
CA ILE B 136 -21.61 11.94 28.70
C ILE B 136 -21.86 13.43 28.57
N PHE B 137 -21.24 14.04 27.57
CA PHE B 137 -21.39 15.47 27.34
C PHE B 137 -22.84 15.85 27.03
N GLU B 138 -23.60 14.91 26.48
CA GLU B 138 -24.99 15.18 26.17
C GLU B 138 -25.78 15.28 27.47
N PHE B 139 -25.62 14.26 28.32
CA PHE B 139 -26.29 14.22 29.60
C PHE B 139 -25.93 15.47 30.36
N SER B 140 -24.76 16.01 30.04
CA SER B 140 -24.28 17.21 30.71
C SER B 140 -25.10 18.39 30.26
N ARG B 141 -24.96 18.75 28.99
CA ARG B 141 -25.72 19.88 28.46
C ARG B 141 -27.14 19.89 29.03
N ALA B 142 -27.77 18.72 29.07
CA ALA B 142 -29.13 18.56 29.55
C ALA B 142 -29.30 18.87 31.03
N MET B 143 -28.53 18.20 31.88
CA MET B 143 -28.64 18.44 33.31
C MET B 143 -28.41 19.93 33.55
N ASN B 144 -27.50 20.50 32.78
CA ASN B 144 -27.19 21.91 32.89
C ASN B 144 -28.40 22.77 32.58
N GLU B 145 -29.18 22.35 31.59
CA GLU B 145 -30.36 23.07 31.18
C GLU B 145 -31.28 23.26 32.38
N LEU B 146 -31.37 22.23 33.21
CA LEU B 146 -32.23 22.26 34.39
C LEU B 146 -31.79 23.28 35.42
N GLN B 147 -30.65 23.90 35.17
CA GLN B 147 -30.11 24.89 36.10
C GLN B 147 -30.35 24.53 37.56
N LEU B 148 -30.10 23.27 37.91
CA LEU B 148 -30.27 22.82 39.29
C LEU B 148 -29.32 23.54 40.24
N ASN B 149 -29.52 23.33 41.54
CA ASN B 149 -28.67 23.94 42.57
C ASN B 149 -28.04 22.89 43.45
N ASP B 150 -27.21 23.35 44.38
CA ASP B 150 -26.51 22.47 45.32
C ASP B 150 -27.42 21.44 45.96
N ALA B 151 -28.49 21.90 46.59
CA ALA B 151 -29.42 20.99 47.25
C ALA B 151 -30.04 20.01 46.26
N GLU B 152 -30.45 20.54 45.12
CA GLU B 152 -31.09 19.74 44.09
C GLU B 152 -30.16 18.61 43.57
N PHE B 153 -28.86 18.86 43.50
CA PHE B 153 -27.94 17.80 43.07
C PHE B 153 -27.79 16.80 44.22
N ALA B 154 -27.75 17.31 45.43
CA ALA B 154 -27.60 16.43 46.58
C ALA B 154 -28.76 15.45 46.53
N LEU B 155 -29.97 15.93 46.81
CA LEU B 155 -31.14 15.08 46.79
C LEU B 155 -31.08 14.03 45.67
N LEU B 156 -30.79 14.46 44.44
CA LEU B 156 -30.71 13.53 43.31
C LEU B 156 -29.69 12.41 43.60
N ILE B 157 -28.47 12.81 43.92
CA ILE B 157 -27.44 11.83 44.24
C ILE B 157 -28.00 10.82 45.22
N ALA B 158 -28.54 11.32 46.33
CA ALA B 158 -29.11 10.47 47.37
C ALA B 158 -30.17 9.52 46.81
N ILE B 159 -31.02 10.03 45.94
CA ILE B 159 -32.04 9.19 45.36
C ILE B 159 -31.35 8.12 44.52
N SER B 160 -30.31 8.51 43.81
CA SER B 160 -29.56 7.57 42.99
C SER B 160 -28.94 6.47 43.87
N ILE B 161 -28.31 6.89 44.95
CA ILE B 161 -27.70 5.94 45.83
C ILE B 161 -28.68 4.97 46.47
N PHE B 162 -29.88 5.44 46.79
CA PHE B 162 -30.86 4.57 47.42
C PHE B 162 -31.82 3.88 46.44
N SER B 163 -31.23 3.16 45.49
CA SER B 163 -31.99 2.43 44.48
C SER B 163 -32.10 0.98 44.92
N ALA B 164 -33.28 0.61 45.39
CA ALA B 164 -33.49 -0.74 45.90
C ALA B 164 -33.32 -1.88 44.90
N ASP B 165 -33.35 -1.58 43.60
CA ASP B 165 -33.22 -2.66 42.61
C ASP B 165 -31.78 -2.95 42.16
N ARG B 166 -30.79 -2.26 42.74
CA ARG B 166 -29.39 -2.53 42.39
C ARG B 166 -29.17 -4.01 42.67
N PRO B 167 -28.33 -4.67 41.88
CA PRO B 167 -28.15 -6.09 42.19
C PRO B 167 -27.59 -6.30 43.60
N ASN B 168 -27.84 -7.50 44.15
CA ASN B 168 -27.37 -7.91 45.46
C ASN B 168 -27.79 -7.10 46.67
N VAL B 169 -28.95 -6.47 46.60
CA VAL B 169 -29.44 -5.70 47.72
C VAL B 169 -30.38 -6.62 48.45
N GLN B 170 -30.25 -6.74 49.76
CA GLN B 170 -31.11 -7.65 50.49
C GLN B 170 -32.35 -6.99 51.08
N ASP B 171 -32.14 -5.99 51.94
CA ASP B 171 -33.27 -5.30 52.58
C ASP B 171 -33.91 -4.28 51.63
N GLN B 172 -34.49 -4.78 50.55
CA GLN B 172 -35.05 -3.90 49.55
C GLN B 172 -36.15 -2.96 50.02
N LEU B 173 -36.97 -3.37 50.99
CA LEU B 173 -38.01 -2.48 51.48
C LEU B 173 -37.44 -1.28 52.22
N GLN B 174 -36.36 -1.48 52.96
CA GLN B 174 -35.74 -0.39 53.71
C GLN B 174 -35.19 0.65 52.73
N VAL B 175 -34.43 0.17 51.75
CA VAL B 175 -33.84 1.05 50.75
C VAL B 175 -34.91 1.84 50.03
N GLU B 176 -36.02 1.17 49.71
CA GLU B 176 -37.15 1.78 49.01
C GLU B 176 -37.71 2.96 49.80
N ARG B 177 -38.31 2.67 50.96
CA ARG B 177 -38.86 3.72 51.81
C ARG B 177 -37.82 4.79 52.09
N LEU B 178 -36.57 4.39 52.26
CA LEU B 178 -35.50 5.34 52.50
C LEU B 178 -35.40 6.31 51.33
N GLN B 179 -35.55 5.80 50.11
CA GLN B 179 -35.48 6.66 48.91
C GLN B 179 -36.68 7.61 48.88
N HIS B 180 -37.85 7.07 49.18
CA HIS B 180 -39.07 7.84 49.19
C HIS B 180 -38.86 9.16 49.95
N THR B 181 -38.16 9.08 51.08
CA THR B 181 -37.90 10.27 51.89
C THR B 181 -37.25 11.42 51.11
N TYR B 182 -36.32 11.11 50.23
CA TYR B 182 -35.67 12.18 49.47
C TYR B 182 -36.48 12.56 48.24
N VAL B 183 -37.24 11.61 47.71
CA VAL B 183 -38.07 11.91 46.55
C VAL B 183 -39.07 12.94 47.02
N GLU B 184 -39.77 12.57 48.08
CA GLU B 184 -40.77 13.41 48.70
C GLU B 184 -40.17 14.78 49.03
N ALA B 185 -38.98 14.77 49.64
CA ALA B 185 -38.31 16.03 49.96
C ALA B 185 -38.03 16.83 48.69
N LEU B 186 -37.44 16.17 47.70
CA LEU B 186 -37.12 16.81 46.44
C LEU B 186 -38.37 17.40 45.80
N HIS B 187 -39.50 16.71 45.96
CA HIS B 187 -40.76 17.17 45.39
C HIS B 187 -41.15 18.51 46.03
N ALA B 188 -41.24 18.51 47.35
CA ALA B 188 -41.57 19.71 48.10
C ALA B 188 -40.62 20.85 47.73
N TYR B 189 -39.33 20.63 47.97
CA TYR B 189 -38.31 21.63 47.66
C TYR B 189 -38.47 22.17 46.25
N VAL B 190 -38.69 21.27 45.30
CA VAL B 190 -38.85 21.68 43.91
C VAL B 190 -40.07 22.58 43.71
N SER B 191 -41.22 22.11 44.18
CA SER B 191 -42.43 22.91 44.05
C SER B 191 -42.14 24.33 44.51
N ILE B 192 -41.77 24.47 45.79
CA ILE B 192 -41.45 25.78 46.37
C ILE B 192 -40.35 26.51 45.58
N ASN B 193 -39.12 26.01 45.71
CA ASN B 193 -37.96 26.59 45.06
C ASN B 193 -38.19 26.86 43.56
N HIS B 194 -38.97 26.02 42.91
CA HIS B 194 -39.26 26.19 41.48
C HIS B 194 -40.76 26.25 41.21
N PRO B 195 -41.42 27.34 41.60
CA PRO B 195 -42.85 27.43 41.34
C PRO B 195 -43.01 27.80 39.87
N HIS B 196 -44.23 27.72 39.38
CA HIS B 196 -44.49 28.03 37.99
C HIS B 196 -43.77 27.05 37.05
N ASP B 197 -43.13 26.03 37.62
CA ASP B 197 -42.46 25.03 36.81
C ASP B 197 -42.61 23.66 37.45
N PRO B 198 -43.83 23.11 37.40
CA PRO B 198 -44.25 21.82 37.93
C PRO B 198 -43.57 20.60 37.30
N LEU B 199 -42.99 20.79 36.14
CA LEU B 199 -42.32 19.70 35.45
C LEU B 199 -40.90 19.43 35.97
N MET B 200 -40.30 20.42 36.62
CA MET B 200 -38.95 20.27 37.15
C MET B 200 -38.83 18.91 37.83
N PHE B 201 -39.80 18.58 38.67
CA PHE B 201 -39.79 17.32 39.41
C PHE B 201 -39.74 16.12 38.45
N PRO B 202 -40.73 15.96 37.56
CA PRO B 202 -40.69 14.82 36.64
C PRO B 202 -39.39 14.78 35.83
N ARG B 203 -39.01 15.92 35.27
CA ARG B 203 -37.80 16.03 34.48
C ARG B 203 -36.62 15.49 35.28
N MET B 204 -36.63 15.77 36.57
CA MET B 204 -35.55 15.34 37.46
C MET B 204 -35.56 13.81 37.58
N LEU B 205 -36.63 13.24 38.13
CA LEU B 205 -36.72 11.80 38.30
C LEU B 205 -36.47 11.00 37.05
N MET B 206 -36.49 11.68 35.91
CA MET B 206 -36.25 11.00 34.65
C MET B 206 -34.76 10.80 34.39
N LYS B 207 -33.96 11.76 34.83
CA LYS B 207 -32.54 11.66 34.66
C LYS B 207 -32.10 10.36 35.31
N LEU B 208 -32.82 9.94 36.35
CA LEU B 208 -32.49 8.70 37.03
C LEU B 208 -32.55 7.56 36.01
N VAL B 209 -33.40 7.74 35.01
CA VAL B 209 -33.57 6.74 33.96
C VAL B 209 -32.42 6.83 32.98
N SER B 210 -32.02 8.05 32.65
CA SER B 210 -30.91 8.24 31.73
C SER B 210 -29.62 7.65 32.30
N LEU B 211 -29.51 7.65 33.62
CA LEU B 211 -28.33 7.11 34.29
C LEU B 211 -28.17 5.61 34.03
N ARG B 212 -29.28 4.88 34.04
CA ARG B 212 -29.24 3.43 33.80
C ARG B 212 -28.66 3.11 32.43
N THR B 213 -28.94 3.96 31.45
CA THR B 213 -28.41 3.75 30.12
C THR B 213 -26.92 4.11 30.10
N LEU B 214 -26.59 5.26 30.66
CA LEU B 214 -25.21 5.68 30.71
C LEU B 214 -24.40 4.63 31.46
N SER B 215 -25.05 3.94 32.39
CA SER B 215 -24.38 2.91 33.17
C SER B 215 -23.93 1.73 32.29
N SER B 216 -24.85 1.22 31.48
CA SER B 216 -24.53 0.10 30.61
C SER B 216 -23.58 0.45 29.47
N VAL B 217 -23.52 1.73 29.10
CA VAL B 217 -22.62 2.16 28.05
C VAL B 217 -21.22 2.16 28.67
N HIS B 218 -21.14 2.71 29.88
CA HIS B 218 -19.89 2.78 30.59
C HIS B 218 -19.35 1.37 30.80
N SER B 219 -20.23 0.43 31.15
CA SER B 219 -19.76 -0.93 31.37
C SER B 219 -19.37 -1.53 30.02
N GLU B 220 -19.81 -0.92 28.93
CA GLU B 220 -19.43 -1.37 27.59
C GLU B 220 -18.02 -0.86 27.37
N GLN B 221 -17.68 0.20 28.09
CA GLN B 221 -16.38 0.86 28.00
C GLN B 221 -15.34 0.23 28.92
N VAL B 222 -15.79 -0.56 29.89
CA VAL B 222 -14.86 -1.20 30.78
C VAL B 222 -14.36 -2.44 30.07
N PHE B 223 -15.27 -3.15 29.42
CA PHE B 223 -14.89 -4.34 28.67
C PHE B 223 -13.91 -3.94 27.58
N ALA B 224 -14.26 -2.89 26.84
CA ALA B 224 -13.41 -2.37 25.77
C ALA B 224 -11.94 -2.30 26.19
N LEU B 225 -11.69 -2.26 27.49
CA LEU B 225 -10.33 -2.18 27.99
C LEU B 225 -9.60 -3.51 27.82
N ARG B 226 -10.33 -4.59 27.99
CA ARG B 226 -9.78 -5.93 27.86
C ARG B 226 -9.15 -6.15 26.51
N LEU B 227 -9.14 -5.11 25.69
CA LEU B 227 -8.55 -5.20 24.37
C LEU B 227 -7.71 -3.97 24.13
N GLN B 228 -7.20 -3.38 25.21
CA GLN B 228 -6.40 -2.17 25.07
C GLN B 228 -5.13 -2.27 25.86
N ASP B 229 -5.07 -3.24 26.76
CA ASP B 229 -3.87 -3.40 27.57
C ASP B 229 -3.56 -2.22 28.49
N LYS B 230 -4.60 -1.51 28.93
CA LYS B 230 -4.47 -0.41 29.88
C LYS B 230 -5.20 -1.01 31.08
N LYS B 231 -4.66 -0.85 32.27
CA LYS B 231 -5.29 -1.44 33.43
C LYS B 231 -5.99 -0.42 34.34
N LEU B 232 -7.05 -0.84 35.00
CA LEU B 232 -7.72 0.05 35.95
C LEU B 232 -7.03 -0.20 37.28
N PRO B 233 -6.83 0.86 38.09
CA PRO B 233 -6.17 0.64 39.37
C PRO B 233 -7.09 -0.11 40.32
N PRO B 234 -6.52 -1.01 41.12
CA PRO B 234 -7.21 -1.86 42.09
C PRO B 234 -8.63 -1.47 42.53
N LEU B 235 -8.80 -0.24 43.00
CA LEU B 235 -10.12 0.22 43.44
C LEU B 235 -11.16 0.18 42.33
N LEU B 236 -10.90 0.89 41.24
CA LEU B 236 -11.84 0.93 40.15
C LEU B 236 -12.09 -0.49 39.65
N SER B 237 -11.02 -1.27 39.51
CA SER B 237 -11.15 -2.65 39.03
C SER B 237 -12.09 -3.48 39.91
N GLU B 238 -12.11 -3.19 41.21
CA GLU B 238 -12.96 -3.94 42.13
C GLU B 238 -14.43 -3.57 42.05
N ILE B 239 -14.71 -2.27 41.92
CA ILE B 239 -16.08 -1.83 41.86
C ILE B 239 -16.71 -2.03 40.49
N TRP B 240 -15.89 -2.25 39.47
CA TRP B 240 -16.44 -2.45 38.14
C TRP B 240 -16.20 -3.88 37.64
N ASP B 241 -15.01 -4.19 37.14
CA ASP B 241 -14.69 -5.53 36.63
C ASP B 241 -15.53 -6.64 37.28
N VAL B 242 -15.84 -6.48 38.57
CA VAL B 242 -16.66 -7.46 39.30
C VAL B 242 -17.94 -6.89 39.94
N SER C 1 -8.47 -12.92 -36.27
CA SER C 1 -8.19 -13.69 -35.02
C SER C 1 -6.77 -13.41 -34.56
N ALA C 2 -5.85 -13.31 -35.53
CA ALA C 2 -4.44 -13.02 -35.24
C ALA C 2 -4.35 -11.53 -35.02
N ASN C 3 -4.60 -10.78 -36.09
CA ASN C 3 -4.58 -9.32 -36.06
C ASN C 3 -5.59 -8.80 -35.06
N GLU C 4 -6.68 -9.54 -34.86
CA GLU C 4 -7.69 -9.11 -33.91
C GLU C 4 -7.06 -9.04 -32.51
N ASP C 5 -5.89 -9.63 -32.35
CA ASP C 5 -5.21 -9.64 -31.06
C ASP C 5 -4.13 -8.55 -30.92
N MET C 6 -3.85 -7.89 -32.03
CA MET C 6 -2.89 -6.80 -32.11
C MET C 6 -3.19 -6.17 -33.47
N PRO C 7 -4.36 -5.51 -33.57
CA PRO C 7 -4.85 -4.85 -34.79
C PRO C 7 -3.97 -3.76 -35.40
N VAL C 8 -3.48 -4.03 -36.62
CA VAL C 8 -2.65 -3.05 -37.30
C VAL C 8 -3.28 -1.65 -37.36
N GLU C 9 -4.61 -1.58 -37.45
CA GLU C 9 -5.32 -0.31 -37.51
C GLU C 9 -4.93 0.60 -36.36
N ARG C 10 -5.05 0.09 -35.14
CA ARG C 10 -4.68 0.89 -33.97
C ARG C 10 -3.20 1.27 -34.09
N ILE C 11 -2.38 0.34 -34.57
CA ILE C 11 -0.96 0.61 -34.76
C ILE C 11 -0.74 1.66 -35.84
N LEU C 12 -1.48 1.58 -36.95
CA LEU C 12 -1.31 2.59 -38.00
C LEU C 12 -1.78 3.93 -37.47
N GLU C 13 -2.90 3.91 -36.73
CA GLU C 13 -3.49 5.12 -36.12
C GLU C 13 -2.51 5.77 -35.16
N ALA C 14 -1.72 4.93 -34.47
CA ALA C 14 -0.72 5.40 -33.52
C ALA C 14 0.39 6.09 -34.31
N GLU C 15 0.88 5.44 -35.36
CA GLU C 15 1.93 6.05 -36.14
C GLU C 15 1.49 7.39 -36.70
N LEU C 16 0.27 7.46 -37.21
CA LEU C 16 -0.26 8.70 -37.76
C LEU C 16 -0.51 9.74 -36.67
N ALA C 17 -0.93 9.28 -35.49
CA ALA C 17 -1.21 10.19 -34.39
C ALA C 17 -0.04 11.09 -34.01
N VAL C 18 1.17 10.76 -34.44
CA VAL C 18 2.29 11.59 -34.01
C VAL C 18 3.27 12.15 -35.03
N GLU C 19 2.82 12.43 -36.25
CA GLU C 19 3.71 13.00 -37.25
C GLU C 19 4.08 14.45 -36.90
N ASP C 39 24.57 23.80 -35.22
CA ASP C 39 25.13 22.70 -35.98
C ASP C 39 24.14 21.55 -36.11
N PRO C 40 24.35 20.66 -37.09
CA PRO C 40 23.47 19.51 -37.32
C PRO C 40 23.22 18.66 -36.06
N VAL C 41 24.25 18.44 -35.25
CA VAL C 41 24.07 17.62 -34.04
C VAL C 41 23.04 18.28 -33.13
N THR C 42 22.95 19.59 -33.21
CA THR C 42 21.96 20.31 -32.41
C THR C 42 20.59 20.12 -33.07
N ASN C 43 20.50 20.41 -34.37
CA ASN C 43 19.24 20.26 -35.09
C ASN C 43 18.65 18.85 -35.00
N ILE C 44 19.49 17.86 -34.73
CA ILE C 44 19.02 16.49 -34.65
C ILE C 44 18.56 16.23 -33.22
N CYS C 45 19.34 16.75 -32.27
CA CYS C 45 19.06 16.61 -30.85
C CYS C 45 17.80 17.42 -30.51
N GLN C 46 17.65 18.57 -31.14
CA GLN C 46 16.49 19.39 -30.91
C GLN C 46 15.30 18.62 -31.45
N ALA C 47 15.45 18.04 -32.63
CA ALA C 47 14.37 17.25 -33.20
C ALA C 47 14.02 16.12 -32.24
N ALA C 48 15.00 15.35 -31.83
CA ALA C 48 14.75 14.25 -30.91
C ALA C 48 13.96 14.78 -29.71
N ASP C 49 14.41 15.91 -29.18
CA ASP C 49 13.75 16.52 -28.05
C ASP C 49 12.25 16.68 -28.31
N LYS C 50 11.93 17.26 -29.46
CA LYS C 50 10.55 17.49 -29.89
C LYS C 50 9.68 16.23 -29.90
N GLN C 51 10.20 15.11 -30.40
CA GLN C 51 9.42 13.88 -30.45
C GLN C 51 9.36 13.10 -29.16
N LEU C 52 10.24 13.42 -28.21
CA LEU C 52 10.23 12.73 -26.92
C LEU C 52 8.96 13.10 -26.18
N PHE C 53 8.44 14.28 -26.45
CA PHE C 53 7.22 14.73 -25.80
C PHE C 53 6.06 13.82 -26.14
N THR C 54 5.80 13.66 -27.43
CA THR C 54 4.70 12.84 -27.89
C THR C 54 4.94 11.32 -27.83
N LEU C 55 6.17 10.91 -27.59
CA LEU C 55 6.49 9.48 -27.53
C LEU C 55 5.57 8.66 -26.65
N VAL C 56 5.10 9.26 -25.56
CA VAL C 56 4.23 8.56 -24.62
C VAL C 56 2.81 8.45 -25.16
N GLU C 57 2.37 9.48 -25.88
CA GLU C 57 1.04 9.48 -26.44
C GLU C 57 0.94 8.40 -27.52
N TRP C 58 2.09 8.05 -28.10
CA TRP C 58 2.19 7.03 -29.14
C TRP C 58 2.09 5.65 -28.49
N ALA C 59 2.98 5.39 -27.55
CA ALA C 59 2.98 4.11 -26.87
C ALA C 59 1.60 3.84 -26.27
N LYS C 60 0.93 4.89 -25.83
CA LYS C 60 -0.37 4.73 -25.21
C LYS C 60 -1.46 4.17 -26.14
N ARG C 61 -1.24 4.23 -27.45
CA ARG C 61 -2.22 3.73 -28.42
C ARG C 61 -1.93 2.33 -28.95
N ILE C 62 -0.75 1.79 -28.63
CA ILE C 62 -0.38 0.46 -29.10
C ILE C 62 -1.13 -0.53 -28.24
N PRO C 63 -1.89 -1.44 -28.86
CA PRO C 63 -2.64 -2.42 -28.11
C PRO C 63 -1.91 -3.01 -26.91
N HIS C 64 -2.58 -3.03 -25.77
CA HIS C 64 -2.06 -3.61 -24.53
C HIS C 64 -0.87 -2.98 -23.82
N PHE C 65 -0.29 -1.94 -24.38
CA PHE C 65 0.85 -1.34 -23.70
C PHE C 65 0.39 -0.82 -22.34
N SER C 66 -0.67 -0.03 -22.36
CA SER C 66 -1.26 0.57 -21.16
C SER C 66 -1.69 -0.44 -20.10
N GLU C 67 -1.81 -1.70 -20.51
CA GLU C 67 -2.20 -2.77 -19.61
C GLU C 67 -1.01 -3.25 -18.83
N LEU C 68 0.19 -3.01 -19.33
CA LEU C 68 1.38 -3.45 -18.61
C LEU C 68 1.55 -2.57 -17.38
N PRO C 69 2.29 -3.07 -16.38
CA PRO C 69 2.51 -2.26 -15.17
C PRO C 69 3.19 -0.95 -15.53
N LEU C 70 2.81 0.12 -14.85
CA LEU C 70 3.38 1.44 -15.12
C LEU C 70 4.89 1.43 -15.07
N ASP C 71 5.44 0.69 -14.12
CA ASP C 71 6.88 0.59 -13.95
C ASP C 71 7.50 0.00 -15.23
N ASP C 72 6.82 -1.00 -15.79
CA ASP C 72 7.30 -1.66 -17.00
C ASP C 72 7.20 -0.77 -18.23
N GLN C 73 6.13 0.04 -18.30
CA GLN C 73 5.95 0.95 -19.42
C GLN C 73 7.14 1.92 -19.50
N VAL C 74 7.50 2.50 -18.35
CA VAL C 74 8.63 3.43 -18.29
C VAL C 74 9.94 2.75 -18.70
N ILE C 75 10.14 1.51 -18.25
CA ILE C 75 11.35 0.80 -18.61
C ILE C 75 11.44 0.58 -20.12
N LEU C 76 10.37 0.04 -20.69
CA LEU C 76 10.31 -0.22 -22.12
C LEU C 76 10.52 1.03 -22.98
N LEU C 77 9.93 2.14 -22.54
CA LEU C 77 10.10 3.39 -23.27
C LEU C 77 11.51 3.87 -23.10
N ARG C 78 11.97 3.96 -21.85
CA ARG C 78 13.30 4.47 -21.60
C ARG C 78 14.34 3.61 -22.28
N ALA C 79 14.09 2.32 -22.34
CA ALA C 79 15.04 1.42 -22.97
C ALA C 79 15.05 1.58 -24.47
N GLY C 80 13.89 1.84 -25.07
CA GLY C 80 13.86 1.94 -26.52
C GLY C 80 13.57 3.24 -27.26
N TRP C 81 13.56 4.38 -26.60
CA TRP C 81 13.23 5.61 -27.31
C TRP C 81 14.18 6.01 -28.43
N ASN C 82 15.47 5.79 -28.25
CA ASN C 82 16.42 6.15 -29.29
C ASN C 82 16.16 5.35 -30.57
N GLU C 83 15.94 4.04 -30.48
CA GLU C 83 15.68 3.26 -31.69
C GLU C 83 14.35 3.72 -32.32
N LEU C 84 13.29 3.80 -31.52
CA LEU C 84 11.96 4.22 -31.96
C LEU C 84 11.99 5.54 -32.70
N LEU C 85 12.63 6.52 -32.11
CA LEU C 85 12.73 7.83 -32.73
C LEU C 85 13.51 7.79 -34.03
N ILE C 86 14.56 6.97 -34.08
CA ILE C 86 15.39 6.87 -35.28
C ILE C 86 14.61 6.24 -36.44
N ALA C 87 13.99 5.09 -36.18
CA ALA C 87 13.21 4.38 -37.20
C ALA C 87 12.19 5.31 -37.85
N SER C 88 11.63 6.21 -37.05
CA SER C 88 10.63 7.15 -37.57
C SER C 88 11.19 8.23 -38.47
N PHE C 89 12.27 8.89 -38.05
CA PHE C 89 12.80 9.93 -38.91
C PHE C 89 13.39 9.33 -40.18
N SER C 90 13.72 8.04 -40.13
CA SER C 90 14.28 7.38 -41.29
C SER C 90 13.23 7.24 -42.39
N HIS C 91 12.15 6.55 -42.04
CA HIS C 91 11.07 6.33 -42.98
C HIS C 91 10.54 7.63 -43.58
N ARG C 92 10.46 8.66 -42.75
CA ARG C 92 9.98 9.95 -43.20
C ARG C 92 10.99 10.61 -44.13
N SER C 93 12.19 10.03 -44.18
CA SER C 93 13.24 10.58 -45.04
C SER C 93 13.36 9.90 -46.39
N ILE C 94 12.59 8.85 -46.61
CA ILE C 94 12.62 8.17 -47.88
C ILE C 94 12.69 9.22 -48.97
N ALA C 95 11.82 10.20 -48.85
CA ALA C 95 11.73 11.31 -49.80
C ALA C 95 13.02 12.06 -50.08
N VAL C 96 13.63 12.61 -49.04
CA VAL C 96 14.87 13.37 -49.20
C VAL C 96 15.97 12.56 -49.87
N LYS C 97 16.92 13.27 -50.48
CA LYS C 97 18.03 12.62 -51.15
C LYS C 97 19.35 12.93 -50.46
N ASP C 98 20.08 11.88 -50.11
CA ASP C 98 21.35 12.01 -49.43
C ASP C 98 21.23 12.85 -48.18
N GLY C 99 20.19 12.58 -47.40
CA GLY C 99 19.95 13.32 -46.17
C GLY C 99 18.74 12.80 -45.43
N ILE C 100 18.39 13.43 -44.31
CA ILE C 100 17.22 13.03 -43.54
C ILE C 100 16.26 14.20 -43.35
N LEU C 101 15.02 13.89 -42.99
CA LEU C 101 14.02 14.91 -42.76
C LEU C 101 13.64 14.95 -41.31
N LEU C 102 14.18 15.94 -40.60
CA LEU C 102 13.94 16.13 -39.17
C LEU C 102 12.48 16.47 -38.85
N ALA C 103 12.07 16.21 -37.61
CA ALA C 103 10.71 16.47 -37.16
C ALA C 103 10.42 17.96 -37.13
N THR C 104 11.43 18.75 -36.83
CA THR C 104 11.24 20.19 -36.78
C THR C 104 11.07 20.72 -38.19
N GLY C 105 11.28 19.86 -39.17
CA GLY C 105 11.15 20.29 -40.55
C GLY C 105 12.46 20.59 -41.25
N LEU C 106 13.50 20.94 -40.50
CA LEU C 106 14.80 21.22 -41.11
C LEU C 106 15.37 19.96 -41.75
N HIS C 107 16.11 20.12 -42.83
CA HIS C 107 16.74 18.99 -43.50
C HIS C 107 18.20 18.92 -43.05
N VAL C 108 18.84 17.79 -43.29
CA VAL C 108 20.25 17.58 -42.98
C VAL C 108 20.81 16.72 -44.09
N HIS C 109 21.85 17.20 -44.74
CA HIS C 109 22.47 16.49 -45.85
C HIS C 109 23.77 15.84 -45.44
N ARG C 110 24.00 14.64 -45.97
CA ARG C 110 25.19 13.85 -45.71
C ARG C 110 26.48 14.67 -45.70
N ASN C 111 26.64 15.56 -46.69
CA ASN C 111 27.85 16.37 -46.76
C ASN C 111 27.98 17.37 -45.61
N SER C 112 26.90 17.62 -44.90
CA SER C 112 26.93 18.55 -43.78
C SER C 112 27.38 17.76 -42.55
N ALA C 113 26.75 16.62 -42.36
CA ALA C 113 27.04 15.73 -41.24
C ALA C 113 28.54 15.41 -41.14
N HIS C 114 29.12 14.98 -42.26
CA HIS C 114 30.55 14.64 -42.29
C HIS C 114 31.43 15.76 -41.71
N SER C 115 31.20 16.98 -42.19
CA SER C 115 31.97 18.12 -41.73
C SER C 115 31.61 18.42 -40.29
N ALA C 116 30.65 17.68 -39.75
CA ALA C 116 30.23 17.88 -38.38
C ALA C 116 30.83 16.76 -37.53
N GLY C 117 31.55 15.86 -38.21
CA GLY C 117 32.20 14.77 -37.52
C GLY C 117 31.33 13.61 -37.11
N VAL C 118 30.19 13.41 -37.78
CA VAL C 118 29.27 12.33 -37.46
C VAL C 118 28.72 11.73 -38.74
N GLY C 119 29.39 12.02 -39.85
CA GLY C 119 28.96 11.48 -41.12
C GLY C 119 29.06 9.96 -41.11
N ALA C 120 29.85 9.46 -40.16
CA ALA C 120 30.06 8.03 -40.01
C ALA C 120 28.73 7.36 -39.75
N ILE C 121 28.16 7.64 -38.59
CA ILE C 121 26.90 7.06 -38.18
C ILE C 121 25.82 7.46 -39.17
N PHE C 122 25.95 8.69 -39.67
CA PHE C 122 25.01 9.24 -40.62
C PHE C 122 24.92 8.42 -41.89
N ASP C 123 26.06 8.01 -42.44
CA ASP C 123 26.02 7.22 -43.67
C ASP C 123 25.50 5.81 -43.42
N ARG C 124 25.65 5.31 -42.19
CA ARG C 124 25.15 3.98 -41.88
C ARG C 124 23.61 4.10 -41.86
N VAL C 125 23.12 5.19 -41.27
CA VAL C 125 21.68 5.46 -41.18
C VAL C 125 21.07 5.58 -42.56
N LEU C 126 21.71 6.41 -43.37
CA LEU C 126 21.27 6.63 -44.73
C LEU C 126 21.24 5.36 -45.59
N THR C 127 22.12 4.40 -45.33
CA THR C 127 22.13 3.19 -46.17
C THR C 127 21.47 1.94 -45.61
N GLU C 128 21.49 1.73 -44.29
CA GLU C 128 20.87 0.53 -43.72
C GLU C 128 19.40 0.75 -43.34
N LEU C 129 19.02 2.00 -43.16
CA LEU C 129 17.65 2.32 -42.78
C LEU C 129 16.90 3.00 -43.93
N VAL C 130 17.19 4.28 -44.14
CA VAL C 130 16.52 5.03 -45.20
C VAL C 130 16.41 4.25 -46.49
N SER C 131 17.51 4.13 -47.22
CA SER C 131 17.52 3.41 -48.49
C SER C 131 16.72 2.11 -48.49
N LYS C 132 16.85 1.31 -47.45
CA LYS C 132 16.10 0.06 -47.41
C LYS C 132 14.61 0.32 -47.32
N MET C 133 14.23 1.24 -46.44
CA MET C 133 12.81 1.54 -46.31
C MET C 133 12.32 2.01 -47.68
N ARG C 134 13.05 2.94 -48.28
CA ARG C 134 12.66 3.45 -49.59
C ARG C 134 12.54 2.33 -50.61
N ASP C 135 13.67 1.69 -50.92
CA ASP C 135 13.74 0.59 -51.88
C ASP C 135 12.65 -0.44 -51.74
N MET C 136 12.32 -0.85 -50.51
CA MET C 136 11.28 -1.85 -50.36
C MET C 136 9.89 -1.25 -50.16
N GLN C 137 9.81 0.08 -50.25
CA GLN C 137 8.55 0.80 -50.09
C GLN C 137 7.79 0.39 -48.84
N MET C 138 8.48 0.43 -47.71
CA MET C 138 7.88 0.07 -46.44
C MET C 138 6.74 1.03 -46.31
N ASP C 139 5.58 0.54 -45.90
CA ASP C 139 4.44 1.43 -45.72
C ASP C 139 4.43 1.83 -44.24
N LYS C 140 3.51 2.73 -43.87
CA LYS C 140 3.43 3.21 -42.50
C LYS C 140 2.91 2.20 -41.49
N THR C 141 2.27 1.15 -41.95
CA THR C 141 1.74 0.10 -41.06
C THR C 141 2.94 -0.75 -40.62
N GLU C 142 3.74 -1.13 -41.59
CA GLU C 142 4.91 -1.94 -41.32
C GLU C 142 5.81 -1.19 -40.35
N LEU C 143 6.12 0.06 -40.67
CA LEU C 143 6.96 0.86 -39.80
C LEU C 143 6.44 0.77 -38.37
N GLY C 144 5.16 1.01 -38.21
CA GLY C 144 4.56 0.96 -36.89
C GLY C 144 4.79 -0.35 -36.19
N CYS C 145 4.51 -1.44 -36.89
CA CYS C 145 4.71 -2.78 -36.33
C CYS C 145 6.16 -3.00 -35.89
N LEU C 146 7.12 -2.55 -36.68
CA LEU C 146 8.51 -2.72 -36.31
C LEU C 146 8.70 -1.95 -35.02
N ARG C 147 8.13 -0.74 -34.97
CA ARG C 147 8.22 0.09 -33.77
C ARG C 147 7.58 -0.60 -32.57
N ALA C 148 6.48 -1.30 -32.79
CA ALA C 148 5.84 -2.01 -31.70
C ALA C 148 6.82 -3.08 -31.20
N ILE C 149 7.42 -3.80 -32.13
CA ILE C 149 8.38 -4.84 -31.79
C ILE C 149 9.57 -4.26 -30.99
N VAL C 150 10.01 -3.08 -31.41
CA VAL C 150 11.12 -2.41 -30.75
C VAL C 150 10.68 -2.08 -29.34
N LEU C 151 9.48 -1.54 -29.21
CA LEU C 151 8.94 -1.17 -27.92
C LEU C 151 8.78 -2.40 -27.04
N PHE C 152 8.19 -3.45 -27.58
CA PHE C 152 7.99 -4.69 -26.82
C PHE C 152 9.22 -5.58 -26.76
N ASN C 153 10.26 -5.09 -26.10
CA ASN C 153 11.51 -5.85 -25.95
C ASN C 153 11.68 -6.33 -24.49
N PRO C 154 11.55 -7.65 -24.27
CA PRO C 154 11.66 -8.21 -22.92
C PRO C 154 13.07 -8.42 -22.36
N ASP C 155 14.10 -8.10 -23.12
CA ASP C 155 15.45 -8.26 -22.59
C ASP C 155 15.83 -7.00 -21.78
N SER C 156 14.92 -6.02 -21.75
CA SER C 156 15.13 -4.78 -21.02
C SER C 156 15.32 -5.04 -19.54
N LYS C 157 16.36 -4.43 -18.98
CA LYS C 157 16.68 -4.57 -17.57
C LYS C 157 15.59 -4.07 -16.64
N GLY C 158 15.29 -4.83 -15.59
CA GLY C 158 14.30 -4.38 -14.63
C GLY C 158 12.83 -4.69 -14.86
N LEU C 159 12.50 -5.19 -16.04
CA LEU C 159 11.12 -5.54 -16.33
C LEU C 159 10.66 -6.47 -15.21
N SER C 160 9.48 -6.22 -14.68
CA SER C 160 8.93 -7.04 -13.61
C SER C 160 8.53 -8.43 -14.10
N ASN C 161 7.93 -8.50 -15.29
CA ASN C 161 7.52 -9.77 -15.85
C ASN C 161 7.79 -9.82 -17.37
N PRO C 162 9.02 -10.17 -17.75
CA PRO C 162 9.39 -10.24 -19.16
C PRO C 162 8.44 -11.12 -19.95
N ALA C 163 7.77 -12.01 -19.23
CA ALA C 163 6.81 -12.93 -19.81
C ALA C 163 5.76 -12.24 -20.66
N GLU C 164 4.93 -11.45 -19.99
CA GLU C 164 3.85 -10.72 -20.65
C GLU C 164 4.35 -9.85 -21.81
N VAL C 165 5.58 -9.34 -21.71
CA VAL C 165 6.13 -8.49 -22.76
C VAL C 165 6.47 -9.32 -23.99
N GLU C 166 7.27 -10.37 -23.80
CA GLU C 166 7.63 -11.24 -24.92
C GLU C 166 6.33 -11.67 -25.57
N ALA C 167 5.31 -11.87 -24.74
CA ALA C 167 3.99 -12.27 -25.22
C ALA C 167 3.47 -11.24 -26.21
N LEU C 168 3.43 -9.98 -25.78
CA LEU C 168 2.95 -8.90 -26.63
C LEU C 168 3.66 -8.86 -27.97
N ARG C 169 4.98 -8.72 -27.89
CA ARG C 169 5.83 -8.68 -29.06
C ARG C 169 5.54 -9.83 -30.03
N GLU C 170 5.20 -10.99 -29.48
CA GLU C 170 4.88 -12.15 -30.30
C GLU C 170 3.56 -11.95 -31.01
N LYS C 171 2.63 -11.28 -30.34
CA LYS C 171 1.34 -11.02 -30.96
C LYS C 171 1.67 -10.07 -32.10
N VAL C 172 2.48 -9.06 -31.84
CA VAL C 172 2.82 -8.13 -32.90
C VAL C 172 3.44 -8.88 -34.08
N TYR C 173 3.97 -10.07 -33.83
CA TYR C 173 4.57 -10.88 -34.90
C TYR C 173 3.44 -11.43 -35.77
N ALA C 174 2.63 -12.28 -35.16
CA ALA C 174 1.50 -12.92 -35.83
C ALA C 174 0.78 -11.91 -36.71
N SER C 175 0.54 -10.74 -36.13
CA SER C 175 -0.17 -9.67 -36.81
C SER C 175 0.58 -9.17 -38.05
N LEU C 176 1.82 -8.74 -37.87
CA LEU C 176 2.61 -8.22 -38.98
C LEU C 176 2.83 -9.24 -40.11
N GLU C 177 2.88 -10.53 -39.77
CA GLU C 177 3.04 -11.54 -40.78
C GLU C 177 1.68 -11.76 -41.47
N ALA C 178 0.61 -11.57 -40.72
CA ALA C 178 -0.73 -11.73 -41.27
C ALA C 178 -1.03 -10.58 -42.23
N TYR C 179 -0.65 -9.37 -41.85
CA TYR C 179 -0.89 -8.22 -42.71
C TYR C 179 0.00 -8.24 -43.95
N CYS C 180 1.23 -8.71 -43.81
CA CYS C 180 2.16 -8.82 -44.95
C CYS C 180 1.69 -9.86 -45.97
N LYS C 181 1.18 -10.98 -45.48
CA LYS C 181 0.68 -12.03 -46.36
C LYS C 181 -0.54 -11.53 -47.15
N HIS C 182 -1.24 -10.56 -46.57
CA HIS C 182 -2.40 -9.99 -47.22
C HIS C 182 -2.00 -8.89 -48.21
N LYS C 183 -1.54 -7.76 -47.69
CA LYS C 183 -1.18 -6.63 -48.54
C LYS C 183 -0.19 -6.94 -49.66
N TYR C 184 0.75 -7.86 -49.43
CA TYR C 184 1.74 -8.18 -50.46
C TYR C 184 1.91 -9.70 -50.64
N PRO C 185 0.86 -10.40 -51.06
CA PRO C 185 0.99 -11.85 -51.25
C PRO C 185 2.09 -12.11 -52.27
N GLU C 186 2.20 -11.17 -53.20
CA GLU C 186 3.19 -11.22 -54.26
C GLU C 186 4.63 -11.40 -53.72
N GLN C 187 4.92 -10.74 -52.60
CA GLN C 187 6.25 -10.81 -51.97
C GLN C 187 6.20 -11.76 -50.79
N PRO C 188 6.58 -13.02 -51.01
CA PRO C 188 6.56 -14.02 -49.94
C PRO C 188 7.53 -13.78 -48.78
N GLY C 189 8.64 -13.08 -49.06
CA GLY C 189 9.62 -12.84 -48.01
C GLY C 189 9.57 -11.46 -47.38
N ARG C 190 8.49 -10.73 -47.65
CA ARG C 190 8.28 -9.38 -47.14
C ARG C 190 8.46 -9.35 -45.62
N PHE C 191 7.84 -10.30 -44.94
CA PHE C 191 7.96 -10.36 -43.49
C PHE C 191 9.39 -10.42 -42.97
N ALA C 192 10.15 -11.40 -43.46
CA ALA C 192 11.53 -11.53 -43.00
C ALA C 192 12.31 -10.27 -43.38
N LYS C 193 12.10 -9.79 -44.60
CA LYS C 193 12.83 -8.62 -45.05
C LYS C 193 12.61 -7.48 -44.08
N LEU C 194 11.44 -7.41 -43.45
CA LEU C 194 11.15 -6.34 -42.50
C LEU C 194 11.91 -6.52 -41.20
N LEU C 195 11.79 -7.72 -40.61
CA LEU C 195 12.48 -8.05 -39.36
C LEU C 195 14.01 -7.88 -39.47
N LEU C 196 14.58 -8.30 -40.61
CA LEU C 196 16.02 -8.18 -40.83
C LEU C 196 16.49 -6.73 -40.86
N ARG C 197 15.58 -5.81 -40.60
CA ARG C 197 15.95 -4.41 -40.58
C ARG C 197 16.31 -4.03 -39.16
N LEU C 198 15.81 -4.80 -38.20
CA LEU C 198 16.06 -4.49 -36.81
C LEU C 198 17.50 -4.67 -36.33
N PRO C 199 18.26 -5.64 -36.88
CA PRO C 199 19.63 -5.76 -36.36
C PRO C 199 20.39 -4.46 -36.66
N ALA C 200 20.15 -3.91 -37.83
CA ALA C 200 20.80 -2.66 -38.23
C ALA C 200 20.38 -1.49 -37.35
N LEU C 201 19.10 -1.43 -37.00
CA LEU C 201 18.59 -0.36 -36.14
C LEU C 201 19.20 -0.46 -34.75
N ARG C 202 19.26 -1.68 -34.21
CA ARG C 202 19.83 -1.88 -32.90
C ARG C 202 21.28 -1.42 -32.79
N SER C 203 22.10 -1.76 -33.79
CA SER C 203 23.50 -1.35 -33.77
C SER C 203 23.60 0.15 -33.80
N ILE C 204 22.91 0.73 -34.77
CA ILE C 204 22.87 2.17 -34.94
C ILE C 204 22.41 2.79 -33.63
N GLY C 205 21.41 2.18 -33.00
CA GLY C 205 20.93 2.70 -31.73
C GLY C 205 22.05 2.77 -30.71
N LEU C 206 22.70 1.62 -30.51
CA LEU C 206 23.79 1.47 -29.56
C LEU C 206 24.92 2.46 -29.79
N LYS C 207 25.30 2.66 -31.06
CA LYS C 207 26.35 3.61 -31.34
C LYS C 207 25.97 5.02 -30.87
N CYS C 208 24.74 5.45 -31.20
CA CYS C 208 24.25 6.77 -30.80
C CYS C 208 24.23 6.96 -29.28
N LEU C 209 23.92 5.90 -28.55
CA LEU C 209 23.87 5.98 -27.10
C LEU C 209 25.22 5.66 -26.50
N GLU C 210 26.28 5.79 -27.28
CA GLU C 210 27.60 5.50 -26.77
C GLU C 210 28.19 6.71 -26.08
N HIS C 211 28.95 6.48 -25.01
CA HIS C 211 29.57 7.59 -24.32
C HIS C 211 30.32 8.38 -25.39
N LEU C 212 30.47 9.68 -25.20
CA LEU C 212 31.17 10.50 -26.18
C LEU C 212 32.57 9.93 -26.39
N PHE C 213 33.18 9.44 -25.31
CA PHE C 213 34.50 8.87 -25.38
C PHE C 213 34.57 7.77 -26.43
N PHE C 214 33.88 6.66 -26.19
CA PHE C 214 33.86 5.55 -27.14
C PHE C 214 33.30 6.10 -28.46
N PHE C 215 32.26 6.92 -28.35
CA PHE C 215 31.61 7.48 -29.52
C PHE C 215 32.54 8.14 -30.53
N LYS C 216 33.55 8.86 -30.04
CA LYS C 216 34.47 9.53 -30.94
C LYS C 216 35.76 8.78 -31.23
N LEU C 217 36.28 8.08 -30.22
CA LEU C 217 37.53 7.31 -30.32
C LEU C 217 37.77 6.62 -31.66
N ILE C 218 39.02 6.62 -32.09
CA ILE C 218 39.39 5.99 -33.36
C ILE C 218 40.70 5.22 -33.15
N GLY C 219 40.63 3.90 -33.25
CA GLY C 219 41.82 3.09 -33.07
C GLY C 219 42.84 3.29 -34.17
N ASP C 220 43.97 2.58 -34.07
CA ASP C 220 45.03 2.67 -35.06
C ASP C 220 44.76 1.77 -36.29
N THR C 221 45.23 2.22 -37.45
CA THR C 221 45.06 1.46 -38.68
C THR C 221 45.44 0.01 -38.37
N PRO C 222 44.52 -0.92 -38.61
CA PRO C 222 44.78 -2.33 -38.33
C PRO C 222 45.74 -2.99 -39.32
N ILE C 223 46.19 -4.19 -38.93
CA ILE C 223 47.07 -5.01 -39.75
C ILE C 223 46.48 -6.41 -39.54
N ASP C 224 45.64 -6.82 -40.48
CA ASP C 224 44.94 -8.09 -40.40
C ASP C 224 45.73 -9.32 -40.86
N THR C 225 46.98 -9.35 -40.41
CA THR C 225 47.95 -10.40 -40.67
C THR C 225 47.51 -11.82 -40.27
N PHE C 226 47.24 -12.01 -38.99
CA PHE C 226 46.83 -13.32 -38.50
C PHE C 226 45.56 -13.82 -39.14
N LEU C 227 44.68 -12.90 -39.54
CA LEU C 227 43.44 -13.30 -40.17
C LEU C 227 43.70 -13.69 -41.63
N MET C 228 44.49 -12.88 -42.33
CA MET C 228 44.81 -13.17 -43.73
C MET C 228 45.32 -14.59 -43.83
N GLU C 229 46.30 -14.92 -42.98
CA GLU C 229 46.89 -16.24 -42.98
C GLU C 229 45.88 -17.34 -42.73
N MET C 230 45.17 -17.24 -41.61
CA MET C 230 44.17 -18.24 -41.26
C MET C 230 43.17 -18.43 -42.41
N LEU C 231 42.98 -17.39 -43.21
CA LEU C 231 42.07 -17.48 -44.33
C LEU C 231 42.64 -18.28 -45.48
N GLU C 232 43.91 -18.06 -45.80
CA GLU C 232 44.55 -18.77 -46.91
C GLU C 232 45.08 -20.15 -46.54
N ALA C 233 45.14 -20.43 -45.24
CA ALA C 233 45.62 -21.72 -44.79
C ALA C 233 44.45 -22.67 -44.57
N PRO C 234 44.66 -23.97 -44.81
CA PRO C 234 43.63 -25.00 -44.63
C PRO C 234 43.65 -25.72 -43.27
N VAL D 1 7.05 -21.25 -50.96
CA VAL D 1 7.13 -22.65 -51.48
C VAL D 1 7.87 -23.54 -50.48
N GLN D 2 7.45 -24.81 -50.40
CA GLN D 2 8.07 -25.78 -49.48
C GLN D 2 9.59 -25.92 -49.65
N LEU D 3 10.15 -27.03 -49.21
CA LEU D 3 11.60 -27.24 -49.30
C LEU D 3 12.04 -27.98 -50.54
N SER D 4 12.84 -27.31 -51.37
CA SER D 4 13.33 -27.93 -52.60
C SER D 4 14.56 -28.78 -52.27
N PRO D 5 14.60 -30.03 -52.78
CA PRO D 5 15.73 -30.91 -52.52
C PRO D 5 17.09 -30.23 -52.77
N GLU D 6 17.06 -29.09 -53.46
CA GLU D 6 18.29 -28.34 -53.72
C GLU D 6 18.67 -27.68 -52.39
N GLN D 7 17.70 -27.02 -51.77
CA GLN D 7 17.92 -26.34 -50.50
C GLN D 7 18.28 -27.35 -49.41
N LEU D 8 17.61 -28.50 -49.44
CA LEU D 8 17.86 -29.54 -48.45
C LEU D 8 19.31 -29.99 -48.55
N GLY D 9 19.78 -30.20 -49.77
CA GLY D 9 21.15 -30.60 -49.94
C GLY D 9 22.00 -29.50 -49.35
N MET D 10 21.58 -28.26 -49.63
CA MET D 10 22.26 -27.08 -49.15
C MET D 10 22.27 -26.93 -47.63
N ILE D 11 21.32 -27.58 -46.97
CA ILE D 11 21.25 -27.51 -45.52
C ILE D 11 22.12 -28.63 -44.92
N GLU D 12 22.17 -29.76 -45.61
CA GLU D 12 22.98 -30.90 -45.17
C GLU D 12 24.45 -30.51 -45.10
N LYS D 13 24.97 -30.00 -46.21
CA LYS D 13 26.36 -29.58 -46.31
C LYS D 13 26.73 -28.62 -45.19
N LEU D 14 25.80 -27.71 -44.86
CA LEU D 14 26.07 -26.77 -43.78
C LEU D 14 26.23 -27.56 -42.50
N VAL D 15 25.36 -28.54 -42.31
CA VAL D 15 25.42 -29.36 -41.11
C VAL D 15 26.64 -30.25 -41.20
N ALA D 16 27.06 -30.56 -42.42
CA ALA D 16 28.23 -31.40 -42.64
C ALA D 16 29.43 -30.59 -42.27
N ALA D 17 29.51 -29.40 -42.88
CA ALA D 17 30.62 -28.49 -42.65
C ALA D 17 30.82 -28.23 -41.16
N GLN D 18 29.72 -28.05 -40.44
CA GLN D 18 29.75 -27.81 -39.00
C GLN D 18 30.56 -28.91 -38.36
N GLN D 19 30.10 -30.14 -38.59
CA GLN D 19 30.76 -31.33 -38.04
C GLN D 19 32.21 -31.50 -38.47
N GLN D 20 32.49 -31.31 -39.75
CA GLN D 20 33.85 -31.46 -40.21
C GLN D 20 34.74 -30.38 -39.57
N CYS D 21 34.23 -29.16 -39.42
CA CYS D 21 35.02 -28.10 -38.82
C CYS D 21 35.44 -28.41 -37.39
N ASN D 22 34.55 -29.07 -36.66
CA ASN D 22 34.82 -29.42 -35.27
C ASN D 22 35.94 -30.46 -35.13
N ARG D 23 36.02 -31.40 -36.08
CA ARG D 23 37.06 -32.41 -36.04
C ARG D 23 38.39 -31.71 -36.28
N ARG D 24 38.41 -30.86 -37.31
CA ARG D 24 39.61 -30.14 -37.69
C ARG D 24 40.22 -29.34 -36.55
N SER D 25 39.45 -29.11 -35.49
CA SER D 25 39.94 -28.34 -34.36
C SER D 25 40.34 -29.21 -33.17
N PHE D 26 40.01 -30.48 -33.24
CA PHE D 26 40.32 -31.42 -32.17
C PHE D 26 41.78 -31.34 -31.71
N SER D 27 42.70 -31.33 -32.68
CA SER D 27 44.13 -31.27 -32.39
C SER D 27 44.58 -29.98 -31.73
N ASP D 28 44.00 -28.85 -32.14
CA ASP D 28 44.35 -27.55 -31.57
C ASP D 28 43.79 -27.42 -30.15
N ARG D 29 42.74 -28.20 -29.87
CA ARG D 29 42.14 -28.17 -28.55
C ARG D 29 43.09 -28.76 -27.50
N LEU D 30 43.65 -29.94 -27.79
CA LEU D 30 44.59 -30.59 -26.88
C LEU D 30 45.74 -29.68 -26.44
N ARG D 31 46.07 -28.70 -27.26
CA ARG D 31 47.19 -27.80 -26.95
C ARG D 31 46.77 -26.63 -26.07
N VAL D 32 45.49 -26.55 -25.73
CA VAL D 32 44.99 -25.46 -24.89
C VAL D 32 45.45 -25.52 -23.44
N THR D 33 46.03 -24.43 -22.96
CA THR D 33 46.48 -24.33 -21.58
C THR D 33 45.29 -24.75 -20.72
N PRO D 34 45.49 -25.66 -19.76
CA PRO D 34 44.45 -26.17 -18.86
C PRO D 34 43.82 -25.18 -17.89
N TRP D 35 42.62 -25.51 -17.43
CA TRP D 35 41.90 -24.70 -16.47
C TRP D 35 42.51 -25.16 -15.14
N PRO D 36 43.37 -24.32 -14.54
CA PRO D 36 44.06 -24.58 -13.28
C PRO D 36 43.19 -25.00 -12.11
N ILE D 37 43.62 -26.06 -11.41
CA ILE D 37 42.93 -26.55 -10.23
C ILE D 37 43.67 -26.01 -9.04
N ALA D 38 43.16 -26.28 -7.84
CA ALA D 38 43.80 -25.77 -6.63
C ALA D 38 43.88 -24.26 -6.79
N PRO D 39 42.76 -23.56 -6.49
CA PRO D 39 42.61 -22.10 -6.59
C PRO D 39 43.76 -21.21 -6.13
N ASP D 40 43.50 -20.46 -5.07
CA ASP D 40 44.43 -19.48 -4.49
C ASP D 40 44.00 -18.17 -5.16
N PRO D 41 42.72 -17.78 -4.95
CA PRO D 41 42.06 -16.58 -5.49
C PRO D 41 42.91 -15.35 -5.78
N GLN D 42 43.98 -15.14 -5.02
CA GLN D 42 44.85 -13.98 -5.21
C GLN D 42 46.15 -14.33 -5.93
N SER D 43 46.13 -15.42 -6.69
CA SER D 43 47.30 -15.87 -7.43
C SER D 43 47.36 -15.23 -8.81
N ARG D 44 48.28 -14.29 -8.99
CA ARG D 44 48.44 -13.60 -10.27
C ARG D 44 48.67 -14.64 -11.36
N GLU D 45 49.15 -15.81 -10.95
CA GLU D 45 49.44 -16.90 -11.86
C GLU D 45 48.16 -17.65 -12.24
N ALA D 46 47.44 -18.12 -11.22
CA ALA D 46 46.20 -18.85 -11.44
C ALA D 46 45.23 -17.99 -12.24
N ARG D 47 45.04 -16.74 -11.80
CA ARG D 47 44.15 -15.82 -12.48
C ARG D 47 44.52 -15.77 -13.95
N GLN D 48 45.81 -15.64 -14.20
CA GLN D 48 46.35 -15.57 -15.56
C GLN D 48 46.09 -16.81 -16.42
N GLN D 49 46.15 -17.99 -15.82
CA GLN D 49 45.92 -19.19 -16.59
C GLN D 49 44.46 -19.30 -16.97
N ARG D 50 43.58 -19.03 -16.02
CA ARG D 50 42.16 -19.12 -16.31
C ARG D 50 41.90 -18.24 -17.53
N PHE D 51 42.73 -17.23 -17.71
CA PHE D 51 42.58 -16.30 -18.83
C PHE D 51 43.12 -16.90 -20.11
N ALA D 52 44.30 -17.50 -20.01
CA ALA D 52 44.92 -18.11 -21.18
C ALA D 52 44.04 -19.23 -21.66
N HIS D 53 43.39 -19.90 -20.72
CA HIS D 53 42.51 -20.99 -21.08
C HIS D 53 41.38 -20.49 -21.98
N PHE D 54 40.73 -19.41 -21.53
CA PHE D 54 39.63 -18.82 -22.26
C PHE D 54 40.04 -18.24 -23.60
N THR D 55 41.12 -17.46 -23.63
CA THR D 55 41.54 -16.86 -24.89
C THR D 55 41.92 -17.91 -25.94
N GLU D 56 42.32 -19.10 -25.50
CA GLU D 56 42.70 -20.13 -26.43
C GLU D 56 41.45 -20.83 -26.93
N LEU D 57 40.52 -21.12 -26.04
CA LEU D 57 39.28 -21.75 -26.48
C LEU D 57 38.68 -20.78 -27.52
N ALA D 58 38.85 -19.49 -27.26
CA ALA D 58 38.36 -18.46 -28.18
C ALA D 58 39.05 -18.53 -29.54
N ILE D 59 40.36 -18.76 -29.53
CA ILE D 59 41.14 -18.84 -30.77
C ILE D 59 40.79 -20.08 -31.56
N VAL D 60 40.40 -21.15 -30.86
CA VAL D 60 40.04 -22.37 -31.55
C VAL D 60 38.70 -22.12 -32.24
N SER D 61 37.84 -21.36 -31.56
CA SER D 61 36.52 -21.01 -32.06
C SER D 61 36.60 -20.18 -33.35
N VAL D 62 37.53 -19.23 -33.41
CA VAL D 62 37.69 -18.41 -34.59
C VAL D 62 38.07 -19.30 -35.77
N GLN D 63 39.01 -20.21 -35.52
CA GLN D 63 39.49 -21.14 -36.54
C GLN D 63 38.33 -22.00 -37.07
N GLU D 64 37.40 -22.36 -36.21
CA GLU D 64 36.25 -23.15 -36.66
C GLU D 64 35.35 -22.22 -37.47
N ILE D 65 35.21 -20.99 -37.00
CA ILE D 65 34.39 -20.00 -37.68
C ILE D 65 34.95 -19.72 -39.06
N VAL D 66 36.27 -19.57 -39.16
CA VAL D 66 36.90 -19.34 -40.45
C VAL D 66 36.79 -20.59 -41.32
N ASP D 67 37.00 -21.76 -40.74
CA ASP D 67 36.87 -22.98 -41.51
C ASP D 67 35.46 -22.97 -42.08
N PHE D 68 34.49 -22.78 -41.21
CA PHE D 68 33.09 -22.77 -41.62
C PHE D 68 32.76 -21.77 -42.74
N ALA D 69 33.16 -20.51 -42.57
CA ALA D 69 32.89 -19.48 -43.57
C ALA D 69 33.51 -19.83 -44.93
N LYS D 70 34.74 -20.33 -44.91
CA LYS D 70 35.46 -20.72 -46.13
C LYS D 70 34.65 -21.74 -46.92
N GLN D 71 33.78 -22.46 -46.23
CA GLN D 71 32.95 -23.44 -46.88
C GLN D 71 31.52 -23.00 -47.22
N LEU D 72 31.19 -21.74 -46.98
CA LEU D 72 29.85 -21.22 -47.31
C LEU D 72 29.90 -20.66 -48.74
N PRO D 73 29.21 -21.32 -49.69
CA PRO D 73 29.25 -20.81 -51.06
C PRO D 73 29.15 -19.30 -51.17
N GLY D 74 30.09 -18.71 -51.90
CA GLY D 74 30.09 -17.28 -52.10
C GLY D 74 31.11 -16.54 -51.26
N PHE D 75 31.36 -17.05 -50.06
CA PHE D 75 32.29 -16.38 -49.18
C PHE D 75 33.65 -16.09 -49.82
N LEU D 76 34.33 -17.14 -50.28
CA LEU D 76 35.65 -16.99 -50.90
C LEU D 76 35.62 -16.27 -52.23
N GLN D 77 34.43 -16.02 -52.77
CA GLN D 77 34.32 -15.31 -54.02
C GLN D 77 34.30 -13.82 -53.74
N LEU D 78 34.19 -13.48 -52.45
CA LEU D 78 34.20 -12.09 -51.96
C LEU D 78 35.65 -11.63 -51.82
N SER D 79 35.89 -10.32 -51.86
CA SER D 79 37.26 -9.83 -51.71
C SER D 79 37.75 -10.27 -50.34
N ARG D 80 39.07 -10.23 -50.12
CA ARG D 80 39.61 -10.64 -48.83
C ARG D 80 39.20 -9.58 -47.82
N GLU D 81 39.26 -8.33 -48.26
CA GLU D 81 38.88 -7.18 -47.44
C GLU D 81 37.53 -7.49 -46.81
N ASP D 82 36.59 -7.87 -47.66
CA ASP D 82 35.26 -8.17 -47.18
C ASP D 82 35.11 -9.45 -46.37
N GLN D 83 35.96 -10.43 -46.61
CA GLN D 83 35.84 -11.64 -45.84
C GLN D 83 36.29 -11.35 -44.42
N ILE D 84 37.31 -10.51 -44.30
CA ILE D 84 37.82 -10.14 -42.99
C ILE D 84 36.79 -9.30 -42.22
N ALA D 85 36.14 -8.36 -42.92
CA ALA D 85 35.14 -7.52 -42.29
C ALA D 85 33.99 -8.37 -41.73
N LEU D 86 33.52 -9.30 -42.53
CA LEU D 86 32.44 -10.17 -42.11
C LEU D 86 32.86 -11.05 -40.97
N LEU D 87 34.10 -11.49 -40.97
CA LEU D 87 34.55 -12.37 -39.89
C LEU D 87 34.88 -11.59 -38.64
N LYS D 88 35.52 -10.45 -38.81
CA LYS D 88 35.91 -9.62 -37.69
C LYS D 88 34.73 -9.27 -36.78
N THR D 89 33.53 -9.10 -37.33
CA THR D 89 32.41 -8.73 -36.49
C THR D 89 31.34 -9.75 -36.24
N SER D 90 31.41 -10.89 -36.90
CA SER D 90 30.43 -11.93 -36.69
C SER D 90 31.03 -12.96 -35.76
N ALA D 91 32.34 -12.84 -35.57
CA ALA D 91 33.07 -13.76 -34.73
C ALA D 91 32.41 -13.90 -33.37
N ILE D 92 32.30 -12.78 -32.68
CA ILE D 92 31.70 -12.79 -31.37
C ILE D 92 30.28 -13.37 -31.37
N GLU D 93 29.51 -13.09 -32.42
CA GLU D 93 28.14 -13.60 -32.51
C GLU D 93 28.03 -15.10 -32.71
N VAL D 94 28.98 -15.66 -33.44
CA VAL D 94 28.99 -17.09 -33.69
C VAL D 94 29.37 -17.81 -32.40
N MET D 95 30.31 -17.23 -31.65
CA MET D 95 30.73 -17.81 -30.38
C MET D 95 29.53 -17.79 -29.43
N LEU D 96 28.83 -16.66 -29.39
CA LEU D 96 27.67 -16.53 -28.53
C LEU D 96 26.65 -17.59 -28.90
N LEU D 97 26.45 -17.79 -30.20
CA LEU D 97 25.52 -18.81 -30.67
C LEU D 97 26.05 -20.19 -30.28
N GLU D 98 27.35 -20.39 -30.47
CA GLU D 98 27.96 -21.67 -30.11
C GLU D 98 27.83 -21.90 -28.61
N THR D 99 28.10 -20.85 -27.84
CA THR D 99 28.01 -20.94 -26.39
C THR D 99 26.60 -21.36 -26.03
N SER D 100 25.63 -20.86 -26.77
CA SER D 100 24.25 -21.21 -26.45
C SER D 100 24.00 -22.68 -26.75
N ARG D 101 24.64 -23.20 -27.79
CA ARG D 101 24.42 -24.58 -28.12
C ARG D 101 24.95 -25.53 -27.07
N ARG D 102 25.90 -25.08 -26.26
CA ARG D 102 26.48 -25.94 -25.23
C ARG D 102 25.96 -25.60 -23.84
N TYR D 103 24.75 -25.06 -23.79
CA TYR D 103 24.15 -24.68 -22.52
C TYR D 103 23.49 -25.88 -21.84
N ASN D 104 23.78 -26.04 -20.55
CA ASN D 104 23.22 -27.13 -19.77
C ASN D 104 22.22 -26.55 -18.79
N PRO D 105 20.92 -26.62 -19.11
CA PRO D 105 19.90 -26.08 -18.20
C PRO D 105 19.97 -26.78 -16.84
N GLY D 106 20.43 -28.02 -16.87
CA GLY D 106 20.56 -28.84 -15.68
C GLY D 106 21.43 -28.18 -14.63
N SER D 107 22.33 -27.31 -15.06
CA SER D 107 23.23 -26.64 -14.14
C SER D 107 23.53 -25.21 -14.56
N GLU D 108 22.73 -24.67 -15.48
CA GLU D 108 22.93 -23.33 -15.96
C GLU D 108 24.44 -23.13 -16.10
N SER D 109 25.02 -23.94 -16.97
CA SER D 109 26.45 -23.93 -17.24
C SER D 109 26.68 -24.15 -18.73
N ILE D 110 27.86 -23.79 -19.21
CA ILE D 110 28.17 -23.99 -20.61
C ILE D 110 29.28 -25.02 -20.64
N THR D 111 29.14 -26.03 -21.50
CA THR D 111 30.15 -27.06 -21.56
C THR D 111 31.00 -27.02 -22.83
N PHE D 112 32.09 -26.29 -22.76
CA PHE D 112 33.01 -26.18 -23.88
C PHE D 112 33.89 -27.45 -23.91
N LEU D 113 34.79 -27.53 -24.89
CA LEU D 113 35.69 -28.68 -25.03
C LEU D 113 35.04 -30.07 -24.90
N LYS D 114 35.35 -30.81 -23.84
CA LYS D 114 34.78 -32.15 -23.71
C LYS D 114 34.05 -32.53 -22.42
N ASP D 115 34.76 -32.87 -21.36
CA ASP D 115 34.05 -33.27 -20.15
C ASP D 115 33.97 -32.24 -19.01
N PHE D 116 34.41 -31.01 -19.28
CA PHE D 116 34.31 -29.99 -18.26
C PHE D 116 33.57 -28.76 -18.77
N SER D 117 32.60 -28.32 -17.96
CA SER D 117 31.76 -27.16 -18.27
C SER D 117 32.12 -25.94 -17.43
N TYR D 118 31.45 -24.83 -17.69
CA TYR D 118 31.70 -23.58 -16.99
C TYR D 118 30.41 -22.86 -16.59
N ASN D 119 30.42 -22.25 -15.42
CA ASN D 119 29.27 -21.50 -14.94
C ASN D 119 29.63 -20.01 -14.81
N ARG D 120 28.65 -19.18 -14.50
CA ARG D 120 28.87 -17.74 -14.35
C ARG D 120 30.09 -17.38 -13.50
N GLU D 121 30.28 -18.11 -12.41
CA GLU D 121 31.40 -17.87 -11.52
C GLU D 121 32.71 -18.18 -12.20
N ASP D 122 32.69 -19.11 -13.15
CA ASP D 122 33.90 -19.46 -13.88
C ASP D 122 34.27 -18.34 -14.85
N PHE D 123 33.29 -17.82 -15.57
CA PHE D 123 33.53 -16.74 -16.53
C PHE D 123 34.10 -15.53 -15.82
N ALA D 124 33.83 -15.44 -14.52
CA ALA D 124 34.33 -14.34 -13.71
C ALA D 124 35.81 -14.50 -13.45
N LYS D 125 36.19 -15.69 -13.00
CA LYS D 125 37.58 -16.01 -12.69
C LYS D 125 38.44 -15.97 -13.94
N ALA D 126 37.80 -16.10 -15.09
CA ALA D 126 38.51 -16.08 -16.36
C ALA D 126 38.76 -14.63 -16.80
N GLY D 127 38.07 -13.69 -16.16
CA GLY D 127 38.27 -12.29 -16.49
C GLY D 127 37.05 -11.52 -16.98
N LEU D 128 36.02 -12.24 -17.42
CA LEU D 128 34.80 -11.60 -17.92
C LEU D 128 34.04 -10.86 -16.83
N GLN D 129 33.41 -9.76 -17.22
CA GLN D 129 32.64 -8.95 -16.28
C GLN D 129 31.17 -9.37 -16.21
N VAL D 130 30.58 -9.17 -15.04
CA VAL D 130 29.21 -9.53 -14.78
C VAL D 130 28.26 -8.91 -15.79
N GLU D 131 28.56 -7.68 -16.19
CA GLU D 131 27.77 -6.95 -17.16
C GLU D 131 27.57 -7.75 -18.45
N PHE D 132 28.57 -8.55 -18.78
CA PHE D 132 28.54 -9.37 -19.98
C PHE D 132 28.15 -10.81 -19.65
N ILE D 133 28.63 -11.30 -18.52
CA ILE D 133 28.34 -12.67 -18.13
C ILE D 133 26.85 -12.98 -18.06
N ASN D 134 26.12 -12.27 -17.20
CA ASN D 134 24.69 -12.51 -17.07
C ASN D 134 23.97 -12.52 -18.42
N PRO D 135 24.17 -11.47 -19.25
CA PRO D 135 23.50 -11.43 -20.55
C PRO D 135 23.76 -12.71 -21.34
N ILE D 136 25.01 -13.15 -21.38
CA ILE D 136 25.36 -14.36 -22.10
C ILE D 136 24.52 -15.54 -21.62
N PHE D 137 24.48 -15.75 -20.32
CA PHE D 137 23.70 -16.86 -19.82
C PHE D 137 22.18 -16.68 -19.99
N GLU D 138 21.67 -15.44 -19.94
CA GLU D 138 20.23 -15.23 -20.14
C GLU D 138 19.96 -15.59 -21.58
N PHE D 139 20.81 -15.09 -22.47
CA PHE D 139 20.72 -15.36 -23.90
C PHE D 139 20.82 -16.87 -24.11
N SER D 140 21.76 -17.51 -23.43
CA SER D 140 21.92 -18.94 -23.57
C SER D 140 20.69 -19.68 -23.08
N ARG D 141 20.14 -19.29 -21.93
CA ARG D 141 18.95 -19.97 -21.43
C ARG D 141 17.80 -19.75 -22.40
N ALA D 142 17.82 -18.60 -23.06
CA ALA D 142 16.78 -18.25 -24.02
C ALA D 142 16.81 -19.19 -25.24
N MET D 143 17.90 -19.13 -26.01
CA MET D 143 18.06 -19.97 -27.19
C MET D 143 17.77 -21.43 -26.87
N ASN D 144 18.17 -21.87 -25.68
CA ASN D 144 17.96 -23.25 -25.30
C ASN D 144 16.50 -23.66 -25.34
N GLU D 145 15.61 -22.79 -24.88
CA GLU D 145 14.18 -23.09 -24.87
C GLU D 145 13.66 -23.30 -26.29
N LEU D 146 14.34 -22.72 -27.28
CA LEU D 146 13.91 -22.89 -28.65
C LEU D 146 14.06 -24.34 -29.09
N GLN D 147 15.03 -25.03 -28.48
CA GLN D 147 15.30 -26.42 -28.80
C GLN D 147 15.60 -26.61 -30.28
N LEU D 148 16.58 -25.85 -30.76
CA LEU D 148 17.01 -25.92 -32.16
C LEU D 148 17.83 -27.17 -32.50
N ASN D 149 17.90 -27.51 -33.78
CA ASN D 149 18.67 -28.66 -34.23
C ASN D 149 19.86 -28.23 -35.09
N ASP D 150 20.92 -29.05 -35.07
CA ASP D 150 22.13 -28.76 -35.84
C ASP D 150 21.88 -27.90 -37.07
N ALA D 151 20.96 -28.33 -37.91
CA ALA D 151 20.64 -27.61 -39.12
C ALA D 151 20.33 -26.14 -38.84
N GLU D 152 19.31 -25.93 -38.03
CA GLU D 152 18.85 -24.60 -37.67
C GLU D 152 20.00 -23.74 -37.14
N PHE D 153 20.82 -24.29 -36.25
CA PHE D 153 21.93 -23.50 -35.76
C PHE D 153 22.87 -23.12 -36.88
N ALA D 154 23.06 -24.03 -37.83
CA ALA D 154 23.93 -23.78 -38.96
C ALA D 154 23.36 -22.61 -39.75
N LEU D 155 22.10 -22.73 -40.12
CA LEU D 155 21.40 -21.68 -40.84
C LEU D 155 21.59 -20.31 -40.18
N LEU D 156 21.29 -20.23 -38.89
CA LEU D 156 21.43 -18.98 -38.17
C LEU D 156 22.86 -18.43 -38.19
N ILE D 157 23.85 -19.30 -37.98
CA ILE D 157 25.25 -18.88 -38.01
C ILE D 157 25.58 -18.27 -39.39
N ALA D 158 25.16 -18.97 -40.44
CA ALA D 158 25.38 -18.47 -41.81
C ALA D 158 24.78 -17.07 -41.92
N ILE D 159 23.47 -16.95 -41.64
CA ILE D 159 22.78 -15.66 -41.70
C ILE D 159 23.54 -14.59 -40.92
N SER D 160 23.97 -14.92 -39.71
CA SER D 160 24.72 -13.96 -38.92
C SER D 160 25.98 -13.54 -39.68
N ILE D 161 26.69 -14.52 -40.23
CA ILE D 161 27.94 -14.22 -40.95
C ILE D 161 27.75 -13.32 -42.16
N PHE D 162 26.77 -13.61 -43.00
CA PHE D 162 26.54 -12.77 -44.17
C PHE D 162 25.72 -11.52 -43.86
N SER D 163 26.23 -10.70 -42.94
CA SER D 163 25.56 -9.48 -42.55
C SER D 163 26.12 -8.28 -43.30
N ALA D 164 25.42 -7.87 -44.35
CA ALA D 164 25.84 -6.77 -45.21
C ALA D 164 26.08 -5.42 -44.54
N ASP D 165 25.63 -5.23 -43.30
CA ASP D 165 25.84 -3.93 -42.66
C ASP D 165 27.00 -3.91 -41.68
N ARG D 166 27.91 -4.87 -41.81
CA ARG D 166 29.07 -4.93 -40.92
C ARG D 166 30.00 -3.77 -41.28
N PRO D 167 30.76 -3.27 -40.30
CA PRO D 167 31.68 -2.18 -40.60
C PRO D 167 32.67 -2.57 -41.70
N ASN D 168 32.72 -1.75 -42.73
CA ASN D 168 33.62 -1.92 -43.88
C ASN D 168 33.29 -2.89 -45.00
N VAL D 169 32.06 -3.38 -45.10
CA VAL D 169 31.75 -4.28 -46.20
C VAL D 169 31.70 -3.47 -47.49
N GLN D 170 32.17 -4.10 -48.57
CA GLN D 170 32.22 -3.46 -49.86
C GLN D 170 31.00 -3.83 -50.70
N ASP D 171 30.94 -5.08 -51.16
CA ASP D 171 29.80 -5.50 -51.96
C ASP D 171 28.71 -5.94 -50.99
N GLN D 172 28.06 -4.96 -50.36
CA GLN D 172 26.99 -5.24 -49.41
C GLN D 172 25.86 -5.91 -50.17
N LEU D 173 25.67 -5.44 -51.40
CA LEU D 173 24.63 -5.96 -52.28
C LEU D 173 24.78 -7.46 -52.48
N GLN D 174 26.02 -7.91 -52.63
CA GLN D 174 26.33 -9.32 -52.81
C GLN D 174 26.15 -10.07 -51.50
N VAL D 175 26.66 -9.48 -50.42
CA VAL D 175 26.53 -10.10 -49.11
C VAL D 175 25.05 -10.26 -48.77
N GLU D 176 24.24 -9.24 -49.07
CA GLU D 176 22.80 -9.31 -48.80
C GLU D 176 22.20 -10.51 -49.53
N ARG D 177 22.43 -10.58 -50.85
CA ARG D 177 21.93 -11.70 -51.65
C ARG D 177 22.35 -13.05 -51.10
N LEU D 178 23.62 -13.20 -50.70
CA LEU D 178 24.08 -14.46 -50.15
C LEU D 178 23.24 -14.79 -48.90
N GLN D 179 23.05 -13.80 -48.04
CA GLN D 179 22.29 -14.02 -46.81
C GLN D 179 20.85 -14.42 -47.12
N HIS D 180 20.26 -13.74 -48.08
CA HIS D 180 18.89 -14.01 -48.46
C HIS D 180 18.55 -15.49 -48.66
N THR D 181 19.43 -16.24 -49.32
CA THR D 181 19.18 -17.66 -49.56
C THR D 181 19.14 -18.49 -48.28
N TYR D 182 19.93 -18.09 -47.30
CA TYR D 182 19.93 -18.81 -46.04
C TYR D 182 18.69 -18.41 -45.27
N VAL D 183 18.28 -17.16 -45.41
CA VAL D 183 17.09 -16.71 -44.71
C VAL D 183 15.87 -17.39 -45.29
N GLU D 184 15.82 -17.48 -46.61
CA GLU D 184 14.68 -18.09 -47.29
C GLU D 184 14.57 -19.60 -47.02
N ALA D 185 15.72 -20.23 -46.82
CA ALA D 185 15.75 -21.67 -46.56
C ALA D 185 15.36 -21.95 -45.11
N LEU D 186 15.89 -21.14 -44.20
CA LEU D 186 15.58 -21.29 -42.78
C LEU D 186 14.07 -21.22 -42.60
N HIS D 187 13.48 -20.18 -43.19
CA HIS D 187 12.04 -19.97 -43.14
C HIS D 187 11.33 -21.24 -43.62
N ALA D 188 11.72 -21.71 -44.79
CA ALA D 188 11.16 -22.91 -45.39
C ALA D 188 11.43 -24.17 -44.55
N TYR D 189 12.64 -24.28 -44.03
CA TYR D 189 13.03 -25.44 -43.23
C TYR D 189 12.25 -25.59 -41.94
N VAL D 190 11.91 -24.47 -41.29
CA VAL D 190 11.18 -24.57 -40.02
C VAL D 190 9.67 -24.70 -40.18
N SER D 191 9.12 -24.11 -41.24
CA SER D 191 7.68 -24.20 -41.47
C SER D 191 7.25 -25.66 -41.46
N ILE D 192 8.18 -26.53 -41.87
CA ILE D 192 7.93 -27.96 -41.91
C ILE D 192 8.36 -28.63 -40.61
N ASN D 193 9.59 -28.36 -40.19
CA ASN D 193 10.14 -28.92 -38.97
C ASN D 193 9.34 -28.49 -37.73
N HIS D 194 8.65 -27.35 -37.84
CA HIS D 194 7.83 -26.83 -36.74
C HIS D 194 6.47 -26.37 -37.27
N PRO D 195 5.58 -27.33 -37.58
CA PRO D 195 4.23 -27.06 -38.10
C PRO D 195 3.24 -26.49 -37.09
N HIS D 196 3.60 -26.48 -35.82
CA HIS D 196 2.69 -25.99 -34.80
C HIS D 196 3.29 -24.83 -34.02
N ASP D 197 4.15 -24.08 -34.70
CA ASP D 197 4.81 -22.92 -34.11
C ASP D 197 5.31 -22.00 -35.20
N PRO D 198 4.39 -21.22 -35.80
CA PRO D 198 4.79 -20.30 -36.86
C PRO D 198 5.64 -19.16 -36.30
N LEU D 199 5.67 -19.04 -34.97
CA LEU D 199 6.46 -18.01 -34.31
C LEU D 199 7.94 -18.36 -34.24
N MET D 200 8.32 -19.54 -34.74
CA MET D 200 9.71 -19.96 -34.71
C MET D 200 10.59 -19.15 -35.65
N PHE D 201 10.11 -18.85 -36.85
CA PHE D 201 10.90 -18.08 -37.81
C PHE D 201 11.25 -16.69 -37.27
N PRO D 202 10.24 -15.91 -36.82
CA PRO D 202 10.50 -14.57 -36.29
C PRO D 202 11.34 -14.63 -35.02
N ARG D 203 11.05 -15.61 -34.15
CA ARG D 203 11.80 -15.76 -32.89
C ARG D 203 13.30 -15.86 -33.14
N MET D 204 13.67 -16.62 -34.18
CA MET D 204 15.06 -16.82 -34.54
C MET D 204 15.69 -15.58 -35.18
N LEU D 205 15.01 -14.99 -36.14
CA LEU D 205 15.53 -13.81 -36.78
C LEU D 205 15.71 -12.72 -35.75
N MET D 206 14.98 -12.82 -34.65
CA MET D 206 15.07 -11.80 -33.61
C MET D 206 16.32 -11.93 -32.74
N LYS D 207 16.84 -13.15 -32.64
CA LYS D 207 18.06 -13.36 -31.87
C LYS D 207 19.17 -12.53 -32.53
N LEU D 208 19.11 -12.43 -33.86
CA LEU D 208 20.11 -11.64 -34.56
C LEU D 208 20.14 -10.27 -33.92
N VAL D 209 19.00 -9.78 -33.48
CA VAL D 209 18.96 -8.48 -32.85
C VAL D 209 19.60 -8.56 -31.48
N SER D 210 19.23 -9.57 -30.68
CA SER D 210 19.83 -9.75 -29.36
C SER D 210 21.36 -9.79 -29.51
N LEU D 211 21.82 -10.47 -30.54
CA LEU D 211 23.25 -10.62 -30.81
C LEU D 211 23.99 -9.30 -31.00
N ARG D 212 23.31 -8.29 -31.54
CA ARG D 212 23.95 -7.00 -31.74
C ARG D 212 24.17 -6.31 -30.38
N THR D 213 23.32 -6.63 -29.40
CA THR D 213 23.49 -5.98 -28.11
C THR D 213 24.62 -6.67 -27.36
N LEU D 214 24.64 -8.00 -27.39
CA LEU D 214 25.69 -8.77 -26.75
C LEU D 214 27.04 -8.42 -27.37
N SER D 215 27.03 -8.15 -28.68
CA SER D 215 28.26 -7.81 -29.37
C SER D 215 28.83 -6.53 -28.81
N SER D 216 27.94 -5.57 -28.59
CA SER D 216 28.28 -4.26 -28.08
C SER D 216 28.80 -4.31 -26.65
N VAL D 217 28.15 -5.10 -25.80
CA VAL D 217 28.59 -5.19 -24.41
C VAL D 217 29.98 -5.84 -24.40
N HIS D 218 30.23 -6.73 -25.35
CA HIS D 218 31.50 -7.40 -25.45
C HIS D 218 32.57 -6.37 -25.82
N SER D 219 32.22 -5.45 -26.70
CA SER D 219 33.14 -4.41 -27.08
C SER D 219 33.63 -3.64 -25.88
N GLU D 220 32.71 -3.32 -24.96
CA GLU D 220 33.06 -2.59 -23.73
C GLU D 220 33.91 -3.51 -22.86
N GLN D 221 33.40 -4.71 -22.65
CA GLN D 221 34.08 -5.71 -21.87
C GLN D 221 35.56 -5.76 -22.26
N VAL D 222 35.84 -5.68 -23.56
CA VAL D 222 37.20 -5.74 -24.06
C VAL D 222 38.02 -4.51 -23.72
N PHE D 223 37.56 -3.34 -24.12
CA PHE D 223 38.29 -2.12 -23.84
C PHE D 223 38.74 -2.00 -22.38
N ALA D 224 38.04 -2.68 -21.47
CA ALA D 224 38.37 -2.61 -20.04
C ALA D 224 39.46 -3.57 -19.59
N LEU D 225 39.89 -4.46 -20.49
CA LEU D 225 40.93 -5.44 -20.18
C LEU D 225 42.19 -4.78 -19.62
N ARG D 226 42.49 -3.58 -20.10
CA ARG D 226 43.65 -2.80 -19.66
C ARG D 226 43.71 -2.75 -18.12
N LEU D 227 42.68 -2.18 -17.51
CA LEU D 227 42.63 -2.08 -16.05
C LEU D 227 42.80 -3.42 -15.32
N GLN D 228 42.82 -4.53 -16.06
CA GLN D 228 43.01 -5.84 -15.44
C GLN D 228 44.45 -6.35 -15.61
N ASP D 229 45.22 -5.62 -16.39
CA ASP D 229 46.61 -5.98 -16.66
C ASP D 229 46.66 -7.32 -17.36
N LYS D 230 45.80 -7.45 -18.38
CA LYS D 230 45.72 -8.65 -19.21
C LYS D 230 45.69 -8.20 -20.65
N LYS D 231 46.29 -8.98 -21.54
CA LYS D 231 46.25 -8.64 -22.96
C LYS D 231 45.69 -9.83 -23.71
N LEU D 232 45.18 -9.58 -24.91
CA LEU D 232 44.60 -10.65 -25.70
C LEU D 232 45.65 -11.21 -26.64
N PRO D 233 45.52 -12.50 -27.02
CA PRO D 233 46.47 -13.13 -27.92
C PRO D 233 46.39 -12.40 -29.24
N PRO D 234 47.53 -12.19 -29.89
CA PRO D 234 47.60 -11.49 -31.18
C PRO D 234 46.37 -11.61 -32.07
N LEU D 235 45.88 -12.83 -32.26
CA LEU D 235 44.71 -13.07 -33.11
C LEU D 235 43.40 -12.45 -32.61
N LEU D 236 43.09 -12.63 -31.33
CA LEU D 236 41.87 -12.07 -30.75
C LEU D 236 41.94 -10.56 -30.76
N SER D 237 43.14 -10.04 -30.53
CA SER D 237 43.32 -8.61 -30.51
C SER D 237 43.12 -8.00 -31.89
N GLU D 238 43.22 -8.83 -32.92
CA GLU D 238 43.08 -8.34 -34.29
C GLU D 238 41.61 -8.20 -34.67
N ILE D 239 40.78 -9.11 -34.20
CA ILE D 239 39.39 -9.02 -34.53
C ILE D 239 38.60 -8.25 -33.46
N TRP D 240 39.28 -7.82 -32.41
CA TRP D 240 38.55 -7.12 -31.37
C TRP D 240 39.12 -5.77 -30.92
N ASP D 241 39.78 -5.02 -31.80
CA ASP D 241 40.30 -3.73 -31.39
C ASP D 241 39.85 -2.64 -32.35
N VAL D 242 40.20 -2.81 -33.62
CA VAL D 242 39.84 -1.84 -34.64
C VAL D 242 39.46 -2.52 -35.95
N SER E 1 10.03 -13.43 -1.01
CA SER E 1 9.79 -11.96 -1.00
C SER E 1 8.53 -11.61 -0.22
N ALA E 2 7.38 -12.00 -0.76
CA ALA E 2 6.09 -11.74 -0.13
C ALA E 2 6.14 -12.13 1.34
N ASN E 3 6.53 -13.37 1.59
CA ASN E 3 6.62 -13.89 2.94
C ASN E 3 7.53 -13.03 3.81
N GLU E 4 8.38 -12.24 3.18
CA GLU E 4 9.29 -11.39 3.93
C GLU E 4 8.56 -10.17 4.47
N ASP E 5 7.43 -9.84 3.85
CA ASP E 5 6.61 -8.71 4.26
C ASP E 5 5.57 -9.14 5.30
N MET E 6 5.40 -10.46 5.44
CA MET E 6 4.47 -11.03 6.40
C MET E 6 4.99 -12.40 6.80
N PRO E 7 6.17 -12.45 7.41
CA PRO E 7 6.82 -13.68 7.87
C PRO E 7 5.90 -14.70 8.54
N VAL E 8 5.35 -15.61 7.73
CA VAL E 8 4.46 -16.62 8.27
C VAL E 8 5.06 -17.31 9.50
N GLU E 9 6.37 -17.24 9.65
CA GLU E 9 7.04 -17.87 10.80
C GLU E 9 6.65 -17.15 12.08
N ARG E 10 6.56 -15.82 12.02
CA ARG E 10 6.21 -15.04 13.18
C ARG E 10 4.77 -15.34 13.58
N ILE E 11 3.90 -15.42 12.59
CA ILE E 11 2.49 -15.71 12.83
C ILE E 11 2.33 -17.04 13.52
N LEU E 12 3.24 -17.97 13.25
CA LEU E 12 3.18 -19.29 13.86
C LEU E 12 3.61 -19.20 15.30
N GLU E 13 4.63 -18.39 15.55
CA GLU E 13 5.09 -18.21 16.93
C GLU E 13 3.86 -17.68 17.66
N ALA E 14 3.27 -16.63 17.12
CA ALA E 14 2.09 -15.97 17.68
C ALA E 14 1.03 -16.97 18.11
N GLU E 15 0.64 -17.87 17.21
CA GLU E 15 -0.35 -18.89 17.53
C GLU E 15 0.11 -19.83 18.65
N LEU E 16 1.40 -20.17 18.67
CA LEU E 16 1.92 -21.05 19.71
C LEU E 16 2.03 -20.34 21.04
N ALA E 17 2.14 -19.02 21.02
CA ALA E 17 2.27 -18.28 22.27
C ALA E 17 0.95 -18.01 23.00
N VAL E 18 -0.15 -18.68 22.63
CA VAL E 18 -1.40 -18.45 23.34
C VAL E 18 -2.25 -19.70 23.59
N GLU E 19 -1.60 -20.83 23.82
CA GLU E 19 -2.33 -22.08 24.08
C GLU E 19 -2.63 -22.29 25.58
N ASP E 39 -23.49 -24.79 33.53
CA ASP E 39 -23.97 -25.64 32.44
C ASP E 39 -22.97 -25.52 31.29
N PRO E 40 -23.25 -26.17 30.15
CA PRO E 40 -22.29 -26.07 29.03
C PRO E 40 -22.09 -24.65 28.48
N VAL E 41 -23.15 -23.85 28.48
CA VAL E 41 -23.04 -22.50 27.95
C VAL E 41 -22.17 -21.59 28.81
N THR E 42 -22.18 -21.78 30.11
CA THR E 42 -21.35 -20.96 30.99
C THR E 42 -19.86 -21.36 30.84
N ASN E 43 -19.59 -22.67 30.80
CA ASN E 43 -18.22 -23.16 30.65
C ASN E 43 -17.56 -22.60 29.39
N ILE E 44 -18.37 -22.46 28.35
CA ILE E 44 -17.89 -21.92 27.09
C ILE E 44 -17.52 -20.45 27.25
N CYS E 45 -18.24 -19.73 28.11
CA CYS E 45 -17.97 -18.31 28.33
C CYS E 45 -16.80 -18.09 29.26
N GLN E 46 -16.61 -19.00 30.21
CA GLN E 46 -15.48 -18.86 31.12
C GLN E 46 -14.22 -19.01 30.27
N ALA E 47 -14.32 -19.82 29.23
CA ALA E 47 -13.20 -20.07 28.31
C ALA E 47 -12.87 -18.79 27.54
N ALA E 48 -13.84 -18.26 26.80
CA ALA E 48 -13.64 -17.03 26.06
C ALA E 48 -13.01 -15.99 26.98
N ASP E 49 -13.54 -15.88 28.18
CA ASP E 49 -13.05 -14.93 29.17
C ASP E 49 -11.55 -15.15 29.32
N LYS E 50 -11.17 -16.40 29.57
CA LYS E 50 -9.77 -16.79 29.75
C LYS E 50 -8.89 -16.46 28.56
N GLN E 51 -9.36 -16.83 27.38
CA GLN E 51 -8.61 -16.61 26.17
C GLN E 51 -8.69 -15.20 25.63
N LEU E 52 -9.57 -14.38 26.17
CA LEU E 52 -9.68 -13.03 25.66
C LEU E 52 -8.47 -12.25 26.11
N PHE E 53 -7.91 -12.63 27.26
CA PHE E 53 -6.73 -11.97 27.83
C PHE E 53 -5.57 -11.90 26.85
N THR E 54 -5.23 -13.07 26.32
CA THR E 54 -4.12 -13.26 25.39
C THR E 54 -4.19 -12.46 24.11
N LEU E 55 -5.40 -12.16 23.66
CA LEU E 55 -5.59 -11.44 22.40
C LEU E 55 -4.82 -10.15 22.12
N VAL E 56 -4.56 -9.34 23.14
CA VAL E 56 -3.85 -8.09 22.92
C VAL E 56 -2.38 -8.26 22.61
N GLU E 57 -1.74 -9.27 23.22
CA GLU E 57 -0.31 -9.51 23.01
C GLU E 57 -0.05 -10.26 21.69
N TRP E 58 -1.00 -11.12 21.31
CA TRP E 58 -0.93 -11.90 20.07
C TRP E 58 -0.89 -10.94 18.89
N ALA E 59 -1.86 -10.03 18.84
CA ALA E 59 -1.91 -9.05 17.77
C ALA E 59 -0.60 -8.30 17.67
N LYS E 60 0.12 -8.15 18.77
CA LYS E 60 1.39 -7.44 18.76
C LYS E 60 2.44 -8.22 17.99
N ARG E 61 2.36 -9.54 18.09
CA ARG E 61 3.30 -10.42 17.42
C ARG E 61 3.01 -10.51 15.91
N ILE E 62 1.76 -10.26 15.53
CA ILE E 62 1.40 -10.30 14.12
C ILE E 62 2.04 -9.12 13.40
N PRO E 63 2.91 -9.41 12.42
CA PRO E 63 3.63 -8.40 11.63
C PRO E 63 2.82 -7.17 11.32
N HIS E 64 3.41 -6.02 11.64
CA HIS E 64 2.83 -4.70 11.39
C HIS E 64 1.60 -4.28 12.18
N PHE E 65 0.94 -5.20 12.88
CA PHE E 65 -0.24 -4.80 13.61
C PHE E 65 0.08 -3.64 14.54
N SER E 66 1.23 -3.75 15.21
CA SER E 66 1.69 -2.74 16.15
C SER E 66 2.00 -1.42 15.47
N GLU E 67 2.40 -1.48 14.20
CA GLU E 67 2.74 -0.28 13.47
C GLU E 67 1.53 0.53 13.03
N LEU E 68 0.33 0.04 13.36
CA LEU E 68 -0.92 0.71 13.02
C LEU E 68 -1.34 1.75 14.05
N PRO E 69 -2.00 2.84 13.61
CA PRO E 69 -2.46 3.90 14.53
C PRO E 69 -3.17 3.27 15.71
N LEU E 70 -2.82 3.73 16.92
CA LEU E 70 -3.38 3.18 18.12
C LEU E 70 -4.90 3.05 18.12
N ASP E 71 -5.60 4.10 17.74
CA ASP E 71 -7.06 4.04 17.70
C ASP E 71 -7.49 2.86 16.83
N ASP E 72 -6.63 2.49 15.89
CA ASP E 72 -6.94 1.40 14.97
C ASP E 72 -6.65 0.00 15.49
N GLN E 73 -5.71 -0.13 16.42
CA GLN E 73 -5.42 -1.45 16.97
C GLN E 73 -6.60 -1.88 17.81
N VAL E 74 -7.15 -0.93 18.57
CA VAL E 74 -8.28 -1.19 19.45
C VAL E 74 -9.52 -1.60 18.65
N ILE E 75 -9.87 -0.79 17.66
CA ILE E 75 -11.02 -1.09 16.82
C ILE E 75 -11.01 -2.51 16.25
N LEU E 76 -9.91 -2.86 15.60
CA LEU E 76 -9.79 -4.18 14.97
C LEU E 76 -10.01 -5.32 15.95
N LEU E 77 -9.38 -5.23 17.11
CA LEU E 77 -9.51 -6.26 18.13
C LEU E 77 -10.93 -6.30 18.70
N ARG E 78 -11.47 -5.13 18.99
CA ARG E 78 -12.80 -5.04 19.54
C ARG E 78 -13.77 -5.67 18.57
N ALA E 79 -13.45 -5.59 17.28
CA ALA E 79 -14.33 -6.17 16.28
C ALA E 79 -14.07 -7.65 16.04
N GLY E 80 -12.79 -8.02 15.93
CA GLY E 80 -12.47 -9.41 15.63
C GLY E 80 -12.45 -10.46 16.72
N TRP E 81 -12.39 -10.03 17.98
CA TRP E 81 -12.26 -10.97 19.08
C TRP E 81 -13.12 -12.21 19.17
N ASN E 82 -14.40 -12.14 18.84
CA ASN E 82 -15.22 -13.33 18.94
C ASN E 82 -14.90 -14.33 17.84
N GLU E 83 -14.60 -13.82 16.65
CA GLU E 83 -14.27 -14.67 15.51
C GLU E 83 -12.86 -15.26 15.67
N LEU E 84 -11.97 -14.48 16.27
CA LEU E 84 -10.60 -14.91 16.51
C LEU E 84 -10.56 -16.06 17.52
N LEU E 85 -11.39 -15.96 18.54
CA LEU E 85 -11.46 -16.99 19.58
C LEU E 85 -12.23 -18.22 19.10
N ILE E 86 -13.18 -18.05 18.19
CA ILE E 86 -13.93 -19.20 17.72
C ILE E 86 -13.06 -20.04 16.80
N ALA E 87 -12.27 -19.38 15.96
CA ALA E 87 -11.37 -20.09 15.05
C ALA E 87 -10.44 -20.95 15.88
N SER E 88 -9.83 -20.35 16.89
CA SER E 88 -8.89 -21.09 17.73
C SER E 88 -9.44 -22.29 18.48
N PHE E 89 -10.57 -22.14 19.17
CA PHE E 89 -11.08 -23.29 19.90
C PHE E 89 -11.51 -24.37 18.91
N SER E 90 -11.97 -23.96 17.74
CA SER E 90 -12.38 -24.91 16.73
C SER E 90 -11.21 -25.79 16.31
N HIS E 91 -10.12 -25.16 15.89
CA HIS E 91 -8.96 -25.91 15.47
C HIS E 91 -8.57 -26.87 16.60
N ARG E 92 -8.39 -26.32 17.79
CA ARG E 92 -8.03 -27.13 18.95
C ARG E 92 -8.97 -28.31 19.18
N SER E 93 -10.06 -28.37 18.42
CA SER E 93 -11.03 -29.44 18.59
C SER E 93 -11.01 -30.54 17.53
N ILE E 94 -9.89 -30.66 16.81
CA ILE E 94 -9.79 -31.68 15.77
C ILE E 94 -9.89 -33.07 16.38
N ALA E 95 -9.09 -33.32 17.39
CA ALA E 95 -9.06 -34.60 18.06
C ALA E 95 -10.30 -34.97 18.86
N VAL E 96 -11.16 -34.01 19.15
CA VAL E 96 -12.34 -34.34 19.93
C VAL E 96 -13.47 -34.87 19.05
N LYS E 97 -14.07 -35.97 19.51
CA LYS E 97 -15.17 -36.66 18.81
C LYS E 97 -16.54 -36.05 19.13
N ASP E 98 -17.17 -35.44 18.14
CA ASP E 98 -18.48 -34.81 18.31
C ASP E 98 -18.47 -33.79 19.46
N GLY E 99 -17.49 -32.89 19.45
CA GLY E 99 -17.44 -31.90 20.51
C GLY E 99 -16.28 -30.94 20.34
N ILE E 100 -16.15 -30.02 21.29
CA ILE E 100 -15.10 -29.03 21.25
C ILE E 100 -14.27 -29.17 22.53
N LEU E 101 -13.07 -28.59 22.51
CA LEU E 101 -12.16 -28.62 23.64
C LEU E 101 -11.90 -27.19 24.07
N LEU E 102 -12.45 -26.81 25.22
CA LEU E 102 -12.30 -25.44 25.73
C LEU E 102 -10.94 -25.17 26.34
N ALA E 103 -10.57 -23.89 26.42
CA ALA E 103 -9.28 -23.49 26.98
C ALA E 103 -9.19 -23.70 28.48
N THR E 104 -10.32 -23.95 29.12
CA THR E 104 -10.29 -24.17 30.55
C THR E 104 -9.91 -25.62 30.73
N GLY E 105 -9.80 -26.34 29.62
CA GLY E 105 -9.44 -27.75 29.67
C GLY E 105 -10.63 -28.69 29.60
N LEU E 106 -11.83 -28.15 29.73
CA LEU E 106 -13.04 -28.97 29.69
C LEU E 106 -13.46 -29.34 28.25
N HIS E 107 -14.53 -30.11 28.13
CA HIS E 107 -15.06 -30.52 26.83
C HIS E 107 -16.56 -30.28 26.84
N VAL E 108 -17.11 -30.12 25.64
CA VAL E 108 -18.54 -29.95 25.50
C VAL E 108 -18.87 -30.91 24.38
N HIS E 109 -19.78 -31.83 24.65
CA HIS E 109 -20.20 -32.80 23.64
C HIS E 109 -21.54 -32.37 23.08
N ARG E 110 -21.83 -32.79 21.85
CA ARG E 110 -23.08 -32.44 21.19
C ARG E 110 -24.33 -32.47 22.07
N ASN E 111 -24.64 -33.64 22.64
CA ASN E 111 -25.83 -33.78 23.49
C ASN E 111 -25.96 -32.65 24.50
N SER E 112 -24.87 -32.40 25.21
CA SER E 112 -24.82 -31.35 26.22
C SER E 112 -25.37 -30.04 25.66
N ALA E 113 -24.68 -29.50 24.66
CA ALA E 113 -25.08 -28.24 24.03
C ALA E 113 -26.54 -28.26 23.63
N HIS E 114 -26.92 -29.29 22.86
CA HIS E 114 -28.29 -29.46 22.42
C HIS E 114 -29.24 -29.28 23.61
N SER E 115 -28.86 -29.79 24.77
CA SER E 115 -29.68 -29.66 25.96
C SER E 115 -29.65 -28.24 26.50
N ALA E 116 -28.52 -27.56 26.35
CA ALA E 116 -28.43 -26.18 26.83
C ALA E 116 -29.12 -25.29 25.81
N GLY E 117 -29.83 -25.93 24.89
CA GLY E 117 -30.54 -25.19 23.87
C GLY E 117 -29.64 -24.36 22.97
N VAL E 118 -28.48 -24.91 22.63
CA VAL E 118 -27.53 -24.21 21.76
C VAL E 118 -27.06 -25.14 20.65
N GLY E 119 -27.66 -26.32 20.59
CA GLY E 119 -27.30 -27.31 19.59
C GLY E 119 -27.15 -26.81 18.17
N ALA E 120 -28.11 -26.00 17.72
CA ALA E 120 -28.07 -25.46 16.37
C ALA E 120 -26.71 -24.83 16.03
N ILE E 121 -26.40 -23.71 16.66
CA ILE E 121 -25.15 -23.01 16.39
C ILE E 121 -23.93 -23.89 16.69
N PHE E 122 -24.10 -24.87 17.56
CA PHE E 122 -23.00 -25.75 17.93
C PHE E 122 -22.69 -26.70 16.79
N ASP E 123 -23.72 -27.27 16.19
CA ASP E 123 -23.54 -28.17 15.06
C ASP E 123 -22.95 -27.37 13.91
N ARG E 124 -23.33 -26.11 13.81
CA ARG E 124 -22.77 -25.29 12.75
C ARG E 124 -21.28 -25.21 13.00
N VAL E 125 -20.88 -24.93 14.24
CA VAL E 125 -19.46 -24.86 14.52
C VAL E 125 -18.80 -26.21 14.26
N LEU E 126 -19.50 -27.29 14.58
CA LEU E 126 -18.90 -28.61 14.35
C LEU E 126 -18.72 -28.98 12.89
N THR E 127 -19.78 -28.83 12.10
CA THR E 127 -19.69 -29.19 10.68
C THR E 127 -19.10 -28.13 9.75
N GLU E 128 -18.99 -26.88 10.22
CA GLU E 128 -18.45 -25.83 9.37
C GLU E 128 -17.02 -25.42 9.66
N LEU E 129 -16.54 -25.74 10.85
CA LEU E 129 -15.18 -25.39 11.23
C LEU E 129 -14.38 -26.61 11.65
N VAL E 130 -14.73 -27.19 12.80
CA VAL E 130 -14.03 -28.37 13.29
C VAL E 130 -13.93 -29.45 12.21
N SER E 131 -15.06 -30.05 11.84
CA SER E 131 -15.04 -31.09 10.82
C SER E 131 -14.21 -30.69 9.59
N LYS E 132 -14.42 -29.49 9.06
CA LYS E 132 -13.65 -29.04 7.91
C LYS E 132 -12.16 -28.89 8.23
N MET E 133 -11.84 -28.25 9.35
CA MET E 133 -10.45 -28.07 9.73
C MET E 133 -9.76 -29.42 9.94
N ARG E 134 -10.51 -30.40 10.40
CA ARG E 134 -9.95 -31.72 10.61
C ARG E 134 -9.66 -32.32 9.23
N ASP E 135 -10.72 -32.47 8.43
CA ASP E 135 -10.62 -33.03 7.10
C ASP E 135 -9.45 -32.52 6.27
N MET E 136 -9.47 -31.24 5.89
CA MET E 136 -8.38 -30.70 5.08
C MET E 136 -7.08 -30.61 5.88
N GLN E 137 -7.09 -31.20 7.08
CA GLN E 137 -5.91 -31.22 7.93
C GLN E 137 -5.27 -29.83 8.02
N MET E 138 -6.09 -28.82 8.30
CA MET E 138 -5.59 -27.46 8.40
C MET E 138 -4.48 -27.41 9.44
N ASP E 139 -3.40 -26.70 9.16
CA ASP E 139 -2.31 -26.63 10.11
C ASP E 139 -2.26 -25.31 10.86
N LYS E 140 -1.38 -25.25 11.85
CA LYS E 140 -1.22 -24.08 12.69
C LYS E 140 -0.75 -22.81 12.02
N THR E 141 0.12 -22.93 11.02
CA THR E 141 0.60 -21.77 10.31
C THR E 141 -0.61 -21.22 9.56
N GLU E 142 -1.39 -22.13 9.00
CA GLU E 142 -2.59 -21.77 8.25
C GLU E 142 -3.63 -21.10 9.17
N LEU E 143 -4.01 -21.74 10.28
CA LEU E 143 -4.98 -21.15 11.20
C LEU E 143 -4.54 -19.73 11.56
N GLY E 144 -3.25 -19.59 11.85
CA GLY E 144 -2.72 -18.28 12.17
C GLY E 144 -3.01 -17.29 11.07
N CYS E 145 -2.65 -17.64 9.85
CA CYS E 145 -2.88 -16.73 8.74
C CYS E 145 -4.32 -16.31 8.60
N LEU E 146 -5.24 -17.27 8.67
CA LEU E 146 -6.64 -16.96 8.58
C LEU E 146 -7.00 -15.93 9.66
N ARG E 147 -6.47 -16.12 10.87
CA ARG E 147 -6.75 -15.20 11.97
C ARG E 147 -6.22 -13.82 11.65
N ALA E 148 -5.02 -13.75 11.09
CA ALA E 148 -4.44 -12.45 10.75
C ALA E 148 -5.32 -11.79 9.70
N ILE E 149 -6.06 -12.59 8.96
CA ILE E 149 -6.95 -12.06 7.93
C ILE E 149 -8.17 -11.46 8.65
N VAL E 150 -8.64 -12.19 9.66
CA VAL E 150 -9.76 -11.76 10.47
C VAL E 150 -9.39 -10.49 11.21
N LEU E 151 -8.19 -10.47 11.80
CA LEU E 151 -7.73 -9.31 12.54
C LEU E 151 -7.52 -8.11 11.63
N PHE E 152 -7.05 -8.33 10.42
CA PHE E 152 -6.83 -7.22 9.52
C PHE E 152 -8.07 -6.87 8.69
N ASN E 153 -9.18 -6.66 9.38
CA ASN E 153 -10.42 -6.34 8.69
C ASN E 153 -10.55 -4.84 8.44
N PRO E 154 -10.67 -4.42 7.17
CA PRO E 154 -10.79 -3.01 6.82
C PRO E 154 -12.19 -2.44 6.94
N ASP E 155 -13.20 -3.31 7.03
CA ASP E 155 -14.59 -2.87 7.14
C ASP E 155 -15.06 -2.61 8.55
N SER E 156 -14.14 -2.50 9.49
CA SER E 156 -14.51 -2.22 10.88
C SER E 156 -14.88 -0.75 10.96
N LYS E 157 -16.06 -0.46 11.52
CA LYS E 157 -16.53 0.91 11.65
C LYS E 157 -15.58 1.77 12.48
N GLY E 158 -15.45 3.04 12.10
CA GLY E 158 -14.60 3.96 12.85
C GLY E 158 -13.11 3.88 12.56
N LEU E 159 -12.71 2.85 11.84
CA LEU E 159 -11.30 2.65 11.50
C LEU E 159 -10.71 3.90 10.86
N SER E 160 -9.71 4.49 11.52
CA SER E 160 -9.05 5.69 11.00
C SER E 160 -8.68 5.56 9.52
N ASN E 161 -7.74 4.67 9.22
CA ASN E 161 -7.30 4.46 7.84
C ASN E 161 -7.63 3.04 7.37
N PRO E 162 -8.76 2.87 6.67
CA PRO E 162 -9.15 1.55 6.18
C PRO E 162 -8.13 0.88 5.26
N ALA E 163 -7.50 1.69 4.42
CA ALA E 163 -6.53 1.19 3.45
C ALA E 163 -5.24 0.59 3.99
N GLU E 164 -4.63 1.24 4.99
CA GLU E 164 -3.39 0.70 5.55
C GLU E 164 -3.68 -0.71 6.07
N VAL E 165 -4.94 -0.93 6.42
CA VAL E 165 -5.42 -2.22 6.91
C VAL E 165 -5.59 -3.19 5.74
N GLU E 166 -6.34 -2.78 4.71
CA GLU E 166 -6.55 -3.64 3.54
C GLU E 166 -5.16 -4.09 3.07
N ALA E 167 -4.21 -3.17 3.16
CA ALA E 167 -2.84 -3.45 2.73
C ALA E 167 -2.29 -4.67 3.42
N LEU E 168 -2.23 -4.62 4.75
CA LEU E 168 -1.71 -5.73 5.53
C LEU E 168 -2.51 -6.99 5.32
N ARG E 169 -3.83 -6.86 5.20
CA ARG E 169 -4.69 -8.01 4.98
C ARG E 169 -4.20 -8.74 3.72
N GLU E 170 -3.74 -7.97 2.73
CA GLU E 170 -3.26 -8.58 1.50
C GLU E 170 -1.86 -9.15 1.67
N LYS E 171 -1.03 -8.48 2.46
CA LYS E 171 0.31 -9.02 2.68
C LYS E 171 0.11 -10.42 3.25
N VAL E 172 -1.02 -10.65 3.91
CA VAL E 172 -1.30 -11.95 4.49
C VAL E 172 -1.80 -12.93 3.43
N TYR E 173 -2.54 -12.43 2.43
CA TYR E 173 -3.00 -13.32 1.34
C TYR E 173 -1.73 -13.84 0.69
N ALA E 174 -0.94 -12.88 0.24
CA ALA E 174 0.33 -13.13 -0.43
C ALA E 174 1.14 -14.22 0.24
N SER E 175 1.29 -14.12 1.56
CA SER E 175 2.06 -15.09 2.32
C SER E 175 1.38 -16.44 2.48
N LEU E 176 0.12 -16.43 2.90
CA LEU E 176 -0.58 -17.68 3.07
C LEU E 176 -0.51 -18.49 1.78
N GLU E 177 -0.72 -17.83 0.64
CA GLU E 177 -0.66 -18.52 -0.65
C GLU E 177 0.77 -18.99 -0.93
N ALA E 178 1.74 -18.14 -0.66
CA ALA E 178 3.12 -18.52 -0.86
C ALA E 178 3.38 -19.78 -0.05
N TYR E 179 3.03 -19.72 1.23
CA TYR E 179 3.23 -20.85 2.13
C TYR E 179 2.48 -22.10 1.68
N CYS E 180 1.39 -21.93 0.94
CA CYS E 180 0.60 -23.06 0.50
C CYS E 180 1.13 -23.67 -0.78
N LYS E 181 1.30 -22.84 -1.80
CA LYS E 181 1.83 -23.33 -3.07
C LYS E 181 3.10 -24.07 -2.72
N HIS E 182 3.85 -23.53 -1.78
CA HIS E 182 5.07 -24.18 -1.35
C HIS E 182 4.70 -25.46 -0.63
N LYS E 183 4.73 -25.43 0.69
CA LYS E 183 4.41 -26.56 1.58
C LYS E 183 3.51 -27.68 1.00
N TYR E 184 2.43 -27.33 0.33
CA TYR E 184 1.54 -28.32 -0.24
C TYR E 184 1.40 -28.11 -1.74
N PRO E 185 2.51 -28.23 -2.50
CA PRO E 185 2.46 -28.03 -3.94
C PRO E 185 1.40 -28.95 -4.53
N GLU E 186 1.40 -30.18 -4.04
CA GLU E 186 0.46 -31.20 -4.47
C GLU E 186 -0.99 -30.69 -4.51
N GLN E 187 -1.35 -29.81 -3.58
CA GLN E 187 -2.72 -29.27 -3.51
C GLN E 187 -2.85 -27.85 -4.07
N PRO E 188 -3.13 -27.76 -5.38
CA PRO E 188 -3.30 -26.51 -6.14
C PRO E 188 -4.30 -25.50 -5.59
N GLY E 189 -5.46 -25.98 -5.18
CA GLY E 189 -6.48 -25.07 -4.67
C GLY E 189 -6.63 -25.07 -3.17
N ARG E 190 -5.52 -25.13 -2.45
CA ARG E 190 -5.50 -25.14 -0.99
C ARG E 190 -5.82 -23.75 -0.44
N PHE E 191 -5.12 -22.76 -0.97
CA PHE E 191 -5.29 -21.37 -0.56
C PHE E 191 -6.75 -20.98 -0.70
N ALA E 192 -7.39 -21.43 -1.76
CA ALA E 192 -8.79 -21.10 -2.01
C ALA E 192 -9.68 -21.82 -1.02
N LYS E 193 -9.23 -23.00 -0.58
CA LYS E 193 -9.98 -23.80 0.37
C LYS E 193 -9.96 -23.18 1.78
N LEU E 194 -8.83 -22.57 2.15
CA LEU E 194 -8.67 -21.94 3.45
C LEU E 194 -9.50 -20.67 3.52
N LEU E 195 -9.37 -19.80 2.52
CA LEU E 195 -10.13 -18.56 2.53
C LEU E 195 -11.64 -18.80 2.57
N LEU E 196 -12.08 -19.93 2.00
CA LEU E 196 -13.50 -20.27 1.98
C LEU E 196 -14.09 -20.68 3.32
N ARG E 197 -13.24 -20.86 4.32
CA ARG E 197 -13.77 -21.22 5.63
C ARG E 197 -14.20 -19.94 6.36
N LEU E 198 -13.77 -18.77 5.85
CA LEU E 198 -14.12 -17.50 6.50
C LEU E 198 -15.60 -17.13 6.42
N PRO E 199 -16.23 -17.21 5.23
CA PRO E 199 -17.65 -16.85 5.20
C PRO E 199 -18.42 -17.56 6.31
N ALA E 200 -18.11 -18.83 6.51
CA ALA E 200 -18.76 -19.63 7.55
C ALA E 200 -18.46 -19.11 8.96
N LEU E 201 -17.22 -18.73 9.18
CA LEU E 201 -16.84 -18.23 10.48
C LEU E 201 -17.59 -16.91 10.75
N ARG E 202 -17.62 -16.02 9.77
CA ARG E 202 -18.29 -14.74 9.93
C ARG E 202 -19.79 -14.91 10.25
N SER E 203 -20.44 -15.85 9.58
CA SER E 203 -21.84 -16.06 9.88
C SER E 203 -21.91 -16.50 11.33
N ILE E 204 -21.20 -17.58 11.65
CA ILE E 204 -21.19 -18.10 13.00
C ILE E 204 -20.88 -16.98 13.99
N GLY E 205 -19.87 -16.17 13.69
CA GLY E 205 -19.51 -15.08 14.58
C GLY E 205 -20.70 -14.18 14.84
N LEU E 206 -21.34 -13.75 13.76
CA LEU E 206 -22.52 -12.87 13.83
C LEU E 206 -23.64 -13.51 14.62
N LYS E 207 -23.84 -14.81 14.42
CA LYS E 207 -24.89 -15.52 15.13
C LYS E 207 -24.69 -15.45 16.63
N CYS E 208 -23.43 -15.48 17.05
CA CYS E 208 -23.10 -15.45 18.47
C CYS E 208 -23.27 -14.13 19.18
N LEU E 209 -23.14 -13.03 18.45
CA LEU E 209 -23.26 -11.72 19.05
C LEU E 209 -24.70 -11.26 19.07
N GLU E 210 -25.59 -12.09 18.57
CA GLU E 210 -27.01 -11.76 18.54
C GLU E 210 -27.54 -11.83 19.97
N HIS E 211 -28.43 -10.91 20.34
CA HIS E 211 -28.99 -10.95 21.68
C HIS E 211 -30.08 -12.00 21.80
N LEU E 212 -30.29 -12.49 23.02
CA LEU E 212 -31.26 -13.55 23.29
C LEU E 212 -32.56 -13.59 22.51
N PHE E 213 -33.17 -12.44 22.23
CA PHE E 213 -34.41 -12.44 21.48
C PHE E 213 -34.19 -12.96 20.04
N PHE E 214 -33.26 -12.35 19.31
CA PHE E 214 -33.00 -12.78 17.94
C PHE E 214 -32.28 -14.11 17.91
N PHE E 215 -31.81 -14.54 19.07
CA PHE E 215 -31.08 -15.79 19.19
C PHE E 215 -32.01 -16.98 19.31
N LYS E 216 -32.79 -16.99 20.38
CA LYS E 216 -33.73 -18.08 20.65
C LYS E 216 -35.05 -17.95 19.92
N LEU E 217 -35.17 -16.93 19.08
CA LEU E 217 -36.40 -16.68 18.31
C LEU E 217 -36.68 -17.69 17.20
N ILE E 218 -37.94 -18.01 16.98
CA ILE E 218 -38.32 -18.96 15.96
C ILE E 218 -39.59 -18.58 15.22
N GLY E 219 -39.49 -18.45 13.91
CA GLY E 219 -40.65 -18.11 13.11
C GLY E 219 -41.51 -19.34 12.90
N ASP E 220 -42.70 -19.13 12.35
CA ASP E 220 -43.63 -20.23 12.11
C ASP E 220 -43.13 -21.12 10.96
N THR E 221 -43.63 -22.34 10.88
CA THR E 221 -43.22 -23.25 9.81
C THR E 221 -43.37 -22.58 8.45
N PRO E 222 -42.33 -22.65 7.62
CA PRO E 222 -42.37 -22.03 6.29
C PRO E 222 -43.15 -22.84 5.28
N ILE E 223 -43.84 -22.13 4.40
CA ILE E 223 -44.61 -22.76 3.33
C ILE E 223 -44.13 -22.04 2.08
N ASP E 224 -43.08 -22.59 1.49
CA ASP E 224 -42.47 -22.00 0.30
C ASP E 224 -43.19 -22.39 -0.97
N THR E 225 -44.37 -21.83 -1.13
CA THR E 225 -45.24 -22.05 -2.27
C THR E 225 -44.83 -21.23 -3.48
N PHE E 226 -44.60 -19.93 -3.26
CA PHE E 226 -44.22 -19.06 -4.34
C PHE E 226 -42.90 -19.42 -4.98
N LEU E 227 -42.03 -20.12 -4.27
CA LEU E 227 -40.75 -20.49 -4.87
C LEU E 227 -40.90 -21.80 -5.63
N MET E 228 -41.67 -22.73 -5.09
CA MET E 228 -41.88 -23.99 -5.78
C MET E 228 -42.51 -23.62 -7.12
N GLU E 229 -43.42 -22.69 -7.07
CA GLU E 229 -44.11 -22.20 -8.25
C GLU E 229 -43.05 -21.61 -9.17
N MET E 230 -42.18 -20.78 -8.61
CA MET E 230 -41.10 -20.13 -9.37
C MET E 230 -40.16 -21.12 -10.07
N LEU E 231 -39.77 -22.18 -9.36
CA LEU E 231 -38.86 -23.19 -9.88
C LEU E 231 -39.42 -24.10 -10.96
N GLU E 232 -40.67 -24.55 -10.81
CA GLU E 232 -41.28 -25.43 -11.81
C GLU E 232 -41.72 -24.75 -13.11
N ALA E 233 -41.66 -23.42 -13.14
CA ALA E 233 -42.07 -22.65 -14.31
C ALA E 233 -40.96 -22.50 -15.35
N VAL F 1 -2.14 -24.10 -14.64
CA VAL F 1 -2.82 -24.36 -15.95
C VAL F 1 -3.64 -23.14 -16.38
N GLN F 2 -3.85 -23.00 -17.69
CA GLN F 2 -4.63 -21.87 -18.25
C GLN F 2 -5.98 -22.34 -18.81
N LEU F 3 -7.03 -21.54 -18.57
CA LEU F 3 -8.40 -21.85 -19.02
C LEU F 3 -8.54 -22.95 -20.02
N SER F 4 -9.03 -24.09 -19.54
CA SER F 4 -9.23 -25.28 -20.36
C SER F 4 -10.51 -25.20 -21.17
N PRO F 5 -10.82 -26.26 -21.94
CA PRO F 5 -12.07 -26.20 -22.71
C PRO F 5 -13.25 -26.06 -21.77
N GLU F 6 -13.55 -27.16 -21.07
CA GLU F 6 -14.65 -27.25 -20.13
C GLU F 6 -14.82 -26.03 -19.24
N GLN F 7 -13.76 -25.23 -19.09
CA GLN F 7 -13.81 -24.01 -18.27
C GLN F 7 -14.26 -22.83 -19.12
N LEU F 8 -13.63 -22.68 -20.28
CA LEU F 8 -13.97 -21.59 -21.18
C LEU F 8 -15.43 -21.78 -21.60
N GLY F 9 -15.79 -23.02 -21.90
CA GLY F 9 -17.15 -23.32 -22.29
C GLY F 9 -18.12 -22.95 -21.19
N MET F 10 -17.83 -23.42 -19.98
CA MET F 10 -18.67 -23.15 -18.83
C MET F 10 -18.92 -21.66 -18.62
N ILE F 11 -17.85 -20.89 -18.64
CA ILE F 11 -17.99 -19.46 -18.46
C ILE F 11 -18.94 -18.89 -19.49
N GLU F 12 -18.96 -19.50 -20.67
CA GLU F 12 -19.85 -19.07 -21.73
C GLU F 12 -21.31 -19.20 -21.30
N LYS F 13 -21.73 -20.42 -20.98
CA LYS F 13 -23.10 -20.65 -20.52
C LYS F 13 -23.50 -19.59 -19.51
N LEU F 14 -22.55 -19.24 -18.63
CA LEU F 14 -22.79 -18.23 -17.60
C LEU F 14 -23.05 -16.87 -18.22
N VAL F 15 -22.02 -16.27 -18.79
CA VAL F 15 -22.18 -14.96 -19.40
C VAL F 15 -23.40 -14.98 -20.31
N ALA F 16 -23.73 -16.16 -20.82
CA ALA F 16 -24.89 -16.30 -21.69
C ALA F 16 -26.14 -16.27 -20.83
N ALA F 17 -26.32 -17.32 -20.03
CA ALA F 17 -27.47 -17.44 -19.15
C ALA F 17 -27.78 -16.12 -18.43
N GLN F 18 -26.73 -15.43 -17.99
CA GLN F 18 -26.91 -14.16 -17.29
C GLN F 18 -27.51 -13.13 -18.23
N GLN F 19 -26.90 -12.99 -19.40
CA GLN F 19 -27.35 -12.05 -20.41
C GLN F 19 -28.77 -12.35 -20.88
N GLN F 20 -29.17 -13.61 -20.80
CA GLN F 20 -30.51 -14.00 -21.20
C GLN F 20 -31.48 -13.72 -20.08
N CYS F 21 -31.12 -14.13 -18.86
CA CYS F 21 -31.97 -13.91 -17.70
C CYS F 21 -32.19 -12.42 -17.48
N ASN F 22 -31.18 -11.63 -17.84
CA ASN F 22 -31.25 -10.19 -17.69
C ASN F 22 -32.19 -9.57 -18.72
N ARG F 23 -32.40 -10.29 -19.82
CA ARG F 23 -33.28 -9.81 -20.88
C ARG F 23 -34.71 -10.28 -20.60
N ARG F 24 -34.86 -11.52 -20.15
CA ARG F 24 -36.17 -12.08 -19.84
C ARG F 24 -36.90 -11.25 -18.78
N SER F 25 -36.15 -10.38 -18.08
CA SER F 25 -36.72 -9.55 -17.04
C SER F 25 -36.73 -8.05 -17.39
N PHE F 26 -36.22 -7.72 -18.56
CA PHE F 26 -36.19 -6.31 -18.97
C PHE F 26 -37.50 -5.97 -19.67
N SER F 27 -38.46 -6.90 -19.61
CA SER F 27 -39.76 -6.73 -20.23
C SER F 27 -40.93 -6.87 -19.24
N ASP F 28 -40.60 -6.88 -17.96
CA ASP F 28 -41.60 -6.99 -16.90
C ASP F 28 -41.62 -5.65 -16.15
N ARG F 29 -40.95 -4.66 -16.74
CA ARG F 29 -40.86 -3.32 -16.17
C ARG F 29 -42.17 -2.57 -16.34
N LEU F 30 -42.87 -2.87 -17.42
CA LEU F 30 -44.16 -2.23 -17.69
C LEU F 30 -45.15 -2.64 -16.61
N ARG F 31 -44.79 -3.67 -15.85
CA ARG F 31 -45.63 -4.17 -14.77
C ARG F 31 -45.24 -3.48 -13.46
N VAL F 32 -44.14 -2.74 -13.50
CA VAL F 32 -43.65 -2.01 -12.33
C VAL F 32 -44.33 -0.64 -12.29
N THR F 33 -44.94 -0.31 -11.15
CA THR F 33 -45.64 0.96 -10.99
C THR F 33 -44.63 2.10 -10.87
N PRO F 34 -44.55 2.96 -11.91
CA PRO F 34 -43.64 4.10 -11.98
C PRO F 34 -43.26 4.75 -10.64
N TRP F 35 -42.03 5.24 -10.58
CA TRP F 35 -41.50 5.90 -9.38
C TRP F 35 -42.10 7.31 -9.25
N PRO F 36 -42.76 7.58 -8.10
CA PRO F 36 -43.40 8.87 -7.81
C PRO F 36 -42.70 10.11 -8.36
N ILE F 37 -43.17 10.53 -9.54
CA ILE F 37 -42.63 11.71 -10.23
C ILE F 37 -42.81 12.90 -9.30
N ALA F 38 -44.02 13.03 -8.77
CA ALA F 38 -44.37 14.11 -7.86
C ALA F 38 -43.96 13.73 -6.44
N PRO F 39 -42.78 14.20 -5.99
CA PRO F 39 -42.29 13.90 -4.64
C PRO F 39 -43.12 14.56 -3.54
N ASP F 40 -43.25 13.89 -2.41
CA ASP F 40 -44.01 14.43 -1.29
C ASP F 40 -43.41 14.03 0.05
N PRO F 41 -43.66 14.81 1.12
CA PRO F 41 -43.15 14.56 2.47
C PRO F 41 -43.69 13.30 3.14
N GLN F 42 -44.31 13.48 4.32
CA GLN F 42 -44.88 12.37 5.05
C GLN F 42 -46.16 11.87 4.38
N SER F 43 -46.28 12.11 3.09
CA SER F 43 -47.45 11.67 2.34
C SER F 43 -47.54 10.16 2.47
N ARG F 44 -48.13 9.72 3.58
CA ARG F 44 -48.26 8.30 3.90
C ARG F 44 -48.60 7.46 2.67
N GLU F 45 -49.34 8.04 1.73
CA GLU F 45 -49.72 7.33 0.52
C GLU F 45 -48.48 7.08 -0.37
N ALA F 46 -47.91 8.16 -0.89
CA ALA F 46 -46.72 8.07 -1.75
C ALA F 46 -45.59 7.32 -1.06
N ARG F 47 -45.65 7.29 0.27
CA ARG F 47 -44.64 6.59 1.06
C ARG F 47 -44.68 5.14 0.63
N GLN F 48 -45.89 4.64 0.40
CA GLN F 48 -46.11 3.25 -0.02
C GLN F 48 -45.86 3.04 -1.51
N GLN F 49 -46.14 4.06 -2.33
CA GLN F 49 -45.92 3.93 -3.76
C GLN F 49 -44.44 3.68 -4.05
N ARG F 50 -43.56 4.33 -3.29
CA ARG F 50 -42.13 4.14 -3.48
C ARG F 50 -41.77 2.73 -3.02
N PHE F 51 -42.19 2.39 -1.81
CA PHE F 51 -41.93 1.07 -1.23
C PHE F 51 -42.29 -0.01 -2.25
N ALA F 52 -43.50 0.10 -2.80
CA ALA F 52 -43.98 -0.86 -3.78
C ALA F 52 -43.02 -0.94 -4.94
N HIS F 53 -42.60 0.23 -5.43
CA HIS F 53 -41.70 0.25 -6.55
C HIS F 53 -40.52 -0.66 -6.26
N PHE F 54 -39.81 -0.37 -5.17
CA PHE F 54 -38.65 -1.16 -4.79
C PHE F 54 -38.91 -2.64 -4.71
N THR F 55 -39.94 -3.03 -3.97
CA THR F 55 -40.25 -4.44 -3.81
C THR F 55 -40.57 -5.08 -5.16
N GLU F 56 -41.21 -4.32 -6.04
CA GLU F 56 -41.52 -4.87 -7.35
C GLU F 56 -40.22 -5.18 -8.06
N LEU F 57 -39.18 -4.38 -7.79
CA LEU F 57 -37.87 -4.59 -8.38
C LEU F 57 -37.27 -5.82 -7.74
N ALA F 58 -37.37 -5.91 -6.43
CA ALA F 58 -36.87 -7.07 -5.71
C ALA F 58 -37.44 -8.33 -6.36
N ILE F 59 -38.75 -8.32 -6.63
CA ILE F 59 -39.43 -9.44 -7.27
C ILE F 59 -38.71 -9.81 -8.58
N VAL F 60 -38.56 -8.82 -9.45
CA VAL F 60 -37.88 -9.02 -10.73
C VAL F 60 -36.54 -9.71 -10.49
N SER F 61 -35.76 -9.12 -9.59
CA SER F 61 -34.46 -9.62 -9.22
C SER F 61 -34.54 -11.10 -8.84
N VAL F 62 -35.44 -11.43 -7.93
CA VAL F 62 -35.60 -12.81 -7.49
C VAL F 62 -35.87 -13.73 -8.67
N GLN F 63 -36.50 -13.22 -9.72
CA GLN F 63 -36.81 -14.02 -10.89
C GLN F 63 -35.56 -14.22 -11.76
N GLU F 64 -34.85 -13.14 -12.02
CA GLU F 64 -33.62 -13.25 -12.81
C GLU F 64 -32.74 -14.26 -12.08
N ILE F 65 -32.71 -14.16 -10.75
CA ILE F 65 -31.94 -15.04 -9.90
C ILE F 65 -32.34 -16.49 -10.11
N VAL F 66 -33.59 -16.81 -9.82
CA VAL F 66 -34.07 -18.19 -9.98
C VAL F 66 -33.83 -18.70 -11.41
N ASP F 67 -34.01 -17.82 -12.40
CA ASP F 67 -33.77 -18.21 -13.78
C ASP F 67 -32.35 -18.74 -13.84
N PHE F 68 -31.42 -17.88 -13.42
CA PHE F 68 -30.01 -18.20 -13.44
C PHE F 68 -29.72 -19.54 -12.76
N ALA F 69 -30.00 -19.63 -11.46
CA ALA F 69 -29.74 -20.86 -10.73
C ALA F 69 -30.13 -22.12 -11.47
N LYS F 70 -31.30 -22.12 -12.09
CA LYS F 70 -31.77 -23.29 -12.82
C LYS F 70 -30.83 -23.68 -13.97
N GLN F 71 -30.24 -22.67 -14.61
CA GLN F 71 -29.31 -22.84 -15.73
C GLN F 71 -27.89 -23.31 -15.36
N LEU F 72 -27.53 -23.22 -14.09
CA LEU F 72 -26.21 -23.67 -13.63
C LEU F 72 -26.25 -25.19 -13.55
N PRO F 73 -25.28 -25.89 -14.16
CA PRO F 73 -25.29 -27.35 -14.11
C PRO F 73 -25.14 -27.93 -12.72
N GLY F 74 -26.06 -28.81 -12.35
CA GLY F 74 -26.01 -29.44 -11.04
C GLY F 74 -27.11 -28.96 -10.11
N PHE F 75 -27.55 -27.72 -10.32
CA PHE F 75 -28.60 -27.11 -9.50
C PHE F 75 -29.89 -27.93 -9.46
N LEU F 76 -30.56 -28.07 -10.60
CA LEU F 76 -31.82 -28.80 -10.68
C LEU F 76 -31.76 -30.26 -10.25
N GLN F 77 -30.56 -30.79 -10.06
CA GLN F 77 -30.44 -32.17 -9.66
C GLN F 77 -30.45 -32.38 -8.14
N LEU F 78 -30.43 -31.28 -7.39
CA LEU F 78 -30.50 -31.37 -5.93
C LEU F 78 -31.98 -31.44 -5.57
N SER F 79 -32.30 -31.63 -4.30
CA SER F 79 -33.70 -31.71 -3.89
C SER F 79 -34.36 -30.35 -4.03
N ARG F 80 -35.69 -30.36 -4.13
CA ARG F 80 -36.43 -29.12 -4.26
C ARG F 80 -36.21 -28.33 -2.99
N GLU F 81 -36.24 -29.03 -1.86
CA GLU F 81 -36.03 -28.40 -0.57
C GLU F 81 -34.68 -27.73 -0.60
N ASP F 82 -33.67 -28.44 -1.09
CA ASP F 82 -32.31 -27.92 -1.19
C ASP F 82 -32.17 -26.72 -2.11
N GLN F 83 -32.97 -26.66 -3.17
CA GLN F 83 -32.89 -25.52 -4.10
C GLN F 83 -33.43 -24.28 -3.43
N ILE F 84 -34.53 -24.45 -2.70
CA ILE F 84 -35.15 -23.34 -2.00
C ILE F 84 -34.18 -22.83 -0.93
N ALA F 85 -33.59 -23.78 -0.21
CA ALA F 85 -32.63 -23.46 0.85
C ALA F 85 -31.51 -22.58 0.31
N LEU F 86 -30.95 -22.98 -0.83
CA LEU F 86 -29.87 -22.22 -1.42
C LEU F 86 -30.32 -20.88 -1.97
N LEU F 87 -31.57 -20.79 -2.43
CA LEU F 87 -32.08 -19.53 -2.98
C LEU F 87 -32.53 -18.49 -1.94
N LYS F 88 -33.23 -18.96 -0.92
CA LYS F 88 -33.72 -18.09 0.14
C LYS F 88 -32.59 -17.28 0.73
N THR F 89 -31.57 -18.01 1.20
CA THR F 89 -30.40 -17.42 1.84
C THR F 89 -29.39 -16.78 0.92
N SER F 90 -29.56 -16.91 -0.40
CA SER F 90 -28.59 -16.30 -1.30
C SER F 90 -29.16 -15.13 -2.09
N ALA F 91 -30.48 -15.06 -2.21
CA ALA F 91 -31.11 -13.99 -2.97
C ALA F 91 -30.59 -12.60 -2.63
N ILE F 92 -30.52 -12.32 -1.32
CA ILE F 92 -30.04 -11.04 -0.83
C ILE F 92 -28.59 -10.77 -1.25
N GLU F 93 -27.73 -11.77 -1.09
CA GLU F 93 -26.33 -11.63 -1.45
C GLU F 93 -26.15 -11.33 -2.93
N VAL F 94 -26.90 -12.03 -3.79
CA VAL F 94 -26.79 -11.80 -5.22
C VAL F 94 -27.33 -10.42 -5.56
N MET F 95 -28.47 -10.09 -4.98
CA MET F 95 -29.07 -8.79 -5.21
C MET F 95 -28.03 -7.71 -5.01
N LEU F 96 -27.27 -7.82 -3.92
CA LEU F 96 -26.23 -6.86 -3.61
C LEU F 96 -25.19 -6.78 -4.70
N LEU F 97 -24.71 -7.94 -5.15
CA LEU F 97 -23.71 -7.98 -6.21
C LEU F 97 -24.28 -7.31 -7.44
N GLU F 98 -25.53 -7.63 -7.74
CA GLU F 98 -26.21 -7.08 -8.91
C GLU F 98 -26.28 -5.56 -8.74
N THR F 99 -26.39 -5.12 -7.50
CA THR F 99 -26.46 -3.71 -7.21
C THR F 99 -25.08 -3.12 -7.47
N SER F 100 -24.04 -3.76 -6.95
CA SER F 100 -22.68 -3.27 -7.17
C SER F 100 -22.28 -3.22 -8.64
N ARG F 101 -22.84 -4.11 -9.47
CA ARG F 101 -22.48 -4.09 -10.88
C ARG F 101 -23.07 -2.87 -11.58
N ARG F 102 -24.24 -2.42 -11.13
CA ARG F 102 -24.91 -1.27 -11.73
C ARG F 102 -24.62 0.03 -11.00
N TYR F 103 -23.49 0.10 -10.30
CA TYR F 103 -23.13 1.29 -9.55
C TYR F 103 -22.39 2.36 -10.37
N ASN F 104 -22.85 3.61 -10.25
CA ASN F 104 -22.26 4.73 -10.98
C ASN F 104 -21.41 5.62 -10.06
N PRO F 105 -20.09 5.42 -10.07
CA PRO F 105 -19.11 6.15 -9.27
C PRO F 105 -19.08 7.65 -9.55
N GLY F 106 -19.84 8.05 -10.56
CA GLY F 106 -19.89 9.46 -10.91
C GLY F 106 -20.82 10.26 -10.02
N SER F 107 -22.04 9.76 -9.85
CA SER F 107 -23.04 10.44 -9.04
C SER F 107 -23.44 9.66 -7.78
N GLU F 108 -22.73 8.57 -7.52
CA GLU F 108 -23.04 7.74 -6.37
C GLU F 108 -24.53 7.44 -6.42
N SER F 109 -24.91 6.60 -7.38
CA SER F 109 -26.29 6.22 -7.58
C SER F 109 -26.32 4.81 -8.16
N ILE F 110 -27.47 4.15 -8.04
CA ILE F 110 -27.61 2.80 -8.56
C ILE F 110 -28.71 2.80 -9.60
N THR F 111 -28.46 2.16 -10.73
CA THR F 111 -29.45 2.13 -11.80
C THR F 111 -30.00 0.75 -12.08
N PHE F 112 -31.29 0.57 -11.85
CA PHE F 112 -31.94 -0.71 -12.12
C PHE F 112 -32.71 -0.58 -13.43
N LEU F 113 -32.69 -1.63 -14.24
CA LEU F 113 -33.38 -1.62 -15.53
C LEU F 113 -32.97 -0.39 -16.33
N LYS F 114 -31.70 -0.03 -16.19
CA LYS F 114 -31.07 1.10 -16.87
C LYS F 114 -31.98 2.30 -17.10
N ASP F 115 -32.36 2.96 -16.01
CA ASP F 115 -33.22 4.14 -16.06
C ASP F 115 -33.64 4.50 -14.64
N PHE F 116 -34.00 3.49 -13.87
CA PHE F 116 -34.40 3.67 -12.49
C PHE F 116 -33.18 3.99 -11.63
N SER F 117 -32.47 5.07 -11.93
CA SER F 117 -31.28 5.44 -11.17
C SER F 117 -31.67 6.03 -9.81
N TYR F 118 -31.28 5.36 -8.73
CA TYR F 118 -31.59 5.81 -7.38
C TYR F 118 -30.37 6.03 -6.51
N ASN F 119 -30.37 7.12 -5.74
CA ASN F 119 -29.27 7.45 -4.84
C ASN F 119 -29.68 7.12 -3.41
N ARG F 120 -28.81 7.46 -2.46
CA ARG F 120 -29.06 7.19 -1.05
C ARG F 120 -30.33 7.84 -0.49
N GLU F 121 -30.68 9.00 -1.02
CA GLU F 121 -31.88 9.70 -0.57
C GLU F 121 -33.09 8.89 -0.98
N ASP F 122 -32.97 8.20 -2.12
CA ASP F 122 -34.05 7.38 -2.66
C ASP F 122 -34.30 6.10 -1.88
N PHE F 123 -33.23 5.39 -1.52
CA PHE F 123 -33.35 4.15 -0.76
C PHE F 123 -34.07 4.41 0.57
N ALA F 124 -33.96 5.64 1.06
CA ALA F 124 -34.59 6.02 2.32
C ALA F 124 -36.09 6.24 2.14
N LYS F 125 -36.47 7.02 1.13
CA LYS F 125 -37.88 7.30 0.88
C LYS F 125 -38.64 6.01 0.60
N ALA F 126 -37.90 4.96 0.26
CA ALA F 126 -38.49 3.66 -0.04
C ALA F 126 -38.67 2.84 1.22
N GLY F 127 -38.22 3.38 2.34
CA GLY F 127 -38.38 2.68 3.60
C GLY F 127 -37.13 2.03 4.16
N LEU F 128 -36.00 2.14 3.47
CA LEU F 128 -34.79 1.52 3.98
C LEU F 128 -34.02 2.35 5.01
N GLN F 129 -33.58 1.67 6.07
CA GLN F 129 -32.83 2.33 7.14
C GLN F 129 -31.42 2.69 6.69
N VAL F 130 -30.90 3.77 7.25
CA VAL F 130 -29.57 4.25 6.91
C VAL F 130 -28.46 3.27 7.28
N GLU F 131 -28.65 2.47 8.32
CA GLU F 131 -27.61 1.53 8.71
C GLU F 131 -27.44 0.47 7.65
N PHE F 132 -28.43 0.33 6.79
CA PHE F 132 -28.36 -0.66 5.73
C PHE F 132 -27.93 -0.01 4.43
N ILE F 133 -28.51 1.16 4.17
CA ILE F 133 -28.22 1.90 2.95
C ILE F 133 -26.74 2.24 2.75
N ASN F 134 -26.08 2.72 3.79
CA ASN F 134 -24.68 3.08 3.66
C ASN F 134 -23.81 1.88 3.31
N PRO F 135 -23.87 0.79 4.11
CA PRO F 135 -23.06 -0.38 3.80
C PRO F 135 -23.22 -0.80 2.34
N ILE F 136 -24.46 -0.80 1.87
CA ILE F 136 -24.76 -1.18 0.50
C ILE F 136 -23.91 -0.39 -0.50
N PHE F 137 -24.00 0.94 -0.44
CA PHE F 137 -23.23 1.79 -1.34
C PHE F 137 -21.74 1.69 -1.15
N GLU F 138 -21.27 1.65 0.08
CA GLU F 138 -19.82 1.55 0.28
C GLU F 138 -19.35 0.28 -0.40
N PHE F 139 -20.08 -0.81 -0.14
CA PHE F 139 -19.79 -2.11 -0.73
C PHE F 139 -19.83 -1.99 -2.24
N SER F 140 -20.78 -1.20 -2.74
CA SER F 140 -20.92 -0.97 -4.18
C SER F 140 -19.67 -0.30 -4.72
N ARG F 141 -19.33 0.86 -4.14
CA ARG F 141 -18.15 1.60 -4.54
C ARG F 141 -16.94 0.67 -4.50
N ALA F 142 -16.89 -0.17 -3.48
CA ALA F 142 -15.82 -1.13 -3.32
C ALA F 142 -15.78 -2.09 -4.50
N MET F 143 -16.87 -2.84 -4.69
CA MET F 143 -16.96 -3.76 -5.80
C MET F 143 -16.65 -3.04 -7.09
N ASN F 144 -17.07 -1.77 -7.14
CA ASN F 144 -16.84 -0.93 -8.30
C ASN F 144 -15.36 -0.83 -8.68
N GLU F 145 -14.51 -0.57 -7.68
CA GLU F 145 -13.08 -0.43 -7.91
C GLU F 145 -12.38 -1.65 -8.47
N LEU F 146 -13.07 -2.80 -8.46
CA LEU F 146 -12.48 -4.02 -8.97
C LEU F 146 -12.57 -4.15 -10.49
N GLN F 147 -13.52 -3.44 -11.10
CA GLN F 147 -13.68 -3.47 -12.55
C GLN F 147 -13.98 -4.84 -13.12
N LEU F 148 -14.73 -5.65 -12.38
CA LEU F 148 -15.07 -6.99 -12.82
C LEU F 148 -15.90 -6.91 -14.09
N ASN F 149 -16.03 -8.05 -14.78
CA ASN F 149 -16.84 -8.13 -15.98
C ASN F 149 -17.93 -9.19 -15.81
N ASP F 150 -18.66 -9.49 -16.88
CA ASP F 150 -19.72 -10.48 -16.81
C ASP F 150 -19.21 -11.77 -16.21
N ALA F 151 -18.26 -12.39 -16.91
CA ALA F 151 -17.67 -13.64 -16.46
C ALA F 151 -17.37 -13.59 -14.97
N GLU F 152 -16.64 -12.57 -14.55
CA GLU F 152 -16.28 -12.41 -13.15
C GLU F 152 -17.49 -12.33 -12.23
N PHE F 153 -18.45 -11.49 -12.59
CA PHE F 153 -19.67 -11.38 -11.81
C PHE F 153 -20.43 -12.69 -11.82
N ALA F 154 -20.61 -13.24 -13.01
CA ALA F 154 -21.32 -14.50 -13.16
C ALA F 154 -20.69 -15.57 -12.28
N LEU F 155 -19.38 -15.74 -12.42
CA LEU F 155 -18.65 -16.72 -11.65
C LEU F 155 -18.81 -16.51 -10.17
N LEU F 156 -18.78 -15.26 -9.75
CA LEU F 156 -18.92 -14.97 -8.32
C LEU F 156 -20.31 -15.34 -7.83
N ILE F 157 -21.32 -14.88 -8.55
CA ILE F 157 -22.70 -15.20 -8.16
C ILE F 157 -22.86 -16.71 -7.99
N ALA F 158 -22.45 -17.47 -8.98
CA ALA F 158 -22.56 -18.91 -8.91
C ALA F 158 -21.89 -19.43 -7.64
N ILE F 159 -20.75 -18.85 -7.27
CA ILE F 159 -20.04 -19.30 -6.07
C ILE F 159 -20.87 -18.97 -4.83
N SER F 160 -21.50 -17.81 -4.86
CA SER F 160 -22.35 -17.40 -3.76
C SER F 160 -23.54 -18.37 -3.65
N ILE F 161 -24.24 -18.57 -4.76
CA ILE F 161 -25.38 -19.46 -4.74
C ILE F 161 -25.04 -20.84 -4.21
N PHE F 162 -24.08 -21.53 -4.81
CA PHE F 162 -23.72 -22.86 -4.30
C PHE F 162 -22.94 -22.75 -2.98
N SER F 163 -23.64 -22.47 -1.87
CA SER F 163 -23.01 -22.33 -0.55
C SER F 163 -23.43 -23.43 0.41
N ALA F 164 -22.56 -24.42 0.58
CA ALA F 164 -22.87 -25.55 1.44
C ALA F 164 -23.24 -25.24 2.89
N ASP F 165 -22.93 -24.04 3.38
CA ASP F 165 -23.26 -23.74 4.77
C ASP F 165 -24.63 -23.10 5.00
N ARG F 166 -25.29 -22.65 3.93
CA ARG F 166 -26.63 -22.05 4.05
C ARG F 166 -27.47 -22.94 4.95
N PRO F 167 -28.39 -22.35 5.73
CA PRO F 167 -29.26 -23.13 6.63
C PRO F 167 -30.22 -24.09 5.93
N ASN F 168 -30.36 -25.27 6.51
CA ASN F 168 -31.26 -26.30 5.98
C ASN F 168 -30.83 -27.02 4.71
N VAL F 169 -29.54 -27.04 4.39
CA VAL F 169 -29.11 -27.73 3.18
C VAL F 169 -28.82 -29.20 3.50
N GLN F 170 -29.36 -30.08 2.65
CA GLN F 170 -29.21 -31.53 2.80
C GLN F 170 -27.88 -32.07 2.34
N ASP F 171 -27.62 -32.02 1.03
CA ASP F 171 -26.38 -32.52 0.48
C ASP F 171 -25.34 -31.41 0.42
N GLN F 172 -24.75 -31.12 1.58
CA GLN F 172 -23.75 -30.09 1.69
C GLN F 172 -22.52 -30.49 0.90
N LEU F 173 -22.28 -31.80 0.83
CA LEU F 173 -21.13 -32.34 0.12
C LEU F 173 -21.20 -32.04 -1.39
N GLN F 174 -22.38 -32.24 -1.97
CA GLN F 174 -22.60 -32.01 -3.39
C GLN F 174 -22.57 -30.52 -3.71
N VAL F 175 -23.25 -29.72 -2.90
CA VAL F 175 -23.29 -28.28 -3.11
C VAL F 175 -21.84 -27.80 -3.10
N GLU F 176 -21.03 -28.42 -2.24
CA GLU F 176 -19.63 -28.08 -2.12
C GLU F 176 -18.95 -28.30 -3.47
N ARG F 177 -19.05 -29.52 -3.98
CA ARG F 177 -18.46 -29.88 -5.27
C ARG F 177 -18.84 -28.91 -6.38
N LEU F 178 -20.14 -28.66 -6.54
CA LEU F 178 -20.60 -27.73 -7.54
C LEU F 178 -19.89 -26.39 -7.37
N GLN F 179 -19.72 -25.97 -6.12
CA GLN F 179 -19.05 -24.70 -5.88
C GLN F 179 -17.58 -24.76 -6.28
N HIS F 180 -16.91 -25.86 -5.94
CA HIS F 180 -15.50 -26.03 -6.26
C HIS F 180 -15.21 -25.72 -7.71
N THR F 181 -16.10 -26.17 -8.58
CA THR F 181 -15.92 -25.97 -10.00
C THR F 181 -15.81 -24.52 -10.41
N TYR F 182 -16.69 -23.66 -9.91
CA TYR F 182 -16.65 -22.25 -10.27
C TYR F 182 -15.49 -21.52 -9.61
N VAL F 183 -15.02 -22.04 -8.48
CA VAL F 183 -13.90 -21.40 -7.79
C VAL F 183 -12.62 -21.60 -8.60
N GLU F 184 -12.42 -22.81 -9.13
CA GLU F 184 -11.22 -23.07 -9.92
C GLU F 184 -11.26 -22.27 -11.24
N ALA F 185 -12.41 -22.34 -11.92
CA ALA F 185 -12.57 -21.59 -13.16
C ALA F 185 -12.21 -20.13 -12.93
N LEU F 186 -12.82 -19.53 -11.90
CA LEU F 186 -12.57 -18.12 -11.56
C LEU F 186 -11.08 -17.85 -11.28
N HIS F 187 -10.48 -18.73 -10.51
CA HIS F 187 -9.07 -18.61 -10.17
C HIS F 187 -8.28 -18.53 -11.47
N ALA F 188 -8.42 -19.59 -12.28
CA ALA F 188 -7.73 -19.70 -13.56
C ALA F 188 -8.07 -18.52 -14.48
N TYR F 189 -9.34 -18.15 -14.52
CA TYR F 189 -9.76 -17.05 -15.36
C TYR F 189 -9.06 -15.73 -15.00
N VAL F 190 -9.04 -15.39 -13.72
CA VAL F 190 -8.39 -14.15 -13.29
C VAL F 190 -6.89 -14.28 -13.40
N SER F 191 -6.42 -15.51 -13.24
CA SER F 191 -5.00 -15.79 -13.34
C SER F 191 -4.56 -15.33 -14.72
N ILE F 192 -5.33 -15.72 -15.73
CA ILE F 192 -5.04 -15.38 -17.12
C ILE F 192 -5.24 -13.93 -17.53
N ASN F 193 -6.36 -13.31 -17.11
CA ASN F 193 -6.63 -11.93 -17.51
C ASN F 193 -6.16 -10.83 -16.56
N HIS F 194 -5.37 -11.19 -15.56
CA HIS F 194 -4.85 -10.19 -14.63
C HIS F 194 -3.47 -10.58 -14.15
N PRO F 195 -2.56 -10.83 -15.09
CA PRO F 195 -1.19 -11.23 -14.73
C PRO F 195 -0.51 -10.29 -13.74
N HIS F 196 -0.74 -9.00 -13.93
CA HIS F 196 -0.14 -7.98 -13.08
C HIS F 196 -1.05 -7.63 -11.89
N ASP F 197 -1.65 -8.66 -11.28
CA ASP F 197 -2.53 -8.48 -10.14
C ASP F 197 -3.05 -9.83 -9.63
N PRO F 198 -2.15 -10.63 -9.03
CA PRO F 198 -2.49 -11.95 -8.50
C PRO F 198 -3.39 -11.89 -7.26
N LEU F 199 -3.46 -10.74 -6.61
CA LEU F 199 -4.30 -10.61 -5.42
C LEU F 199 -5.78 -10.49 -5.79
N MET F 200 -6.08 -10.46 -7.08
CA MET F 200 -7.45 -10.35 -7.54
C MET F 200 -8.32 -11.49 -7.02
N PHE F 201 -7.80 -12.71 -7.09
CA PHE F 201 -8.57 -13.86 -6.63
C PHE F 201 -8.99 -13.74 -5.17
N PRO F 202 -8.04 -13.77 -4.22
CA PRO F 202 -8.41 -13.66 -2.80
C PRO F 202 -9.26 -12.43 -2.51
N ARG F 203 -8.95 -11.34 -3.18
CA ARG F 203 -9.66 -10.08 -3.01
C ARG F 203 -11.15 -10.23 -3.33
N MET F 204 -11.46 -11.22 -4.16
CA MET F 204 -12.83 -11.47 -4.53
C MET F 204 -13.50 -12.43 -3.55
N LEU F 205 -12.85 -13.55 -3.27
CA LEU F 205 -13.43 -14.52 -2.36
C LEU F 205 -13.82 -13.81 -1.07
N MET F 206 -12.99 -12.90 -0.62
CA MET F 206 -13.28 -12.17 0.60
C MET F 206 -14.59 -11.38 0.51
N LYS F 207 -14.95 -10.95 -0.69
CA LYS F 207 -16.21 -10.22 -0.84
C LYS F 207 -17.34 -11.12 -0.36
N LEU F 208 -17.11 -12.43 -0.40
CA LEU F 208 -18.10 -13.39 0.06
C LEU F 208 -18.34 -13.15 1.54
N VAL F 209 -17.24 -12.97 2.28
CA VAL F 209 -17.33 -12.72 3.72
C VAL F 209 -18.11 -11.44 3.96
N SER F 210 -17.70 -10.35 3.32
CA SER F 210 -18.41 -9.07 3.47
C SER F 210 -19.92 -9.28 3.30
N LEU F 211 -20.29 -10.12 2.32
CA LEU F 211 -21.69 -10.39 2.01
C LEU F 211 -22.47 -11.04 3.15
N ARG F 212 -21.80 -11.78 4.01
CA ARG F 212 -22.48 -12.41 5.13
C ARG F 212 -22.87 -11.32 6.13
N THR F 213 -22.04 -10.29 6.22
CA THR F 213 -22.31 -9.19 7.14
C THR F 213 -23.50 -8.39 6.63
N LEU F 214 -23.47 -8.07 5.34
CA LEU F 214 -24.54 -7.33 4.72
C LEU F 214 -25.81 -8.16 4.77
N SER F 215 -25.66 -9.47 4.84
CA SER F 215 -26.83 -10.32 4.88
C SER F 215 -27.43 -10.22 6.26
N SER F 216 -26.57 -9.93 7.24
CA SER F 216 -27.02 -9.83 8.62
C SER F 216 -27.78 -8.53 8.83
N VAL F 217 -27.18 -7.43 8.41
CA VAL F 217 -27.79 -6.11 8.53
C VAL F 217 -29.14 -6.09 7.81
N HIS F 218 -29.32 -6.97 6.85
CA HIS F 218 -30.56 -7.02 6.08
C HIS F 218 -31.68 -7.70 6.86
N SER F 219 -31.33 -8.71 7.64
CA SER F 219 -32.36 -9.40 8.40
C SER F 219 -32.91 -8.44 9.43
N GLU F 220 -32.03 -7.60 9.98
CA GLU F 220 -32.43 -6.61 10.95
C GLU F 220 -33.29 -5.60 10.24
N GLN F 221 -32.89 -5.27 9.02
CA GLN F 221 -33.66 -4.33 8.25
C GLN F 221 -35.07 -4.89 8.12
N VAL F 222 -35.16 -6.13 7.67
CA VAL F 222 -36.44 -6.81 7.48
C VAL F 222 -37.26 -6.84 8.74
N PHE F 223 -36.63 -7.12 9.88
CA PHE F 223 -37.36 -7.15 11.13
C PHE F 223 -37.98 -5.79 11.49
N ALA F 224 -37.29 -4.71 11.18
CA ALA F 224 -37.81 -3.38 11.48
C ALA F 224 -39.05 -2.99 10.69
N LEU F 225 -39.31 -3.70 9.60
CA LEU F 225 -40.48 -3.40 8.76
C LEU F 225 -41.77 -3.40 9.56
N ARG F 226 -41.87 -4.28 10.55
CA ARG F 226 -43.06 -4.37 11.39
C ARG F 226 -43.41 -2.99 11.97
N LEU F 227 -42.46 -2.37 12.64
CA LEU F 227 -42.71 -1.07 13.24
C LEU F 227 -42.95 0.03 12.18
N GLN F 228 -42.96 -0.33 10.91
CA GLN F 228 -43.16 0.67 9.85
C GLN F 228 -44.55 0.73 9.23
N ASP F 229 -45.43 -0.17 9.64
CA ASP F 229 -46.79 -0.18 9.12
C ASP F 229 -46.81 -0.59 7.65
N LYS F 230 -46.02 -1.60 7.31
CA LYS F 230 -45.94 -2.10 5.93
C LYS F 230 -45.36 -3.51 5.87
N LYS F 231 -45.73 -4.28 4.86
CA LYS F 231 -45.24 -5.65 4.73
C LYS F 231 -44.65 -5.96 3.34
N LEU F 232 -43.89 -7.04 3.28
CA LEU F 232 -43.24 -7.47 2.05
C LEU F 232 -44.17 -8.34 1.21
N PRO F 233 -44.15 -8.16 -0.11
CA PRO F 233 -45.00 -8.96 -1.02
C PRO F 233 -44.79 -10.41 -0.64
N PRO F 234 -45.85 -11.21 -0.65
CA PRO F 234 -45.73 -12.63 -0.28
C PRO F 234 -44.46 -13.38 -0.72
N LEU F 235 -43.93 -13.10 -1.92
CA LEU F 235 -42.72 -13.78 -2.37
C LEU F 235 -41.54 -13.35 -1.52
N LEU F 236 -41.34 -12.04 -1.41
CA LEU F 236 -40.25 -11.48 -0.61
C LEU F 236 -40.38 -11.98 0.83
N SER F 237 -41.62 -12.03 1.31
CA SER F 237 -41.87 -12.48 2.67
C SER F 237 -41.46 -13.93 2.82
N GLU F 238 -41.79 -14.75 1.84
CA GLU F 238 -41.45 -16.16 1.90
C GLU F 238 -39.95 -16.44 1.98
N ILE F 239 -39.16 -15.58 1.35
CA ILE F 239 -37.72 -15.76 1.34
C ILE F 239 -37.01 -14.98 2.43
N TRP F 240 -37.66 -13.97 2.97
CA TRP F 240 -37.03 -13.14 3.99
C TRP F 240 -37.60 -13.09 5.40
N ASP F 241 -38.71 -13.76 5.65
CA ASP F 241 -39.28 -13.74 6.99
C ASP F 241 -38.87 -14.94 7.81
N VAL F 242 -38.17 -15.87 7.17
CA VAL F 242 -37.73 -17.06 7.88
C VAL F 242 -36.67 -16.69 8.92
N SER G 1 54.44 8.68 11.33
CA SER G 1 53.52 7.52 11.51
C SER G 1 52.30 7.68 10.63
N ALA G 2 52.06 8.91 10.19
CA ALA G 2 50.92 9.19 9.31
C ALA G 2 51.46 9.03 7.92
N ASN G 3 52.52 9.79 7.63
CA ASN G 3 53.14 9.73 6.34
C ASN G 3 53.81 8.37 6.19
N GLU G 4 53.94 7.65 7.28
CA GLU G 4 54.58 6.33 7.24
C GLU G 4 53.70 5.21 6.65
N ASP G 5 52.41 5.23 6.96
CA ASP G 5 51.49 4.23 6.43
C ASP G 5 51.25 4.55 4.97
N MET G 6 51.12 5.84 4.68
CA MET G 6 50.91 6.32 3.34
C MET G 6 51.99 7.34 3.00
N PRO G 7 53.21 6.85 2.80
CA PRO G 7 54.36 7.70 2.47
C PRO G 7 54.13 8.53 1.22
N VAL G 8 53.86 9.81 1.40
CA VAL G 8 53.61 10.69 0.26
C VAL G 8 54.75 10.63 -0.74
N GLU G 9 55.95 10.29 -0.26
CA GLU G 9 57.10 10.19 -1.16
C GLU G 9 56.80 9.16 -2.24
N ARG G 10 56.51 7.95 -1.81
CA ARG G 10 56.20 6.89 -2.76
C ARG G 10 55.10 7.33 -3.74
N ILE G 11 54.10 8.06 -3.24
CA ILE G 11 53.02 8.50 -4.12
C ILE G 11 53.54 9.46 -5.19
N LEU G 12 54.54 10.27 -4.87
CA LEU G 12 55.09 11.19 -5.85
C LEU G 12 55.83 10.35 -6.90
N GLU G 13 56.24 9.16 -6.48
CA GLU G 13 56.93 8.26 -7.40
C GLU G 13 55.94 7.84 -8.48
N ALA G 14 54.87 7.16 -8.08
CA ALA G 14 53.84 6.69 -8.99
C ALA G 14 53.50 7.75 -10.01
N GLU G 15 53.18 8.94 -9.53
CA GLU G 15 52.85 10.04 -10.41
C GLU G 15 53.96 10.34 -11.42
N LEU G 16 55.19 10.46 -10.93
CA LEU G 16 56.32 10.73 -11.81
C LEU G 16 56.55 9.58 -12.78
N ALA G 17 56.48 8.36 -12.26
CA ALA G 17 56.69 7.15 -13.04
C ALA G 17 55.78 7.04 -14.27
N VAL G 18 54.64 7.71 -14.25
CA VAL G 18 53.74 7.57 -15.39
C VAL G 18 53.50 8.79 -16.25
N GLU G 19 54.47 9.70 -16.29
CA GLU G 19 54.37 10.92 -17.09
C GLU G 19 54.01 10.64 -18.56
N ASP G 39 39.48 15.77 -35.48
CA ASP G 39 39.07 16.88 -34.63
C ASP G 39 39.72 16.84 -33.25
N PRO G 40 39.66 17.95 -32.52
CA PRO G 40 40.23 18.07 -31.17
C PRO G 40 39.80 16.93 -30.25
N VAL G 41 38.50 16.58 -30.30
CA VAL G 41 37.96 15.52 -29.45
C VAL G 41 38.63 14.17 -29.71
N THR G 42 38.61 13.69 -30.94
CA THR G 42 39.24 12.41 -31.27
C THR G 42 40.71 12.45 -30.79
N ASN G 43 41.33 13.62 -30.88
CA ASN G 43 42.69 13.78 -30.40
C ASN G 43 42.73 13.44 -28.92
N ILE G 44 41.80 14.03 -28.18
CA ILE G 44 41.67 13.83 -26.74
C ILE G 44 41.37 12.36 -26.46
N CYS G 45 40.48 11.77 -27.25
CA CYS G 45 40.12 10.38 -27.07
C CYS G 45 41.36 9.50 -27.26
N GLN G 46 42.20 9.89 -28.22
CA GLN G 46 43.42 9.14 -28.49
C GLN G 46 44.43 9.28 -27.36
N ALA G 47 44.35 10.38 -26.61
CA ALA G 47 45.29 10.58 -25.51
C ALA G 47 44.91 9.76 -24.27
N ALA G 48 43.60 9.58 -24.08
CA ALA G 48 43.10 8.82 -22.95
C ALA G 48 43.42 7.37 -23.18
N ASP G 49 43.11 6.89 -24.38
CA ASP G 49 43.38 5.50 -24.74
C ASP G 49 44.86 5.25 -24.54
N LYS G 50 45.67 6.26 -24.84
CA LYS G 50 47.11 6.12 -24.68
C LYS G 50 47.42 5.97 -23.20
N GLN G 51 47.23 7.06 -22.48
CA GLN G 51 47.50 7.10 -21.06
C GLN G 51 46.83 6.06 -20.18
N LEU G 52 45.82 5.38 -20.72
CA LEU G 52 45.13 4.40 -19.91
C LEU G 52 45.98 3.17 -19.53
N PHE G 53 46.79 2.66 -20.45
CA PHE G 53 47.64 1.49 -20.18
C PHE G 53 48.55 1.71 -18.96
N THR G 54 48.67 2.95 -18.53
CA THR G 54 49.53 3.29 -17.40
C THR G 54 48.89 3.25 -16.01
N LEU G 55 47.57 3.28 -15.94
CA LEU G 55 46.92 3.26 -14.64
C LEU G 55 47.23 2.00 -13.84
N VAL G 56 47.42 0.86 -14.50
CA VAL G 56 47.71 -0.36 -13.79
C VAL G 56 49.04 -0.23 -13.10
N GLU G 57 50.00 0.35 -13.80
CA GLU G 57 51.32 0.51 -13.22
C GLU G 57 51.34 1.51 -12.09
N TRP G 58 50.79 2.69 -12.36
CA TRP G 58 50.68 3.76 -11.38
C TRP G 58 50.03 3.24 -10.09
N ALA G 59 48.88 2.61 -10.23
CA ALA G 59 48.17 2.09 -9.08
C ALA G 59 49.00 1.14 -8.22
N LYS G 60 49.73 0.22 -8.84
CA LYS G 60 50.51 -0.72 -8.06
C LYS G 60 51.58 -0.03 -7.21
N ARG G 61 52.03 1.14 -7.64
CA ARG G 61 53.05 1.87 -6.90
C ARG G 61 52.44 2.59 -5.70
N ILE G 62 51.13 2.84 -5.76
CA ILE G 62 50.41 3.50 -4.66
C ILE G 62 50.35 2.51 -3.49
N PRO G 63 50.89 2.90 -2.33
CA PRO G 63 50.93 2.08 -1.11
C PRO G 63 49.69 1.27 -0.75
N HIS G 64 49.91 -0.02 -0.52
CA HIS G 64 48.88 -0.97 -0.14
C HIS G 64 47.83 -1.32 -1.19
N PHE G 65 47.73 -0.54 -2.26
CA PHE G 65 46.74 -0.85 -3.28
C PHE G 65 46.80 -2.32 -3.70
N SER G 66 48.01 -2.82 -3.95
CA SER G 66 48.21 -4.20 -4.38
C SER G 66 47.82 -5.26 -3.36
N GLU G 67 47.78 -4.90 -2.09
CA GLU G 67 47.43 -5.87 -1.06
C GLU G 67 45.94 -6.11 -0.98
N LEU G 68 45.20 -5.56 -1.95
CA LEU G 68 43.74 -5.71 -2.01
C LEU G 68 43.35 -6.86 -2.92
N PRO G 69 42.16 -7.44 -2.73
CA PRO G 69 41.78 -8.54 -3.61
C PRO G 69 41.89 -8.10 -5.08
N LEU G 70 42.49 -8.93 -5.91
CA LEU G 70 42.65 -8.61 -7.33
C LEU G 70 41.36 -8.12 -8.00
N ASP G 71 40.20 -8.60 -7.53
CA ASP G 71 38.92 -8.17 -8.11
C ASP G 71 38.55 -6.75 -7.68
N ASP G 72 38.88 -6.42 -6.45
CA ASP G 72 38.62 -5.08 -5.91
C ASP G 72 39.58 -4.13 -6.60
N GLN G 73 40.79 -4.61 -6.88
CA GLN G 73 41.76 -3.78 -7.56
C GLN G 73 41.18 -3.35 -8.90
N VAL G 74 40.54 -4.29 -9.59
CA VAL G 74 39.92 -4.03 -10.89
C VAL G 74 38.76 -3.05 -10.76
N ILE G 75 37.84 -3.34 -9.84
CA ILE G 75 36.69 -2.48 -9.62
C ILE G 75 37.10 -1.03 -9.38
N LEU G 76 38.04 -0.83 -8.47
CA LEU G 76 38.48 0.53 -8.19
C LEU G 76 38.97 1.21 -9.44
N LEU G 77 39.93 0.55 -10.11
CA LEU G 77 40.50 1.06 -11.35
C LEU G 77 39.43 1.30 -12.41
N ARG G 78 38.54 0.33 -12.59
CA ARG G 78 37.47 0.44 -13.58
C ARG G 78 36.57 1.63 -13.25
N ALA G 79 36.35 1.85 -11.96
CA ALA G 79 35.49 2.92 -11.48
C ALA G 79 36.11 4.29 -11.54
N GLY G 80 37.38 4.38 -11.15
CA GLY G 80 38.00 5.69 -11.12
C GLY G 80 38.87 6.11 -12.26
N TRP G 81 39.02 5.27 -13.27
CA TRP G 81 39.91 5.62 -14.39
C TRP G 81 39.58 6.95 -15.07
N ASN G 82 38.29 7.23 -15.22
CA ASN G 82 37.80 8.46 -15.83
C ASN G 82 38.33 9.70 -15.09
N GLU G 83 38.10 9.77 -13.78
CA GLU G 83 38.56 10.91 -12.98
C GLU G 83 40.07 11.00 -12.92
N LEU G 84 40.70 9.84 -12.76
CA LEU G 84 42.15 9.76 -12.69
C LEU G 84 42.86 10.34 -13.91
N LEU G 85 42.39 10.00 -15.10
CA LEU G 85 43.02 10.52 -16.30
C LEU G 85 42.79 12.01 -16.50
N ILE G 86 41.62 12.49 -16.09
CA ILE G 86 41.31 13.91 -16.25
C ILE G 86 42.11 14.78 -15.29
N ALA G 87 42.24 14.32 -14.06
CA ALA G 87 42.98 15.09 -13.08
C ALA G 87 44.40 15.34 -13.56
N SER G 88 45.04 14.27 -14.03
CA SER G 88 46.42 14.33 -14.48
C SER G 88 46.65 15.20 -15.70
N PHE G 89 45.77 15.13 -16.68
CA PHE G 89 45.95 15.95 -17.88
C PHE G 89 45.68 17.41 -17.57
N SER G 90 44.86 17.64 -16.55
CA SER G 90 44.52 18.99 -16.11
C SER G 90 45.74 19.64 -15.46
N HIS G 91 46.24 18.99 -14.41
CA HIS G 91 47.40 19.53 -13.72
C HIS G 91 48.53 19.74 -14.68
N ARG G 92 48.51 18.98 -15.76
CA ARG G 92 49.56 19.08 -16.77
C ARG G 92 49.37 20.33 -17.65
N SER G 93 48.13 20.79 -17.76
CA SER G 93 47.83 21.93 -18.60
C SER G 93 47.98 23.30 -17.93
N ILE G 94 48.56 23.31 -16.74
CA ILE G 94 48.77 24.55 -16.02
C ILE G 94 49.56 25.56 -16.86
N ALA G 95 50.79 25.20 -17.21
CA ALA G 95 51.67 26.10 -17.96
C ALA G 95 51.15 26.63 -19.29
N VAL G 96 50.20 25.94 -19.90
CA VAL G 96 49.67 26.40 -21.19
C VAL G 96 48.44 27.29 -20.97
N LYS G 97 48.19 28.21 -21.89
CA LYS G 97 47.05 29.10 -21.76
C LYS G 97 45.94 28.81 -22.75
N ASP G 98 44.71 28.90 -22.26
CA ASP G 98 43.52 28.67 -23.07
C ASP G 98 43.49 27.27 -23.65
N GLY G 99 44.00 26.31 -22.91
CA GLY G 99 43.99 24.96 -23.42
C GLY G 99 44.66 23.92 -22.56
N ILE G 100 44.60 22.68 -23.05
CA ILE G 100 45.18 21.53 -22.39
C ILE G 100 46.33 20.92 -23.21
N LEU G 101 47.17 20.13 -22.55
CA LEU G 101 48.28 19.45 -23.22
C LEU G 101 48.05 17.95 -23.08
N LEU G 102 47.67 17.29 -24.17
CA LEU G 102 47.43 15.86 -24.12
C LEU G 102 48.75 15.11 -23.97
N ALA G 103 48.67 13.85 -23.54
CA ALA G 103 49.85 13.02 -23.37
C ALA G 103 50.52 12.70 -24.71
N THR G 104 49.78 12.83 -25.80
CA THR G 104 50.30 12.55 -27.13
C THR G 104 51.22 13.66 -27.67
N GLY G 105 51.46 14.69 -26.86
CA GLY G 105 52.31 15.79 -27.28
C GLY G 105 51.56 16.83 -28.09
N LEU G 106 50.25 16.71 -28.12
CA LEU G 106 49.40 17.64 -28.86
C LEU G 106 48.71 18.64 -27.94
N HIS G 107 48.52 19.86 -28.44
CA HIS G 107 47.83 20.88 -27.67
C HIS G 107 46.50 21.23 -28.32
N VAL G 108 45.43 21.14 -27.54
CA VAL G 108 44.10 21.46 -28.04
C VAL G 108 43.71 22.83 -27.49
N HIS G 109 43.47 23.76 -28.42
CA HIS G 109 43.09 25.12 -28.06
C HIS G 109 41.60 25.18 -27.74
N ARG G 110 41.20 26.17 -26.95
CA ARG G 110 39.81 26.30 -26.55
C ARG G 110 38.89 26.51 -27.74
N ASN G 111 39.29 27.34 -28.70
CA ASN G 111 38.46 27.59 -29.87
C ASN G 111 38.17 26.29 -30.61
N SER G 112 39.16 25.40 -30.62
CA SER G 112 39.04 24.09 -31.29
C SER G 112 37.98 23.21 -30.67
N ALA G 113 37.92 23.19 -29.34
CA ALA G 113 36.94 22.39 -28.64
C ALA G 113 35.55 22.93 -28.95
N HIS G 114 35.39 24.24 -28.73
CA HIS G 114 34.14 24.94 -28.98
C HIS G 114 33.60 24.63 -30.36
N SER G 115 34.43 24.79 -31.39
CA SER G 115 33.99 24.49 -32.74
C SER G 115 33.68 23.00 -32.85
N ALA G 116 34.46 22.18 -32.15
CA ALA G 116 34.25 20.74 -32.19
C ALA G 116 32.90 20.40 -31.59
N GLY G 117 32.47 21.23 -30.64
CA GLY G 117 31.19 21.00 -30.01
C GLY G 117 31.30 20.60 -28.55
N VAL G 118 32.47 20.80 -27.94
CA VAL G 118 32.65 20.42 -26.54
C VAL G 118 33.12 21.58 -25.67
N GLY G 119 33.16 22.76 -26.27
CA GLY G 119 33.60 23.96 -25.58
C GLY G 119 33.13 24.12 -24.16
N ALA G 120 31.88 23.80 -23.90
CA ALA G 120 31.31 23.94 -22.58
C ALA G 120 32.12 23.20 -21.53
N ILE G 121 32.10 21.87 -21.62
CA ILE G 121 32.81 21.03 -20.69
C ILE G 121 34.31 21.33 -20.74
N PHE G 122 34.78 21.79 -21.88
CA PHE G 122 36.18 22.10 -22.00
C PHE G 122 36.51 23.26 -21.08
N ASP G 123 35.64 24.28 -21.08
CA ASP G 123 35.83 25.44 -20.23
C ASP G 123 35.71 25.03 -18.75
N ARG G 124 34.75 24.17 -18.46
CA ARG G 124 34.53 23.68 -17.11
C ARG G 124 35.82 23.15 -16.50
N VAL G 125 36.59 22.42 -17.29
CA VAL G 125 37.84 21.82 -16.85
C VAL G 125 38.93 22.87 -16.71
N LEU G 126 38.98 23.79 -17.65
CA LEU G 126 39.99 24.84 -17.60
C LEU G 126 39.82 25.72 -16.38
N THR G 127 38.59 26.17 -16.14
CA THR G 127 38.35 27.03 -15.01
C THR G 127 38.16 26.29 -13.68
N GLU G 128 37.53 25.11 -13.69
CA GLU G 128 37.31 24.40 -12.44
C GLU G 128 38.39 23.45 -11.96
N LEU G 129 39.29 23.09 -12.88
CA LEU G 129 40.36 22.17 -12.54
C LEU G 129 41.75 22.74 -12.78
N VAL G 130 42.00 23.17 -14.01
CA VAL G 130 43.31 23.72 -14.36
C VAL G 130 43.73 24.91 -13.53
N SER G 131 43.22 26.09 -13.87
CA SER G 131 43.55 27.32 -13.16
C SER G 131 43.48 27.18 -11.64
N LYS G 132 42.47 26.49 -11.13
CA LYS G 132 42.36 26.31 -9.70
C LYS G 132 43.64 25.67 -9.18
N MET G 133 44.08 24.60 -9.83
CA MET G 133 45.30 23.93 -9.42
C MET G 133 46.45 24.92 -9.56
N ARG G 134 46.46 25.65 -10.67
CA ARG G 134 47.50 26.65 -10.95
C ARG G 134 47.67 27.64 -9.80
N ASP G 135 46.67 28.50 -9.64
CA ASP G 135 46.65 29.52 -8.59
C ASP G 135 47.15 28.98 -7.26
N MET G 136 46.41 28.05 -6.68
CA MET G 136 46.81 27.49 -5.41
C MET G 136 48.15 26.75 -5.53
N GLN G 137 48.77 26.87 -6.70
CA GLN G 137 50.06 26.22 -6.98
C GLN G 137 50.13 24.84 -6.33
N MET G 138 49.33 23.92 -6.86
CA MET G 138 49.25 22.55 -6.41
C MET G 138 50.49 21.79 -6.88
N ASP G 139 51.16 21.08 -5.98
CA ASP G 139 52.32 20.34 -6.43
C ASP G 139 51.97 18.88 -6.75
N LYS G 140 52.85 18.23 -7.49
CA LYS G 140 52.63 16.85 -7.89
C LYS G 140 52.34 15.88 -6.73
N THR G 141 52.78 16.22 -5.52
CA THR G 141 52.53 15.35 -4.37
C THR G 141 51.08 15.45 -3.95
N GLU G 142 50.53 16.64 -4.15
CA GLU G 142 49.14 16.91 -3.82
C GLU G 142 48.25 16.21 -4.84
N LEU G 143 48.60 16.40 -6.10
CA LEU G 143 47.88 15.78 -7.19
C LEU G 143 47.88 14.26 -7.03
N GLY G 144 49.06 13.70 -6.77
CA GLY G 144 49.17 12.27 -6.57
C GLY G 144 48.27 11.79 -5.44
N CYS G 145 48.28 12.52 -4.33
CA CYS G 145 47.45 12.16 -3.18
C CYS G 145 45.96 12.20 -3.49
N LEU G 146 45.51 13.26 -4.15
CA LEU G 146 44.11 13.37 -4.49
C LEU G 146 43.71 12.16 -5.33
N ARG G 147 44.58 11.77 -6.26
CA ARG G 147 44.33 10.64 -7.13
C ARG G 147 44.13 9.36 -6.34
N ALA G 148 44.89 9.22 -5.25
CA ALA G 148 44.77 8.05 -4.37
C ALA G 148 43.36 8.06 -3.76
N ILE G 149 42.98 9.23 -3.26
CA ILE G 149 41.67 9.44 -2.66
C ILE G 149 40.59 9.02 -3.68
N VAL G 150 40.80 9.37 -4.93
CA VAL G 150 39.88 8.99 -5.99
C VAL G 150 39.96 7.47 -6.19
N LEU G 151 41.19 6.93 -6.27
CA LEU G 151 41.37 5.50 -6.45
C LEU G 151 40.69 4.68 -5.36
N PHE G 152 40.91 5.07 -4.12
CA PHE G 152 40.33 4.37 -2.98
C PHE G 152 38.90 4.83 -2.68
N ASN G 153 37.99 4.59 -3.60
CA ASN G 153 36.60 4.98 -3.43
C ASN G 153 35.72 3.77 -3.13
N PRO G 154 35.38 3.57 -1.84
CA PRO G 154 34.55 2.46 -1.37
C PRO G 154 33.12 2.43 -1.88
N ASP G 155 32.70 3.49 -2.57
CA ASP G 155 31.34 3.55 -3.12
C ASP G 155 31.19 2.73 -4.40
N SER G 156 32.33 2.28 -4.94
CA SER G 156 32.29 1.49 -6.15
C SER G 156 31.42 0.27 -5.89
N LYS G 157 30.57 -0.06 -6.85
CA LYS G 157 29.71 -1.20 -6.70
C LYS G 157 30.54 -2.43 -7.01
N GLY G 158 30.38 -3.47 -6.19
CA GLY G 158 31.12 -4.69 -6.42
C GLY G 158 32.18 -5.05 -5.40
N LEU G 159 32.69 -4.05 -4.68
CA LEU G 159 33.72 -4.31 -3.69
C LEU G 159 33.46 -5.50 -2.80
N SER G 160 34.53 -6.26 -2.55
CA SER G 160 34.45 -7.43 -1.70
C SER G 160 34.26 -6.95 -0.27
N ASN G 161 35.11 -6.01 0.15
CA ASN G 161 35.00 -5.47 1.50
C ASN G 161 35.42 -4.01 1.57
N PRO G 162 34.47 -3.08 1.38
CA PRO G 162 34.62 -1.63 1.41
C PRO G 162 35.38 -1.05 2.62
N ALA G 163 35.43 -1.83 3.70
CA ALA G 163 36.13 -1.38 4.89
C ALA G 163 37.61 -1.16 4.57
N GLU G 164 38.25 -2.15 3.96
CA GLU G 164 39.66 -2.03 3.59
C GLU G 164 39.86 -0.74 2.81
N VAL G 165 39.07 -0.58 1.76
CA VAL G 165 39.15 0.61 0.92
C VAL G 165 38.96 1.91 1.69
N GLU G 166 37.85 2.04 2.40
CA GLU G 166 37.61 3.25 3.18
C GLU G 166 38.86 3.56 4.00
N ALA G 167 39.39 2.54 4.66
CA ALA G 167 40.58 2.71 5.49
C ALA G 167 41.70 3.39 4.72
N LEU G 168 42.20 2.72 3.68
CA LEU G 168 43.29 3.26 2.86
C LEU G 168 43.05 4.68 2.41
N ARG G 169 41.80 5.02 2.14
CA ARG G 169 41.44 6.36 1.70
C ARG G 169 41.76 7.30 2.86
N GLU G 170 41.36 6.89 4.05
CA GLU G 170 41.60 7.71 5.23
C GLU G 170 43.11 7.86 5.44
N LYS G 171 43.85 6.77 5.37
CA LYS G 171 45.27 6.87 5.55
C LYS G 171 45.83 7.90 4.57
N VAL G 172 45.17 8.08 3.44
CA VAL G 172 45.64 9.07 2.48
C VAL G 172 45.20 10.47 2.93
N TYR G 173 44.03 10.55 3.59
CA TYR G 173 43.53 11.82 4.13
C TYR G 173 44.58 12.24 5.15
N ALA G 174 44.89 11.33 6.06
CA ALA G 174 45.86 11.55 7.12
C ALA G 174 47.23 11.99 6.60
N SER G 175 47.77 11.29 5.60
CA SER G 175 49.07 11.66 5.08
C SER G 175 49.09 13.01 4.36
N LEU G 176 48.11 13.26 3.49
CA LEU G 176 48.05 14.52 2.76
C LEU G 176 47.94 15.75 3.67
N GLU G 177 47.25 15.61 4.80
CA GLU G 177 47.11 16.75 5.70
C GLU G 177 48.48 17.02 6.32
N ALA G 178 49.04 15.99 6.95
CA ALA G 178 50.36 16.09 7.57
C ALA G 178 51.30 16.73 6.56
N TYR G 179 51.24 16.27 5.32
CA TYR G 179 52.09 16.82 4.29
C TYR G 179 51.81 18.29 4.08
N CYS G 180 50.53 18.66 3.97
CA CYS G 180 50.17 20.05 3.76
C CYS G 180 50.53 21.01 4.90
N LYS G 181 50.47 20.51 6.12
CA LYS G 181 50.83 21.34 7.26
C LYS G 181 52.32 21.68 7.23
N HIS G 182 53.14 20.69 6.94
CA HIS G 182 54.59 20.85 6.88
C HIS G 182 55.10 21.63 5.66
N LYS G 183 54.65 21.27 4.46
CA LYS G 183 55.12 21.95 3.27
C LYS G 183 54.50 23.33 3.10
N TYR G 184 53.34 23.54 3.71
CA TYR G 184 52.66 24.83 3.62
C TYR G 184 52.00 25.17 4.97
N PRO G 185 52.81 25.36 6.04
CA PRO G 185 52.25 25.67 7.36
C PRO G 185 51.52 27.01 7.27
N GLU G 186 52.15 27.94 6.57
CA GLU G 186 51.61 29.27 6.34
C GLU G 186 50.16 29.15 5.87
N GLN G 187 49.80 28.00 5.32
CA GLN G 187 48.45 27.76 4.82
C GLN G 187 47.77 26.65 5.61
N PRO G 188 46.90 27.03 6.57
CA PRO G 188 46.20 26.02 7.38
C PRO G 188 44.95 25.47 6.68
N GLY G 189 44.43 26.22 5.70
CA GLY G 189 43.26 25.76 4.99
C GLY G 189 43.68 25.20 3.65
N ARG G 190 44.76 24.41 3.69
CA ARG G 190 45.34 23.78 2.50
C ARG G 190 44.71 22.41 2.21
N PHE G 191 44.78 21.52 3.20
CA PHE G 191 44.24 20.17 3.09
C PHE G 191 42.78 20.18 2.68
N ALA G 192 42.16 21.35 2.77
CA ALA G 192 40.76 21.47 2.42
C ALA G 192 40.66 22.00 0.98
N LYS G 193 41.39 23.07 0.70
CA LYS G 193 41.33 23.65 -0.64
C LYS G 193 41.61 22.57 -1.68
N LEU G 194 42.38 21.54 -1.28
CA LEU G 194 42.70 20.43 -2.17
C LEU G 194 41.48 19.54 -2.32
N LEU G 195 41.06 18.92 -1.22
CA LEU G 195 39.90 18.05 -1.25
C LEU G 195 38.70 18.71 -1.93
N LEU G 196 38.57 20.03 -1.76
CA LEU G 196 37.45 20.76 -2.35
C LEU G 196 37.39 20.76 -3.86
N ARG G 197 38.44 20.23 -4.49
CA ARG G 197 38.49 20.14 -5.96
C ARG G 197 37.84 18.83 -6.43
N LEU G 198 37.89 17.80 -5.58
CA LEU G 198 37.33 16.50 -5.91
C LEU G 198 35.87 16.58 -6.40
N PRO G 199 35.03 17.41 -5.77
CA PRO G 199 33.64 17.49 -6.25
C PRO G 199 33.52 18.04 -7.67
N ALA G 200 34.35 19.01 -8.02
CA ALA G 200 34.30 19.55 -9.37
C ALA G 200 34.82 18.45 -10.31
N LEU G 201 35.79 17.69 -9.84
CA LEU G 201 36.35 16.63 -10.65
C LEU G 201 35.28 15.57 -10.94
N ARG G 202 34.46 15.29 -9.93
CA ARG G 202 33.42 14.30 -10.08
C ARG G 202 32.32 14.77 -11.01
N SER G 203 31.99 16.05 -10.93
CA SER G 203 30.95 16.56 -11.82
C SER G 203 31.44 16.53 -13.25
N ILE G 204 32.69 16.93 -13.47
CA ILE G 204 33.23 16.91 -14.82
C ILE G 204 33.32 15.45 -15.30
N GLY G 205 33.90 14.59 -14.49
CA GLY G 205 34.01 13.19 -14.86
C GLY G 205 32.68 12.59 -15.30
N LEU G 206 31.67 12.71 -14.43
CA LEU G 206 30.33 12.19 -14.72
C LEU G 206 29.74 12.78 -15.99
N LYS G 207 30.08 14.02 -16.28
CA LYS G 207 29.55 14.68 -17.47
C LYS G 207 30.05 14.02 -18.73
N CYS G 208 31.32 13.62 -18.70
CA CYS G 208 31.97 12.99 -19.83
C CYS G 208 31.49 11.58 -20.18
N LEU G 209 30.89 10.88 -19.22
CA LEU G 209 30.41 9.55 -19.49
C LEU G 209 28.97 9.60 -19.98
N GLU G 210 28.57 10.73 -20.55
CA GLU G 210 27.21 10.88 -21.07
C GLU G 210 27.17 10.74 -22.58
N HIS G 211 26.11 10.13 -23.11
CA HIS G 211 26.02 9.97 -24.56
C HIS G 211 25.63 11.31 -25.18
N LEU G 212 26.12 11.55 -26.39
CA LEU G 212 25.91 12.79 -27.11
C LEU G 212 24.57 13.44 -26.88
N PHE G 213 23.49 12.69 -26.97
CA PHE G 213 22.20 13.34 -26.74
C PHE G 213 22.22 14.04 -25.38
N PHE G 214 22.34 13.26 -24.31
CA PHE G 214 22.35 13.80 -22.94
C PHE G 214 23.41 14.87 -22.77
N PHE G 215 24.62 14.56 -23.21
CA PHE G 215 25.74 15.47 -23.10
C PHE G 215 25.34 16.88 -23.49
N LYS G 216 24.86 17.01 -24.73
CA LYS G 216 24.45 18.27 -25.32
C LYS G 216 23.18 18.88 -24.71
N LEU G 217 22.39 18.03 -24.06
CA LEU G 217 21.13 18.42 -23.45
C LEU G 217 21.24 19.23 -22.16
N ILE G 218 22.28 18.94 -21.38
CA ILE G 218 22.50 19.62 -20.10
C ILE G 218 22.17 21.13 -20.15
N GLY G 219 21.97 21.72 -18.97
CA GLY G 219 21.69 23.14 -18.87
C GLY G 219 20.46 23.68 -19.55
N ASP G 220 19.65 24.40 -18.78
CA ASP G 220 18.43 25.02 -19.26
C ASP G 220 18.78 26.48 -19.60
N THR G 221 17.93 27.41 -19.17
CA THR G 221 18.15 28.82 -19.46
C THR G 221 17.63 29.80 -18.39
N PRO G 222 18.31 30.94 -18.21
CA PRO G 222 17.96 31.98 -17.25
C PRO G 222 16.99 33.01 -17.86
N ILE G 223 16.20 33.69 -17.02
CA ILE G 223 15.26 34.69 -17.50
C ILE G 223 14.75 35.58 -16.37
N ASP G 224 13.43 35.81 -16.38
CA ASP G 224 12.68 36.58 -15.38
C ASP G 224 11.94 35.40 -14.70
N THR G 225 12.49 34.88 -13.61
CA THR G 225 11.93 33.69 -12.96
C THR G 225 11.23 33.73 -11.62
N PHE G 226 10.73 32.56 -11.24
CA PHE G 226 10.03 32.33 -9.98
C PHE G 226 11.06 32.45 -8.87
N LEU G 227 12.30 32.14 -9.18
CA LEU G 227 13.36 32.24 -8.20
C LEU G 227 13.55 33.71 -7.83
N MET G 228 13.64 34.57 -8.84
CA MET G 228 13.80 35.99 -8.57
C MET G 228 12.72 36.38 -7.57
N GLU G 229 11.49 36.00 -7.90
CA GLU G 229 10.33 36.27 -7.06
C GLU G 229 10.58 35.84 -5.61
N MET G 230 10.89 34.56 -5.42
CA MET G 230 11.13 34.00 -4.10
C MET G 230 12.21 34.78 -3.34
N LEU G 231 13.23 35.27 -4.05
CA LEU G 231 14.30 36.03 -3.42
C LEU G 231 13.87 37.42 -2.98
N GLU G 232 12.65 37.81 -3.34
CA GLU G 232 12.12 39.12 -2.97
C GLU G 232 10.78 38.91 -2.28
N ALA G 233 10.78 38.40 -1.05
CA ALA G 233 9.52 38.16 -0.35
C ALA G 233 9.43 38.63 1.12
N VAL H 1 43.29 24.16 18.78
CA VAL H 1 42.27 24.70 17.83
C VAL H 1 40.87 24.81 18.46
N GLN H 2 40.44 26.05 18.73
CA GLN H 2 39.11 26.30 19.31
C GLN H 2 38.33 27.28 18.42
N LEU H 3 37.06 27.49 18.73
CA LEU H 3 36.22 28.39 17.95
C LEU H 3 36.58 29.85 18.27
N SER H 4 36.44 30.73 17.28
CA SER H 4 36.74 32.13 17.49
C SER H 4 35.42 32.90 17.58
N PRO H 5 35.41 34.03 18.31
CA PRO H 5 34.17 34.81 18.44
C PRO H 5 33.43 34.87 17.13
N GLU H 6 34.16 35.24 16.08
CA GLU H 6 33.63 35.34 14.73
C GLU H 6 32.93 34.07 14.23
N GLN H 7 33.55 32.94 14.48
CA GLN H 7 33.04 31.64 14.06
C GLN H 7 31.85 31.21 14.90
N LEU H 8 32.02 31.23 16.22
CA LEU H 8 30.93 30.84 17.11
C LEU H 8 29.69 31.62 16.75
N GLY H 9 29.87 32.91 16.49
CA GLY H 9 28.74 33.72 16.10
C GLY H 9 28.10 33.16 14.86
N MET H 10 28.93 32.94 13.84
CA MET H 10 28.47 32.39 12.57
C MET H 10 27.68 31.09 12.70
N ILE H 11 28.25 30.11 13.40
CA ILE H 11 27.58 28.84 13.55
C ILE H 11 26.15 28.97 14.08
N GLU H 12 26.00 29.60 15.24
CA GLU H 12 24.68 29.76 15.82
C GLU H 12 23.71 30.62 14.99
N LYS H 13 24.24 31.63 14.32
CA LYS H 13 23.40 32.47 13.48
C LYS H 13 22.82 31.54 12.41
N LEU H 14 23.59 30.52 12.05
CA LEU H 14 23.15 29.54 11.07
C LEU H 14 22.08 28.72 11.73
N VAL H 15 22.50 27.93 12.71
CA VAL H 15 21.62 27.06 13.48
C VAL H 15 20.30 27.72 13.83
N ALA H 16 20.32 29.04 14.03
CA ALA H 16 19.11 29.76 14.36
C ALA H 16 18.20 29.79 13.13
N ALA H 17 18.80 30.11 11.99
CA ALA H 17 18.07 30.18 10.72
C ALA H 17 17.42 28.85 10.34
N GLN H 18 18.15 27.75 10.48
CA GLN H 18 17.62 26.45 10.16
C GLN H 18 16.35 26.16 10.96
N GLN H 19 16.27 26.75 12.15
CA GLN H 19 15.11 26.55 13.00
C GLN H 19 14.00 27.52 12.59
N GLN H 20 14.38 28.75 12.26
CA GLN H 20 13.42 29.76 11.85
C GLN H 20 12.71 29.31 10.57
N CYS H 21 13.50 29.11 9.51
CA CYS H 21 12.97 28.69 8.21
C CYS H 21 12.25 27.36 8.33
N ASN H 22 12.69 26.55 9.29
CA ASN H 22 12.08 25.25 9.53
C ASN H 22 10.63 25.42 9.98
N ARG H 23 10.41 26.36 10.89
CA ARG H 23 9.07 26.61 11.39
C ARG H 23 8.24 27.47 10.44
N ARG H 24 8.86 28.45 9.78
CA ARG H 24 8.14 29.29 8.84
C ARG H 24 7.59 28.43 7.71
N SER H 25 7.89 27.14 7.79
CA SER H 25 7.47 26.17 6.79
C SER H 25 6.40 25.20 7.31
N PHE H 26 5.65 25.64 8.32
CA PHE H 26 4.58 24.81 8.89
C PHE H 26 3.19 25.45 8.78
N SER H 27 3.05 26.31 7.77
CA SER H 27 1.79 27.01 7.47
C SER H 27 1.48 26.66 6.02
N ASP H 28 2.54 26.43 5.26
CA ASP H 28 2.44 26.05 3.85
C ASP H 28 2.27 24.53 3.84
N ARG H 29 2.51 23.95 5.01
CA ARG H 29 2.36 22.51 5.22
C ARG H 29 0.86 22.27 5.26
N LEU H 30 0.13 23.37 5.29
CA LEU H 30 -1.33 23.38 5.33
C LEU H 30 -1.84 23.54 3.89
N ARG H 31 -1.08 22.98 2.94
CA ARG H 31 -1.43 23.07 1.53
C ARG H 31 -0.94 21.80 0.81
N VAL H 32 -0.24 20.95 1.54
CA VAL H 32 0.28 19.70 1.00
C VAL H 32 -0.82 18.67 0.78
N THR H 33 -1.11 18.39 -0.49
CA THR H 33 -2.13 17.41 -0.84
C THR H 33 -1.89 16.12 -0.05
N PRO H 34 -2.81 15.79 0.86
CA PRO H 34 -2.67 14.57 1.68
C PRO H 34 -2.20 13.37 0.89
N TRP H 35 -1.44 12.50 1.56
CA TRP H 35 -0.90 11.29 0.94
C TRP H 35 -1.99 10.24 0.77
N PRO H 36 -2.15 9.74 -0.47
CA PRO H 36 -3.13 8.72 -0.89
C PRO H 36 -3.29 7.51 0.04
N ILE H 37 -4.50 6.94 0.03
CA ILE H 37 -4.82 5.79 0.86
C ILE H 37 -4.98 4.50 0.02
N ALA H 38 -6.14 4.34 -0.61
CA ALA H 38 -6.48 3.17 -1.43
C ALA H 38 -5.30 2.38 -2.05
N PRO H 39 -5.23 1.07 -1.78
CA PRO H 39 -4.15 0.20 -2.30
C PRO H 39 -4.33 -0.20 -3.77
N ASP H 40 -4.10 0.77 -4.66
CA ASP H 40 -4.23 0.54 -6.10
C ASP H 40 -2.89 -0.01 -6.61
N PRO H 41 -2.84 -1.29 -7.03
CA PRO H 41 -1.60 -1.90 -7.53
C PRO H 41 -0.99 -1.27 -8.79
N GLN H 42 -1.78 -0.51 -9.53
CA GLN H 42 -1.30 0.13 -10.76
C GLN H 42 -2.25 1.26 -11.16
N SER H 43 -2.62 2.09 -10.18
CA SER H 43 -3.53 3.20 -10.43
C SER H 43 -2.87 4.35 -11.20
N ARG H 44 -3.24 4.51 -12.46
CA ARG H 44 -2.70 5.57 -13.32
C ARG H 44 -3.26 6.92 -12.88
N GLU H 45 -4.01 6.93 -11.77
CA GLU H 45 -4.61 8.16 -11.27
C GLU H 45 -4.34 8.41 -9.78
N ALA H 46 -4.05 7.34 -9.03
CA ALA H 46 -3.74 7.48 -7.61
C ALA H 46 -2.24 7.74 -7.59
N ARG H 47 -1.57 7.22 -8.62
CA ARG H 47 -0.14 7.37 -8.81
C ARG H 47 0.11 8.87 -8.95
N GLN H 48 -0.95 9.62 -9.24
CA GLN H 48 -0.86 11.07 -9.44
C GLN H 48 -0.90 11.89 -8.16
N GLN H 49 -1.72 11.50 -7.21
CA GLN H 49 -1.83 12.25 -5.96
C GLN H 49 -0.53 12.17 -5.15
N ARG H 50 0.00 10.96 -5.00
CA ARG H 50 1.24 10.78 -4.26
C ARG H 50 2.32 11.67 -4.88
N PHE H 51 2.24 11.81 -6.20
CA PHE H 51 3.17 12.63 -6.96
C PHE H 51 3.05 14.08 -6.53
N ALA H 52 1.85 14.62 -6.59
CA ALA H 52 1.61 16.02 -6.21
C ALA H 52 2.09 16.27 -4.80
N HIS H 53 1.95 15.24 -3.96
CA HIS H 53 2.38 15.34 -2.57
C HIS H 53 3.89 15.52 -2.51
N PHE H 54 4.62 14.60 -3.15
CA PHE H 54 6.06 14.66 -3.15
C PHE H 54 6.56 15.95 -3.78
N THR H 55 5.99 16.32 -4.91
CA THR H 55 6.41 17.55 -5.57
C THR H 55 6.09 18.79 -4.75
N GLU H 56 4.92 18.79 -4.10
CA GLU H 56 4.51 19.92 -3.28
C GLU H 56 5.47 20.06 -2.11
N LEU H 57 5.97 18.94 -1.60
CA LEU H 57 6.92 18.98 -0.51
C LEU H 57 8.28 19.48 -1.03
N ALA H 58 8.51 19.33 -2.33
CA ALA H 58 9.77 19.79 -2.91
C ALA H 58 9.73 21.31 -3.00
N ILE H 59 8.56 21.84 -3.32
CA ILE H 59 8.39 23.29 -3.43
C ILE H 59 8.56 23.96 -2.08
N VAL H 60 7.99 23.35 -1.04
CA VAL H 60 8.10 23.91 0.30
C VAL H 60 9.57 23.84 0.69
N SER H 61 10.27 22.88 0.11
CA SER H 61 11.69 22.71 0.37
C SER H 61 12.53 23.82 -0.27
N VAL H 62 12.16 24.21 -1.50
CA VAL H 62 12.87 25.26 -2.19
C VAL H 62 12.65 26.61 -1.50
N GLN H 63 11.43 26.83 -1.02
CA GLN H 63 11.07 28.09 -0.33
C GLN H 63 11.88 28.15 0.95
N GLU H 64 11.89 27.01 1.63
CA GLU H 64 12.62 26.86 2.87
C GLU H 64 14.14 27.06 2.69
N ILE H 65 14.65 26.65 1.51
CA ILE H 65 16.08 26.78 1.19
C ILE H 65 16.44 28.23 0.84
N VAL H 66 15.49 28.97 0.27
CA VAL H 66 15.73 30.36 -0.11
C VAL H 66 15.76 31.23 1.14
N ASP H 67 14.92 30.91 2.11
CA ASP H 67 14.89 31.66 3.37
C ASP H 67 16.30 31.56 3.95
N PHE H 68 16.79 30.32 3.98
CA PHE H 68 18.12 30.02 4.53
C PHE H 68 19.23 30.83 3.87
N ALA H 69 19.38 30.70 2.55
CA ALA H 69 20.42 31.43 1.84
C ALA H 69 20.44 32.89 2.26
N LYS H 70 19.27 33.52 2.25
CA LYS H 70 19.15 34.93 2.63
C LYS H 70 19.77 35.21 4.00
N GLN H 71 19.66 34.23 4.89
CA GLN H 71 20.22 34.36 6.23
C GLN H 71 21.74 34.15 6.20
N LEU H 72 22.26 33.71 5.06
CA LEU H 72 23.70 33.47 4.92
C LEU H 72 24.46 34.77 4.65
N PRO H 73 25.34 35.15 5.58
CA PRO H 73 26.14 36.37 5.43
C PRO H 73 26.83 36.44 4.09
N GLY H 74 26.62 37.54 3.38
CA GLY H 74 27.23 37.73 2.08
C GLY H 74 26.40 37.21 0.91
N PHE H 75 25.52 36.25 1.18
CA PHE H 75 24.69 35.70 0.11
C PHE H 75 23.99 36.83 -0.63
N LEU H 76 23.27 37.65 0.13
CA LEU H 76 22.53 38.77 -0.47
C LEU H 76 23.45 39.89 -0.93
N GLN H 77 24.75 39.74 -0.66
CA GLN H 77 25.75 40.71 -1.07
C GLN H 77 26.25 40.40 -2.49
N LEU H 78 25.95 39.21 -2.98
CA LEU H 78 26.35 38.82 -4.34
C LEU H 78 25.30 39.42 -5.24
N SER H 79 25.41 39.22 -6.55
CA SER H 79 24.42 39.76 -7.45
C SER H 79 23.17 38.87 -7.40
N ARG H 80 22.08 39.30 -8.00
CA ARG H 80 20.87 38.48 -7.98
C ARG H 80 21.14 37.20 -8.78
N GLU H 81 21.63 37.38 -10.01
CA GLU H 81 21.95 36.26 -10.90
C GLU H 81 22.78 35.19 -10.18
N ASP H 82 23.75 35.62 -9.37
CA ASP H 82 24.57 34.68 -8.63
C ASP H 82 23.73 33.97 -7.59
N GLN H 83 22.93 34.74 -6.88
CA GLN H 83 22.06 34.18 -5.85
C GLN H 83 21.17 33.11 -6.49
N ILE H 84 20.71 33.39 -7.71
CA ILE H 84 19.86 32.46 -8.44
C ILE H 84 20.70 31.23 -8.79
N ALA H 85 21.90 31.49 -9.33
CA ALA H 85 22.82 30.46 -9.74
C ALA H 85 23.07 29.44 -8.64
N LEU H 86 23.63 29.90 -7.54
CA LEU H 86 23.92 29.02 -6.41
C LEU H 86 22.73 28.13 -6.03
N LEU H 87 21.58 28.74 -5.76
CA LEU H 87 20.36 28.02 -5.36
C LEU H 87 19.82 27.02 -6.38
N LYS H 88 19.81 27.43 -7.65
CA LYS H 88 19.30 26.61 -8.73
C LYS H 88 19.84 25.19 -8.72
N THR H 89 21.16 25.05 -8.62
CA THR H 89 21.74 23.72 -8.64
C THR H 89 22.23 23.24 -7.28
N SER H 90 22.13 24.09 -6.25
CA SER H 90 22.51 23.69 -4.90
C SER H 90 21.27 23.02 -4.32
N ALA H 91 20.11 23.62 -4.63
CA ALA H 91 18.83 23.12 -4.17
C ALA H 91 18.80 21.59 -4.01
N ILE H 92 18.91 20.88 -5.13
CA ILE H 92 18.87 19.41 -5.12
C ILE H 92 19.79 18.80 -4.05
N GLU H 93 21.01 19.34 -3.95
CA GLU H 93 21.96 18.84 -2.99
C GLU H 93 21.50 19.10 -1.57
N VAL H 94 21.02 20.32 -1.31
CA VAL H 94 20.55 20.66 0.03
C VAL H 94 19.39 19.73 0.36
N MET H 95 18.44 19.58 -0.55
CA MET H 95 17.32 18.67 -0.32
C MET H 95 17.84 17.30 0.09
N LEU H 96 18.91 16.86 -0.57
CA LEU H 96 19.51 15.57 -0.26
C LEU H 96 20.08 15.59 1.14
N LEU H 97 20.70 16.72 1.50
CA LEU H 97 21.26 16.87 2.84
C LEU H 97 20.14 16.84 3.87
N GLU H 98 19.03 17.50 3.56
CA GLU H 98 17.88 17.53 4.46
C GLU H 98 17.20 16.18 4.57
N THR H 99 17.17 15.44 3.49
CA THR H 99 16.53 14.12 3.55
C THR H 99 17.35 13.20 4.44
N SER H 100 18.67 13.26 4.28
CA SER H 100 19.56 12.43 5.07
C SER H 100 19.41 12.76 6.55
N ARG H 101 19.19 14.05 6.83
CA ARG H 101 19.02 14.57 8.20
C ARG H 101 17.77 14.02 8.87
N ARG H 102 16.68 13.95 8.12
CA ARG H 102 15.41 13.43 8.63
C ARG H 102 15.33 11.92 8.38
N TYR H 103 16.41 11.22 8.66
CA TYR H 103 16.45 9.78 8.44
C TYR H 103 16.27 8.97 9.72
N ASN H 104 15.44 7.93 9.64
CA ASN H 104 15.18 7.05 10.78
C ASN H 104 15.83 5.70 10.49
N PRO H 105 17.01 5.45 11.06
CA PRO H 105 17.75 4.21 10.87
C PRO H 105 16.97 2.94 11.16
N GLY H 106 16.11 3.00 12.17
CA GLY H 106 15.32 1.84 12.55
C GLY H 106 14.26 1.42 11.53
N SER H 107 13.37 2.33 11.20
CA SER H 107 12.29 2.06 10.25
C SER H 107 12.70 2.17 8.79
N GLU H 108 13.98 2.47 8.54
CA GLU H 108 14.51 2.63 7.19
C GLU H 108 13.57 3.54 6.41
N SER H 109 13.43 4.78 6.90
CA SER H 109 12.53 5.74 6.27
C SER H 109 12.82 7.18 6.66
N ILE H 110 12.41 8.11 5.79
CA ILE H 110 12.61 9.54 6.02
C ILE H 110 11.32 10.21 6.49
N THR H 111 11.43 11.17 7.39
CA THR H 111 10.27 11.88 7.89
C THR H 111 10.33 13.37 7.55
N PHE H 112 9.63 13.76 6.48
CA PHE H 112 9.59 15.14 6.03
C PHE H 112 8.64 16.01 6.82
N LEU H 113 9.19 17.09 7.39
CA LEU H 113 8.42 18.03 8.19
C LEU H 113 7.87 17.41 9.49
N LYS H 114 8.81 16.87 10.28
CA LYS H 114 8.53 16.25 11.58
C LYS H 114 7.21 15.47 11.79
N ASP H 115 6.99 14.42 10.99
CA ASP H 115 5.80 13.58 11.12
C ASP H 115 5.47 12.71 9.90
N PHE H 116 5.64 13.28 8.71
CA PHE H 116 5.38 12.57 7.45
C PHE H 116 6.43 11.49 7.19
N SER H 117 6.28 10.32 7.81
CA SER H 117 7.24 9.24 7.62
C SER H 117 7.11 8.57 6.26
N TYR H 118 8.18 8.61 5.46
CA TYR H 118 8.20 8.00 4.13
C TYR H 118 9.37 7.02 3.92
N ASN H 119 9.09 5.90 3.26
CA ASN H 119 10.08 4.86 3.03
C ASN H 119 10.48 4.62 1.58
N ARG H 120 11.45 3.72 1.40
CA ARG H 120 11.95 3.34 0.08
C ARG H 120 10.79 3.01 -0.84
N GLU H 121 9.70 2.49 -0.27
CA GLU H 121 8.53 2.11 -1.04
C GLU H 121 7.62 3.30 -1.35
N ASP H 122 7.35 4.13 -0.35
CA ASP H 122 6.50 5.30 -0.56
C ASP H 122 7.13 6.11 -1.69
N PHE H 123 8.45 6.27 -1.64
CA PHE H 123 9.19 7.00 -2.67
C PHE H 123 8.83 6.44 -4.04
N ALA H 124 8.81 5.12 -4.15
CA ALA H 124 8.47 4.46 -5.41
C ALA H 124 7.06 4.85 -5.83
N LYS H 125 6.08 4.54 -4.99
CA LYS H 125 4.70 4.85 -5.30
C LYS H 125 4.50 6.35 -5.56
N ALA H 126 5.59 7.11 -5.50
CA ALA H 126 5.52 8.55 -5.74
C ALA H 126 6.06 8.91 -7.11
N GLY H 127 6.68 7.95 -7.80
CA GLY H 127 7.20 8.24 -9.12
C GLY H 127 8.71 8.16 -9.24
N LEU H 128 9.39 8.01 -8.12
CA LEU H 128 10.85 7.92 -8.13
C LEU H 128 11.28 6.52 -8.55
N GLN H 129 12.36 6.46 -9.31
CA GLN H 129 12.91 5.21 -9.82
C GLN H 129 13.81 4.56 -8.77
N VAL H 130 14.03 3.25 -8.90
CA VAL H 130 14.87 2.54 -7.95
C VAL H 130 16.32 3.04 -7.97
N GLU H 131 16.85 3.34 -9.16
CA GLU H 131 18.24 3.77 -9.28
C GLU H 131 18.58 5.13 -8.67
N PHE H 132 17.59 5.77 -8.07
CA PHE H 132 17.79 7.05 -7.42
C PHE H 132 17.38 6.90 -5.96
N ILE H 133 16.28 6.18 -5.75
CA ILE H 133 15.75 5.94 -4.41
C ILE H 133 16.78 5.21 -3.56
N ASN H 134 17.23 4.05 -4.05
CA ASN H 134 18.23 3.28 -3.33
C ASN H 134 19.45 4.12 -3.01
N PRO H 135 20.00 4.82 -4.02
CA PRO H 135 21.17 5.65 -3.76
C PRO H 135 20.90 6.71 -2.67
N ILE H 136 19.67 7.24 -2.64
CA ILE H 136 19.29 8.24 -1.63
C ILE H 136 19.33 7.67 -0.20
N PHE H 137 18.79 6.47 -0.02
CA PHE H 137 18.78 5.84 1.29
C PHE H 137 20.18 5.38 1.68
N GLU H 138 20.99 5.05 0.68
CA GLU H 138 22.35 4.64 0.98
C GLU H 138 23.03 5.88 1.55
N PHE H 139 22.97 6.98 0.82
CA PHE H 139 23.58 8.21 1.27
C PHE H 139 23.13 8.59 2.67
N SER H 140 21.82 8.52 2.90
CA SER H 140 21.26 8.86 4.21
C SER H 140 21.84 7.93 5.26
N ARG H 141 21.53 6.65 5.15
CA ARG H 141 22.04 5.66 6.08
C ARG H 141 23.53 5.92 6.39
N ALA H 142 24.27 6.44 5.41
CA ALA H 142 25.68 6.76 5.59
C ALA H 142 25.82 8.01 6.45
N MET H 143 25.19 9.10 6.02
CA MET H 143 25.23 10.34 6.80
C MET H 143 24.79 9.99 8.21
N ASN H 144 23.85 9.06 8.29
CA ASN H 144 23.32 8.57 9.55
C ASN H 144 24.42 8.25 10.53
N GLU H 145 25.33 7.37 10.13
CA GLU H 145 26.42 6.95 10.98
C GLU H 145 27.32 8.09 11.42
N LEU H 146 27.48 9.12 10.60
CA LEU H 146 28.33 10.23 10.99
C LEU H 146 27.87 10.85 12.30
N GLN H 147 26.56 10.77 12.55
CA GLN H 147 25.99 11.32 13.76
C GLN H 147 26.23 12.81 13.85
N LEU H 148 25.81 13.54 12.83
CA LEU H 148 25.99 14.98 12.83
C LEU H 148 24.86 15.64 13.61
N ASN H 149 25.03 16.93 13.94
CA ASN H 149 24.02 17.68 14.68
C ASN H 149 23.72 19.00 13.97
N ASP H 150 22.69 19.68 14.43
CA ASP H 150 22.27 20.96 13.86
C ASP H 150 23.42 21.77 13.26
N ALA H 151 24.36 22.19 14.09
CA ALA H 151 25.46 23.00 13.62
C ALA H 151 26.18 22.33 12.44
N GLU H 152 26.65 21.12 12.65
CA GLU H 152 27.36 20.38 11.63
C GLU H 152 26.55 20.26 10.32
N PHE H 153 25.28 19.90 10.40
CA PHE H 153 24.45 19.80 9.21
C PHE H 153 24.37 21.17 8.53
N ALA H 154 24.07 22.18 9.33
CA ALA H 154 23.94 23.55 8.83
C ALA H 154 25.20 23.98 8.10
N LEU H 155 26.37 23.71 8.68
CA LEU H 155 27.61 24.10 8.05
C LEU H 155 27.81 23.47 6.68
N LEU H 156 27.49 22.18 6.57
CA LEU H 156 27.65 21.48 5.30
C LEU H 156 26.81 22.20 4.26
N ILE H 157 25.50 22.32 4.54
CA ILE H 157 24.58 23.02 3.63
C ILE H 157 25.17 24.33 3.17
N ALA H 158 25.60 25.13 4.14
CA ALA H 158 26.18 26.45 3.85
C ALA H 158 27.27 26.33 2.80
N ILE H 159 28.18 25.40 3.02
CA ILE H 159 29.30 25.19 2.13
C ILE H 159 28.79 24.76 0.75
N SER H 160 27.85 23.83 0.74
CA SER H 160 27.29 23.36 -0.52
C SER H 160 26.64 24.49 -1.31
N ILE H 161 26.02 25.44 -0.61
CA ILE H 161 25.37 26.55 -1.26
C ILE H 161 26.34 27.56 -1.85
N PHE H 162 27.55 27.60 -1.31
CA PHE H 162 28.57 28.53 -1.81
C PHE H 162 29.64 27.82 -2.64
N SER H 163 29.26 27.37 -3.84
CA SER H 163 30.18 26.68 -4.73
C SER H 163 30.37 27.39 -6.06
N ALA H 164 31.57 27.94 -6.28
CA ALA H 164 31.88 28.65 -7.51
C ALA H 164 31.75 27.76 -8.76
N ASP H 165 32.06 26.47 -8.63
CA ASP H 165 31.98 25.54 -9.76
C ASP H 165 30.58 25.32 -10.29
N ARG H 166 29.61 26.05 -9.73
CA ARG H 166 28.23 25.92 -10.18
C ARG H 166 28.13 26.54 -11.57
N PRO H 167 27.04 26.26 -12.29
CA PRO H 167 26.86 26.82 -13.63
C PRO H 167 26.36 28.28 -13.60
N ASN H 168 26.99 29.14 -14.41
CA ASN H 168 26.64 30.56 -14.57
C ASN H 168 27.12 31.56 -13.52
N VAL H 169 27.76 31.09 -12.47
CA VAL H 169 28.27 32.01 -11.45
C VAL H 169 29.25 33.02 -12.06
N GLN H 170 29.31 34.22 -11.49
CA GLN H 170 30.23 35.24 -11.99
C GLN H 170 31.35 35.50 -10.98
N ASP H 171 31.00 36.13 -9.87
CA ASP H 171 31.99 36.46 -8.85
C ASP H 171 32.44 35.19 -8.13
N GLN H 172 33.19 34.34 -8.84
CA GLN H 172 33.65 33.09 -8.28
C GLN H 172 34.66 33.29 -7.15
N LEU H 173 35.49 34.33 -7.29
CA LEU H 173 36.52 34.62 -6.31
C LEU H 173 35.90 34.85 -4.94
N GLN H 174 34.76 35.55 -4.92
CA GLN H 174 34.03 35.89 -3.70
C GLN H 174 33.28 34.68 -3.12
N VAL H 175 32.56 33.95 -3.98
CA VAL H 175 31.83 32.78 -3.53
C VAL H 175 32.79 31.81 -2.82
N GLU H 176 33.96 31.58 -3.40
CA GLU H 176 34.92 30.65 -2.77
C GLU H 176 35.40 31.22 -1.43
N ARG H 177 35.69 32.51 -1.41
CA ARG H 177 36.15 33.16 -0.18
C ARG H 177 35.11 32.89 0.89
N LEU H 178 33.87 33.25 0.60
CA LEU H 178 32.77 33.02 1.51
C LEU H 178 32.86 31.57 2.00
N GLN H 179 32.96 30.63 1.06
CA GLN H 179 33.03 29.21 1.41
C GLN H 179 34.19 28.84 2.32
N HIS H 180 35.37 29.40 2.09
CA HIS H 180 36.54 29.09 2.92
C HIS H 180 36.22 29.37 4.39
N THR H 181 35.40 30.40 4.60
CA THR H 181 34.98 30.84 5.93
C THR H 181 34.18 29.77 6.66
N TYR H 182 33.22 29.19 5.96
CA TYR H 182 32.38 28.15 6.53
C TYR H 182 33.15 26.84 6.60
N VAL H 183 34.17 26.71 5.75
CA VAL H 183 34.94 25.48 5.76
C VAL H 183 35.90 25.51 6.94
N GLU H 184 36.52 26.66 7.20
CA GLU H 184 37.40 26.70 8.35
C GLU H 184 36.55 26.57 9.61
N ALA H 185 35.46 27.32 9.66
CA ALA H 185 34.55 27.28 10.79
C ALA H 185 34.15 25.83 11.10
N LEU H 186 33.67 25.12 10.09
CA LEU H 186 33.26 23.73 10.29
C LEU H 186 34.39 22.89 10.86
N HIS H 187 35.59 23.13 10.34
CA HIS H 187 36.78 22.40 10.75
C HIS H 187 37.04 22.61 12.24
N ALA H 188 37.08 23.87 12.66
CA ALA H 188 37.29 24.20 14.06
C ALA H 188 36.22 23.46 14.87
N TYR H 189 34.97 23.82 14.63
CA TYR H 189 33.86 23.20 15.31
C TYR H 189 34.06 21.70 15.53
N VAL H 190 34.11 20.94 14.43
CA VAL H 190 34.28 19.50 14.49
C VAL H 190 35.49 18.98 15.30
N SER H 191 36.61 19.70 15.24
CA SER H 191 37.79 19.27 15.97
C SER H 191 37.45 19.12 17.44
N ILE H 192 36.63 20.06 17.92
CA ILE H 192 36.18 20.09 19.31
C ILE H 192 35.10 19.07 19.57
N ASN H 193 34.02 19.13 18.80
CA ASN H 193 32.92 18.20 18.96
C ASN H 193 33.42 16.75 18.86
N HIS H 194 34.60 16.58 18.28
CA HIS H 194 35.21 15.26 18.13
C HIS H 194 36.73 15.43 18.17
N PRO H 195 37.35 15.17 19.32
CA PRO H 195 38.81 15.30 19.48
C PRO H 195 39.58 14.00 19.21
N HIS H 196 38.84 12.92 18.94
CA HIS H 196 39.46 11.64 18.67
C HIS H 196 39.08 11.19 17.27
N ASP H 197 38.82 12.17 16.41
CA ASP H 197 38.45 11.93 15.04
C ASP H 197 38.86 13.11 14.20
N PRO H 198 40.16 13.33 14.02
CA PRO H 198 40.56 14.47 13.20
C PRO H 198 40.14 14.13 11.77
N LEU H 199 39.65 12.91 11.60
CA LEU H 199 39.19 12.39 10.32
C LEU H 199 37.76 12.81 9.98
N MET H 200 37.02 13.27 10.99
CA MET H 200 35.64 13.69 10.77
C MET H 200 35.60 14.83 9.75
N PHE H 201 36.52 15.78 9.88
CA PHE H 201 36.54 16.89 8.95
C PHE H 201 36.55 16.46 7.48
N PRO H 202 37.39 15.46 7.12
CA PRO H 202 37.46 14.99 5.74
C PRO H 202 36.28 14.08 5.42
N ARG H 203 36.00 13.15 6.31
CA ARG H 203 34.90 12.22 6.14
C ARG H 203 33.67 13.04 5.74
N MET H 204 33.61 14.28 6.23
CA MET H 204 32.49 15.17 5.93
C MET H 204 32.62 15.85 4.56
N LEU H 205 33.69 16.59 4.33
CA LEU H 205 33.89 17.29 3.06
C LEU H 205 33.66 16.38 1.86
N MET H 206 34.20 15.18 1.94
CA MET H 206 34.04 14.21 0.87
C MET H 206 32.56 14.02 0.52
N LYS H 207 31.70 14.15 1.53
CA LYS H 207 30.26 14.00 1.30
C LYS H 207 29.82 14.99 0.22
N LEU H 208 30.50 16.12 0.14
CA LEU H 208 30.17 17.09 -0.89
C LEU H 208 30.37 16.43 -2.25
N VAL H 209 31.34 15.52 -2.32
CA VAL H 209 31.64 14.80 -3.55
C VAL H 209 30.54 13.79 -3.88
N SER H 210 30.16 12.96 -2.91
CA SER H 210 29.10 11.99 -3.15
C SER H 210 27.87 12.70 -3.72
N LEU H 211 27.64 13.93 -3.29
CA LEU H 211 26.49 14.72 -3.71
C LEU H 211 26.41 15.11 -5.20
N ARG H 212 27.55 15.21 -5.89
CA ARG H 212 27.51 15.55 -7.30
C ARG H 212 27.01 14.34 -8.09
N THR H 213 27.21 13.18 -7.49
CA THR H 213 26.77 11.94 -8.08
C THR H 213 25.26 11.88 -7.93
N LEU H 214 24.78 11.99 -6.69
CA LEU H 214 23.35 11.93 -6.44
C LEU H 214 22.69 12.96 -7.35
N SER H 215 23.32 14.12 -7.45
CA SER H 215 22.80 15.20 -8.28
C SER H 215 22.67 14.77 -9.74
N SER H 216 23.60 13.91 -10.18
CA SER H 216 23.63 13.41 -11.54
C SER H 216 22.52 12.39 -11.72
N VAL H 217 22.39 11.48 -10.76
CA VAL H 217 21.35 10.46 -10.79
C VAL H 217 19.99 11.15 -10.82
N HIS H 218 19.87 12.24 -10.09
CA HIS H 218 18.60 12.98 -10.04
C HIS H 218 18.32 13.58 -11.39
N SER H 219 19.40 14.01 -12.04
CA SER H 219 19.32 14.60 -13.36
C SER H 219 18.65 13.63 -14.32
N GLU H 220 19.17 12.40 -14.37
CA GLU H 220 18.60 11.39 -15.23
C GLU H 220 17.14 11.17 -14.84
N GLN H 221 16.89 11.03 -13.55
CA GLN H 221 15.53 10.82 -13.04
C GLN H 221 14.55 11.89 -13.56
N VAL H 222 15.01 13.13 -13.66
CA VAL H 222 14.19 14.22 -14.15
C VAL H 222 13.86 14.02 -15.63
N PHE H 223 14.74 13.32 -16.33
CA PHE H 223 14.53 13.02 -17.76
C PHE H 223 13.55 11.87 -17.90
N ALA H 224 13.70 10.87 -17.05
CA ALA H 224 12.80 9.72 -17.07
C ALA H 224 11.37 10.20 -16.84
N LEU H 225 11.19 11.49 -16.59
CA LEU H 225 9.85 12.04 -16.36
C LEU H 225 9.06 12.22 -17.64
N ARG H 226 9.76 12.40 -18.75
CA ARG H 226 9.10 12.56 -20.03
C ARG H 226 8.42 11.25 -20.42
N LEU H 227 9.13 10.13 -20.29
CA LEU H 227 8.60 8.82 -20.64
C LEU H 227 7.69 8.29 -19.56
N GLN H 228 7.62 8.98 -18.45
CA GLN H 228 6.77 8.57 -17.34
C GLN H 228 5.41 9.23 -17.54
N ASP H 229 5.42 10.32 -18.31
CA ASP H 229 4.24 11.10 -18.61
C ASP H 229 3.94 12.24 -17.62
N LYS H 230 4.31 12.07 -16.36
CA LYS H 230 4.09 13.08 -15.33
C LYS H 230 4.67 14.45 -15.73
N LYS H 231 4.47 15.46 -14.89
CA LYS H 231 5.02 16.80 -15.16
C LYS H 231 5.35 17.55 -13.85
N LEU H 232 6.33 18.44 -13.90
CA LEU H 232 6.74 19.14 -12.70
C LEU H 232 6.09 20.52 -12.49
N PRO H 233 5.72 20.83 -11.24
CA PRO H 233 5.09 22.12 -10.89
C PRO H 233 6.05 23.21 -11.34
N PRO H 234 5.56 24.19 -12.11
CA PRO H 234 6.37 25.30 -12.62
C PRO H 234 7.71 25.62 -11.92
N LEU H 235 7.70 25.87 -10.63
CA LEU H 235 8.96 26.19 -9.95
C LEU H 235 10.00 25.09 -10.12
N LEU H 236 9.61 23.84 -9.89
CA LEU H 236 10.53 22.72 -10.03
C LEU H 236 10.98 22.62 -11.49
N SER H 237 10.03 22.65 -12.41
CA SER H 237 10.35 22.59 -13.83
C SER H 237 11.33 23.68 -14.24
N GLU H 238 11.46 24.71 -13.41
CA GLU H 238 12.32 25.84 -13.69
C GLU H 238 13.76 25.75 -13.17
N ILE H 239 14.04 24.74 -12.36
CA ILE H 239 15.38 24.58 -11.80
C ILE H 239 15.99 23.22 -12.15
N TRP H 240 15.16 22.34 -12.71
CA TRP H 240 15.60 21.01 -13.08
C TRP H 240 15.37 20.65 -14.55
N ASP H 241 14.18 20.91 -15.07
CA ASP H 241 13.88 20.57 -16.46
C ASP H 241 14.89 21.19 -17.40
N VAL H 242 15.26 20.42 -18.41
CA VAL H 242 16.21 20.92 -19.37
C VAL H 242 15.74 20.65 -20.77
N HIS H 243 16.09 21.56 -21.66
CA HIS H 243 15.71 21.38 -23.05
C HIS H 243 16.96 21.13 -23.87
N GLU H 244 16.88 21.44 -25.14
CA GLU H 244 18.01 21.18 -26.00
C GLU H 244 17.68 21.74 -27.37
C1 REA I . -35.50 -12.56 27.21
C2 REA I . -35.15 -13.77 28.16
C3 REA I . -36.19 -14.17 29.19
C4 REA I . -36.69 -13.00 29.98
C5 REA I . -37.20 -11.85 29.08
C6 REA I . -36.67 -11.63 27.81
C7 REA I . -37.13 -10.55 26.86
C8 REA I . -38.36 -10.27 26.41
C9 REA I . -38.75 -9.19 25.50
C10 REA I . -40.09 -9.05 25.18
C11 REA I . -41.19 -9.90 25.65
C12 REA I . -42.45 -9.58 25.29
C13 REA I . -43.63 -10.34 25.71
C14 REA I . -44.86 -9.86 25.32
C15 REA I . -46.24 -10.35 25.60
C16 REA I . -35.88 -13.16 25.85
C17 REA I . -34.20 -11.70 27.05
C18 REA I . -38.31 -11.07 29.81
C19 REA I . -37.70 -8.21 24.94
C20 REA I . -43.46 -11.60 26.61
O1 REA I . -47.17 -9.50 25.61
O2 REA I . -46.46 -11.56 25.87
C1 L05 J . -16.60 13.42 38.76
O2 L05 J . -15.26 13.00 39.09
C3 L05 J . -14.63 12.19 38.16
C4 L05 J . -14.97 10.80 38.22
C5 L05 J . -14.39 9.88 37.33
C6 L05 J . -13.44 10.31 36.34
N7 L05 J . -12.81 9.44 35.40
C8 L05 J . -13.23 8.25 34.81
C9 L05 J . -14.43 7.89 34.27
C10 L05 J . -14.33 6.50 33.77
O11 L05 J . -15.23 5.89 33.22
N12 L05 J . -13.07 6.07 34.01
C13 L05 J . -12.56 4.73 33.67
C14 L05 J . -11.96 4.61 32.28
C15 L05 J . -12.37 3.53 31.42
C16 L05 J . -11.82 3.39 30.11
C17 L05 J . -10.86 4.32 29.64
C18 L05 J . -10.44 5.39 30.48
C19 L05 J . -10.99 5.53 31.79
C20 L05 J . -12.34 7.04 34.64
O21 L05 J . -11.17 6.95 34.99
C22 L05 J . -15.65 8.73 34.19
C23 L05 J . -15.61 10.04 33.63
C24 L05 J . -16.78 10.83 33.57
C25 L05 J . -18.01 10.32 34.06
C26 L05 J . -18.07 9.02 34.62
C27 L05 J . -16.89 8.22 34.68
C28 L05 J . -13.11 11.69 36.28
C29 L05 J . -13.69 12.63 37.18
C1 REA K . 23.38 11.52 -32.74
C2 REA K . 24.41 12.12 -33.77
C3 REA K . 23.97 12.26 -35.20
C4 REA K . 23.27 11.05 -35.73
C5 REA K . 22.13 10.58 -34.83
C6 REA K . 22.16 10.79 -33.45
C7 REA K . 21.08 10.36 -32.50
C8 REA K . 19.77 10.63 -32.58
C9 REA K . 18.67 10.23 -31.70
C10 REA K . 17.41 10.63 -32.04
C11 REA K . 17.03 11.44 -33.18
C12 REA K . 15.72 11.68 -33.40
C13 REA K . 15.16 12.48 -34.49
C14 REA K . 13.80 12.55 -34.58
C15 REA K . 12.95 13.22 -35.59
C16 REA K . 22.91 12.71 -31.87
C17 REA K . 24.13 10.49 -31.84
C18 REA K . 21.07 9.89 -35.69
C19 REA K . 18.95 9.37 -30.45
C20 REA K . 16.11 13.17 -35.51
O1 REA K . 11.85 12.70 -35.88
O2 REA K . 13.34 14.26 -36.15
C1 L05 L . 31.95 -20.97 -27.91
O2 L05 L . 33.36 -21.03 -27.99
C3 L05 L . 34.07 -20.18 -27.17
C4 L05 L . 34.33 -18.90 -27.73
C5 L05 L . 35.05 -17.94 -26.98
C6 L05 L . 35.55 -18.22 -25.67
N7 L05 L . 36.26 -17.29 -24.89
C8 L05 L . 36.17 -15.90 -24.79
C9 L05 L . 35.09 -15.04 -24.83
C10 L05 L . 35.61 -13.65 -24.67
O11 L05 L . 34.91 -12.65 -24.66
N12 L05 L . 36.97 -13.74 -24.53
C13 L05 L . 37.86 -12.57 -24.34
C14 L05 L . 37.91 -12.07 -22.90
C15 L05 L . 37.67 -10.71 -22.59
C16 L05 L . 37.71 -10.23 -21.24
C17 L05 L . 38.02 -11.12 -20.18
C18 L05 L . 38.26 -12.48 -20.46
C19 L05 L . 38.22 -12.95 -21.81
C20 L05 L . 37.38 -15.06 -24.59
O21 L05 L . 38.53 -15.48 -24.49
C22 L05 L . 33.65 -15.36 -25.01
C23 L05 L . 33.06 -16.47 -24.33
C24 L05 L . 31.70 -16.78 -24.52
C25 L05 L . 30.90 -15.99 -25.40
C26 L05 L . 31.47 -14.89 -26.07
C27 L05 L . 32.83 -14.57 -25.88
C28 L05 L . 35.28 -19.51 -25.12
C29 L05 L . 34.56 -20.50 -25.86
C1 REA M . -22.16 -18.92 22.60
C2 REA M . -23.26 -20.02 22.46
C3 REA M . -22.77 -21.44 22.45
C4 REA M . -21.79 -21.69 21.34
C5 REA M . -20.72 -20.58 21.19
C6 REA M . -20.87 -19.31 21.76
C7 REA M . -19.87 -18.20 21.66
C8 REA M . -18.58 -18.24 21.95
C9 REA M . -17.60 -17.19 21.85
C10 REA M . -16.30 -17.47 22.19
C11 REA M . -15.78 -18.76 22.66
C12 REA M . -14.46 -18.87 22.89
C13 REA M . -13.77 -20.09 23.33
C14 REA M . -12.42 -20.03 23.47
C15 REA M . -11.44 -21.06 23.86
C16 REA M . -21.81 -18.81 24.10
C17 REA M . -22.73 -17.55 22.12
C18 REA M . -19.55 -21.13 20.37
C19 REA M . -18.00 -15.78 21.37
C20 REA M . -14.60 -21.37 23.59
O1 REA M . -10.29 -20.96 23.41
O2 REA M . -11.78 -22.03 24.60
C1 L05 N . -32.38 -5.61 -9.15
O2 L05 N . -31.74 -5.17 -7.93
C3 L05 N . -32.60 -4.84 -6.88
C4 L05 N . -32.75 -5.85 -5.89
C5 L05 N . -33.59 -5.62 -4.76
C6 L05 N . -34.31 -4.38 -4.61
N7 L05 N . -35.16 -4.08 -3.49
C8 L05 N . -35.11 -4.38 -2.12
C9 L05 N . -34.04 -4.55 -1.26
C10 L05 N . -34.57 -4.85 0.09
O11 L05 N . -33.89 -5.05 1.08
N12 L05 N . -35.94 -4.84 -0.01
C13 L05 N . -36.85 -5.08 1.12
C14 L05 N . -37.13 -3.82 1.95
C15 L05 N . -37.01 -3.85 3.37
C16 L05 N . -37.29 -2.68 4.15
C17 L05 N . -37.67 -1.47 3.52
C18 L05 N . -37.80 -1.42 2.10
C19 L05 N . -37.53 -2.59 1.33
C20 L05 N . -36.34 -4.57 -1.29
O21 L05 N . -37.49 -4.50 -1.69
C22 L05 N . -32.61 -4.46 -1.58
C23 L05 N . -32.06 -3.29 -2.20
C24 L05 N . -30.68 -3.23 -2.51
C25 L05 N . -29.83 -4.31 -2.21
C26 L05 N . -30.34 -5.48 -1.58
C27 L05 N . -31.73 -5.56 -1.27
C28 L05 N . -34.16 -3.39 -5.62
C29 L05 N . -33.31 -3.61 -6.75
C1 REA O . 35.57 13.92 -23.62
C2 REA O . 35.00 15.22 -24.29
C3 REA O . 35.96 16.37 -24.44
C4 REA O . 36.58 16.78 -23.15
C5 REA O . 37.04 15.60 -22.26
C6 REA O . 36.59 14.30 -22.45
C7 REA O . 36.98 13.11 -21.63
C8 REA O . 38.22 12.67 -21.37
C9 REA O . 38.65 11.52 -20.59
C10 REA O . 39.99 11.30 -20.47
C11 REA O . 41.05 12.11 -21.07
C12 REA O . 42.34 11.79 -20.82
C13 REA O . 43.48 12.52 -21.34
C14 REA O . 44.72 12.10 -20.95
C15 REA O . 46.07 12.63 -21.25
C16 REA O . 36.28 13.10 -24.71
C17 REA O . 34.37 13.09 -23.04
C18 REA O . 38.00 16.12 -21.21
C19 REA O . 37.63 10.60 -19.93
C20 REA O . 43.24 13.74 -22.28
O1 REA O . 46.98 12.44 -20.41
O2 REA O . 46.28 13.28 -22.32
C1 L05 P . 11.69 18.40 2.36
O2 L05 P . 12.48 17.44 1.64
C3 L05 P . 11.94 16.98 0.44
C4 L05 P . 12.58 17.47 -0.73
C5 L05 P . 12.14 17.08 -2.01
C6 L05 P . 11.03 16.17 -2.16
N7 L05 P . 10.54 15.72 -3.42
C8 L05 P . 11.15 15.44 -4.65
C9 L05 P . 12.39 14.93 -4.97
C10 L05 P . 12.48 14.85 -6.45
O11 L05 P . 13.45 14.44 -7.07
N12 L05 P . 11.31 15.32 -6.95
C13 L05 P . 11.03 15.39 -8.39
C14 L05 P . 10.60 14.05 -8.96
C15 L05 P . 11.41 13.37 -9.92
C16 L05 P . 11.00 12.11 -10.46
C17 L05 P . 9.78 11.52 -10.05
C18 L05 P . 8.96 12.17 -9.09
C19 L05 P . 9.36 13.44 -8.56
C20 L05 P . 10.46 15.70 -5.95
O21 L05 P . 9.33 16.15 -6.08
C22 L05 P . 13.47 14.51 -4.06
C23 L05 P . 13.21 13.58 -3.00
C24 L05 P . 14.26 13.18 -2.12
C25 L05 P . 15.57 13.69 -2.31
C26 L05 P . 15.83 14.60 -3.35
C27 L05 P . 14.79 15.01 -4.23
C28 L05 P . 10.40 15.69 -0.99
C29 L05 P . 10.84 16.08 0.31
#